data_9GGM
#
_entry.id   9GGM
#
_cell.length_a   1.00
_cell.length_b   1.00
_cell.length_c   1.00
_cell.angle_alpha   90.00
_cell.angle_beta   90.00
_cell.angle_gamma   90.00
#
_symmetry.space_group_name_H-M   'P 1'
#
loop_
_entity.id
_entity.type
_entity.pdbx_description
1 polymer 'Isoform 1 of Kelch repeat and BTB domain-containing protein 4'
2 polymer 'Histone deacetylase 2'
3 non-polymer 'ZINC ION'
#
loop_
_entity_poly.entity_id
_entity_poly.type
_entity_poly.pdbx_seq_one_letter_code
_entity_poly.pdbx_strand_id
1 'polypeptide(L)'
;MESPEEPGASMDENYFVNYTFKDRSHSGRVAQGIMKLCLEEELFADVTISVEGREFQLHRLVLSAQSCFFRSMFTSNLKE
AHNRVIVLQDVSESVFQLLVDYIYHGTVKLRAEELQEIYEVSDMYQLTSLFEECSRFLARTVQVGNCLQVMWLADRHSDP
ELYTAAKHCAKTHLAQLQNTEEFLHLPHRLLTDIISDGVPCSQNPTEAIEAWINFNKEEREAFAESLRTSLKEIGENVHI
YLIGKESSRTHSLAVSLHCAEDDSISVSGQNSLCHQITAACKHGGDLYVVGGSIPRPRRMWKCNNATVDWEWCAPLPRDR
LQHTLVSVPGKDAIYSLGGKTLQDTLSNAVIYYRVGDNVWTETTQLEVAVSGAAGANLNGIIYLLGGEENDLDFFTKPSR
LIQCFDTETDKCHVKPYVLPFAGRMHAAVHKDLVFIVAEGDSLVCYNPLLDSFTRLCLPEAWSSAPSLWKIASCNGSIYV
FRDRYKKGDANTYKLDPATSAVTVTRGIKVLLTNLQFVLA
;
A,C
2 'polypeptide(L)'
;MAYSQGGGKKKVCYYYDGDIGNYYYGQGHPMKPHRIRMTHNLLLNYGLYRKMEIYRPHKATAEEMTKYHSDEYIKFLRSI
RPDNMSEYSKQMQRFNVGEDCPVFDGLFEFCQLSTGGSVAGAVKLNRQQTDMAVNWAGGLHHAKKSEASGFCYVNDIVLA
ILELLKYHQRVLYIDIDIHHGDGVEEAFYTTDRVMTVSFHKYGEYFPGTGDLRDIGAGKGKYYAVNFPMRDGIDDESYGQ
IFKPIISKVMEMYQPSAVVLQCGADSLSGDRLGCFNLTVKGHAKCVEVVKTFNLPLLMLGGGGYTIRNVARCWTYETAVA
LDCEIPNELPYNDYFEYFGPDFKLHISPSNMTNQNTPEYMEKIKQRLFENLRMLPHAPGVQMQAIPEDAVHEDSGDEDGE
DPDKRISIRASDKRIACDEEFSDSEDEGEGGRRNVADHKKGAKKARIEEDKKETEDKKTDVKEEDKSKDNSGEKTDTKGT
KSEQLSNP
;
D,B
#
loop_
_chem_comp.id
_chem_comp.type
_chem_comp.name
_chem_comp.formula
ZN non-polymer 'ZINC ION' 'Zn 2'
#
# COMPACT_ATOMS: atom_id res chain seq x y z
N PHE A 16 -12.63 -1.00 -37.69
CA PHE A 16 -13.52 -0.47 -38.72
C PHE A 16 -13.83 -1.50 -39.80
N VAL A 17 -13.07 -2.59 -39.84
CA VAL A 17 -13.24 -3.62 -40.84
C VAL A 17 -13.52 -4.99 -40.22
N ASN A 18 -12.76 -5.37 -39.19
CA ASN A 18 -12.90 -6.70 -38.61
C ASN A 18 -12.65 -6.67 -37.11
N TYR A 19 -13.53 -7.31 -36.34
CA TYR A 19 -13.40 -7.44 -34.89
C TYR A 19 -14.36 -8.54 -34.48
N THR A 20 -14.05 -9.23 -33.39
CA THR A 20 -14.96 -10.22 -32.84
C THR A 20 -15.78 -9.61 -31.70
N PHE A 21 -17.10 -9.83 -31.75
CA PHE A 21 -18.05 -9.33 -30.78
C PHE A 21 -18.52 -10.49 -29.91
N LYS A 22 -18.12 -10.47 -28.64
CA LYS A 22 -18.52 -11.44 -27.63
C LYS A 22 -19.40 -10.75 -26.60
N ASP A 23 -20.68 -11.12 -26.55
CA ASP A 23 -21.62 -10.52 -25.62
C ASP A 23 -21.62 -11.32 -24.33
N ARG A 24 -21.01 -10.78 -23.29
CA ARG A 24 -20.93 -11.50 -22.02
C ARG A 24 -22.29 -11.71 -21.38
N SER A 25 -23.32 -11.00 -21.84
CA SER A 25 -24.65 -11.07 -21.27
C SER A 25 -25.57 -12.00 -22.05
N HIS A 26 -25.06 -12.69 -23.06
CA HIS A 26 -25.90 -13.61 -23.83
C HIS A 26 -26.48 -14.71 -22.95
N SER A 27 -25.62 -15.33 -22.13
CA SER A 27 -26.07 -16.41 -21.26
C SER A 27 -27.11 -15.92 -20.26
N GLY A 28 -26.87 -14.75 -19.65
CA GLY A 28 -27.84 -14.22 -18.71
C GLY A 28 -29.19 -13.94 -19.36
N ARG A 29 -29.15 -13.30 -20.54
CA ARG A 29 -30.40 -12.98 -21.24
C ARG A 29 -31.16 -14.25 -21.60
N VAL A 30 -30.47 -15.23 -22.17
CA VAL A 30 -31.15 -16.44 -22.60
C VAL A 30 -31.70 -17.21 -21.40
N ALA A 31 -30.94 -17.27 -20.30
CA ALA A 31 -31.41 -17.97 -19.10
C ALA A 31 -32.64 -17.29 -18.52
N GLN A 32 -32.60 -15.96 -18.39
CA GLN A 32 -33.75 -15.25 -17.85
C GLN A 32 -34.98 -15.43 -18.74
N GLY A 33 -34.80 -15.33 -20.06
CA GLY A 33 -35.92 -15.52 -20.96
C GLY A 33 -36.50 -16.91 -20.94
N ILE A 34 -35.65 -17.95 -20.91
CA ILE A 34 -36.18 -19.30 -20.83
C ILE A 34 -36.94 -19.49 -19.53
N MET A 35 -36.38 -19.02 -18.41
CA MET A 35 -37.08 -19.09 -17.13
C MET A 35 -38.46 -18.46 -17.24
N LYS A 36 -38.52 -17.22 -17.72
CA LYS A 36 -39.78 -16.48 -17.77
C LYS A 36 -40.80 -17.19 -18.65
N LEU A 37 -40.41 -17.51 -19.90
CA LEU A 37 -41.37 -18.09 -20.82
C LEU A 37 -41.84 -19.48 -20.35
N CYS A 38 -40.91 -20.32 -19.87
CA CYS A 38 -41.30 -21.64 -19.44
C CYS A 38 -42.21 -21.59 -18.22
N LEU A 39 -41.84 -20.80 -17.20
CA LEU A 39 -42.66 -20.73 -16.00
C LEU A 39 -44.03 -20.12 -16.27
N GLU A 40 -44.09 -19.07 -17.10
CA GLU A 40 -45.35 -18.38 -17.35
C GLU A 40 -46.19 -18.98 -18.47
N GLU A 41 -45.70 -19.99 -19.17
CA GLU A 41 -46.48 -20.61 -20.23
C GLU A 41 -47.18 -21.87 -19.72
N ARG A 60 -37.60 -29.55 -23.03
CA ARG A 60 -36.58 -30.59 -23.07
C ARG A 60 -35.17 -29.99 -23.09
N LEU A 61 -35.04 -28.83 -23.74
CA LEU A 61 -33.73 -28.20 -23.86
C LEU A 61 -33.17 -27.80 -22.50
N VAL A 62 -34.04 -27.27 -21.62
CA VAL A 62 -33.58 -26.79 -20.32
C VAL A 62 -33.00 -27.95 -19.50
N LEU A 63 -33.70 -29.08 -19.49
CA LEU A 63 -33.21 -30.22 -18.72
C LEU A 63 -32.01 -30.87 -19.39
N SER A 64 -32.07 -31.05 -20.71
CA SER A 64 -30.96 -31.69 -21.42
C SER A 64 -29.68 -30.87 -21.32
N ALA A 65 -29.80 -29.56 -21.13
CA ALA A 65 -28.63 -28.71 -20.98
C ALA A 65 -28.00 -28.79 -19.60
N GLN A 66 -28.65 -29.45 -18.65
CA GLN A 66 -28.12 -29.62 -17.30
C GLN A 66 -27.83 -31.07 -16.94
N SER A 67 -28.61 -32.02 -17.46
CA SER A 67 -28.51 -33.42 -17.10
C SER A 67 -28.28 -34.28 -18.34
N CYS A 68 -27.26 -35.12 -18.28
CA CYS A 68 -26.96 -36.03 -19.38
C CYS A 68 -28.02 -37.12 -19.53
N PHE A 69 -28.54 -37.64 -18.42
CA PHE A 69 -29.52 -38.72 -18.50
C PHE A 69 -30.82 -38.27 -19.15
N PHE A 70 -31.31 -37.07 -18.80
CA PHE A 70 -32.50 -36.54 -19.48
C PHE A 70 -32.21 -36.37 -20.97
N ARG A 71 -31.01 -35.90 -21.31
CA ARG A 71 -30.62 -35.79 -22.71
C ARG A 71 -30.70 -37.13 -23.40
N SER A 72 -30.24 -38.19 -22.73
CA SER A 72 -30.28 -39.52 -23.32
C SER A 72 -31.72 -39.97 -23.55
N MET A 73 -32.59 -39.76 -22.56
CA MET A 73 -33.97 -40.22 -22.73
C MET A 73 -34.78 -39.28 -23.62
N PHE A 74 -34.51 -37.98 -23.57
CA PHE A 74 -35.23 -37.03 -24.43
C PHE A 74 -34.80 -37.20 -25.88
N GLN A 89 -40.76 -42.61 -11.19
CA GLN A 89 -41.06 -43.72 -10.30
C GLN A 89 -40.25 -43.64 -9.01
N ASP A 90 -38.92 -43.59 -9.16
CA ASP A 90 -38.04 -43.52 -7.99
C ASP A 90 -38.26 -42.22 -7.22
N VAL A 91 -38.42 -41.12 -7.93
CA VAL A 91 -38.57 -39.81 -7.31
C VAL A 91 -40.04 -39.55 -7.01
N SER A 92 -40.29 -38.79 -5.95
CA SER A 92 -41.64 -38.41 -5.56
C SER A 92 -42.04 -37.10 -6.22
N GLU A 93 -43.35 -36.85 -6.23
CA GLU A 93 -43.86 -35.62 -6.82
C GLU A 93 -43.33 -34.38 -6.10
N SER A 94 -43.31 -34.42 -4.76
CA SER A 94 -42.78 -33.29 -4.00
C SER A 94 -41.31 -33.07 -4.30
N VAL A 95 -40.54 -34.15 -4.38
CA VAL A 95 -39.11 -34.02 -4.69
C VAL A 95 -38.92 -33.61 -6.14
N PHE A 96 -39.75 -34.14 -7.05
CA PHE A 96 -39.64 -33.76 -8.46
C PHE A 96 -39.99 -32.29 -8.67
N GLN A 97 -40.82 -31.70 -7.79
CA GLN A 97 -41.07 -30.27 -7.88
C GLN A 97 -39.80 -29.48 -7.67
N LEU A 98 -39.02 -29.82 -6.63
CA LEU A 98 -37.75 -29.14 -6.43
C LEU A 98 -36.76 -29.49 -7.55
N LEU A 99 -36.86 -30.71 -8.09
CA LEU A 99 -36.01 -31.09 -9.22
C LEU A 99 -36.25 -30.17 -10.42
N VAL A 100 -37.51 -29.97 -10.79
CA VAL A 100 -37.81 -29.10 -11.93
C VAL A 100 -37.48 -27.64 -11.59
N ASP A 101 -37.66 -27.24 -10.32
CA ASP A 101 -37.26 -25.90 -9.92
C ASP A 101 -35.77 -25.70 -10.12
N TYR A 102 -34.98 -26.74 -9.86
CA TYR A 102 -33.54 -26.66 -10.11
C TYR A 102 -33.24 -26.68 -11.60
N ILE A 103 -34.03 -27.44 -12.37
CA ILE A 103 -33.80 -27.51 -13.81
C ILE A 103 -34.01 -26.15 -14.46
N TYR A 104 -35.14 -25.50 -14.15
CA TYR A 104 -35.48 -24.25 -14.81
C TYR A 104 -34.95 -23.01 -14.08
N HIS A 105 -35.17 -22.92 -12.78
CA HIS A 105 -34.84 -21.71 -12.03
C HIS A 105 -33.55 -21.83 -11.22
N GLY A 106 -33.18 -23.03 -10.80
CA GLY A 106 -32.01 -23.21 -9.97
C GLY A 106 -32.14 -22.71 -8.55
N THR A 107 -33.37 -22.61 -8.04
CA THR A 107 -33.64 -22.14 -6.68
C THR A 107 -33.95 -23.37 -5.83
N VAL A 108 -33.06 -23.70 -4.90
CA VAL A 108 -33.15 -24.92 -4.11
C VAL A 108 -33.02 -24.57 -2.64
N LYS A 109 -34.09 -24.78 -1.88
CA LYS A 109 -34.01 -24.83 -0.44
C LYS A 109 -34.46 -26.20 0.03
N LEU A 110 -33.82 -26.68 1.09
CA LEU A 110 -34.10 -27.99 1.65
C LEU A 110 -34.62 -27.90 3.07
N ARG A 111 -35.43 -28.90 3.43
CA ARG A 111 -35.76 -29.21 4.81
C ARG A 111 -35.15 -30.58 5.13
N ALA A 112 -34.78 -30.76 6.40
CA ALA A 112 -33.88 -31.85 6.77
C ALA A 112 -34.38 -33.23 6.35
N GLU A 113 -35.69 -33.40 6.19
CA GLU A 113 -36.28 -34.72 5.99
C GLU A 113 -36.23 -35.22 4.55
N GLU A 114 -35.70 -34.47 3.59
CA GLU A 114 -35.73 -34.89 2.20
C GLU A 114 -34.36 -35.22 1.61
N LEU A 115 -33.28 -35.00 2.37
CA LEU A 115 -31.92 -35.22 1.84
C LEU A 115 -31.81 -36.55 1.11
N GLN A 116 -32.35 -37.62 1.71
CA GLN A 116 -32.36 -38.94 1.10
C GLN A 116 -32.68 -38.85 -0.39
N GLU A 117 -33.89 -38.38 -0.71
CA GLU A 117 -34.26 -38.30 -2.12
C GLU A 117 -33.40 -37.28 -2.85
N ILE A 118 -33.17 -36.12 -2.23
CA ILE A 118 -32.32 -35.10 -2.82
C ILE A 118 -30.95 -35.68 -3.14
N TYR A 119 -30.57 -36.77 -2.48
CA TYR A 119 -29.37 -37.49 -2.88
C TYR A 119 -29.67 -38.42 -4.04
N GLU A 120 -30.56 -39.40 -3.79
CA GLU A 120 -30.81 -40.48 -4.75
C GLU A 120 -31.13 -39.94 -6.14
N VAL A 121 -32.19 -39.14 -6.24
CA VAL A 121 -32.60 -38.59 -7.52
C VAL A 121 -31.44 -37.82 -8.14
N SER A 122 -30.78 -36.98 -7.35
CA SER A 122 -29.72 -36.15 -7.90
C SER A 122 -28.51 -36.96 -8.33
N ASP A 123 -28.42 -38.24 -7.96
CA ASP A 123 -27.39 -39.11 -8.49
C ASP A 123 -27.88 -39.98 -9.63
N MET A 124 -29.18 -40.15 -9.79
CA MET A 124 -29.76 -40.98 -10.84
C MET A 124 -30.21 -40.16 -12.04
N TYR A 125 -30.96 -39.08 -11.79
CA TYR A 125 -31.46 -38.24 -12.88
C TYR A 125 -30.35 -37.44 -13.55
N GLN A 126 -29.33 -37.03 -12.79
CA GLN A 126 -28.35 -36.10 -13.33
C GLN A 126 -27.05 -36.21 -12.53
N LEU A 127 -26.01 -35.60 -13.08
CA LEU A 127 -24.73 -35.45 -12.39
C LEU A 127 -24.47 -33.98 -12.06
N THR A 128 -25.54 -33.22 -11.84
CA THR A 128 -25.46 -31.79 -11.65
C THR A 128 -24.77 -31.43 -10.34
N SER A 129 -24.57 -30.13 -10.12
CA SER A 129 -24.05 -29.64 -8.85
C SER A 129 -25.03 -29.87 -7.71
N LEU A 130 -26.29 -30.21 -8.01
CA LEU A 130 -27.25 -30.55 -6.98
C LEU A 130 -26.79 -31.78 -6.21
N PHE A 131 -26.31 -32.80 -6.92
CA PHE A 131 -25.81 -34.01 -6.27
C PHE A 131 -24.62 -33.68 -5.38
N GLU A 132 -23.69 -32.87 -5.88
CA GLU A 132 -22.54 -32.49 -5.08
C GLU A 132 -22.96 -31.75 -3.81
N GLU A 133 -23.91 -30.82 -3.94
CA GLU A 133 -24.35 -30.07 -2.77
C GLU A 133 -25.08 -30.96 -1.77
N CYS A 134 -25.96 -31.82 -2.24
CA CYS A 134 -26.69 -32.70 -1.33
C CYS A 134 -25.74 -33.66 -0.63
N SER A 135 -24.77 -34.23 -1.35
CA SER A 135 -23.81 -35.13 -0.73
C SER A 135 -22.93 -34.41 0.28
N ARG A 136 -22.46 -33.20 -0.06
CA ARG A 136 -21.69 -32.42 0.91
C ARG A 136 -22.50 -32.11 2.15
N PHE A 137 -23.78 -31.79 1.98
CA PHE A 137 -24.66 -31.51 3.12
C PHE A 137 -24.86 -32.75 3.97
N LEU A 138 -25.04 -33.91 3.34
CA LEU A 138 -25.17 -35.15 4.09
C LEU A 138 -23.88 -35.46 4.85
N ALA A 139 -22.73 -35.17 4.25
CA ALA A 139 -21.44 -35.37 4.89
C ALA A 139 -21.34 -34.64 6.22
N GLY A 145 -24.99 -42.57 14.89
CA GLY A 145 -26.42 -42.81 14.81
C GLY A 145 -26.89 -43.11 13.41
N ASN A 146 -26.49 -42.26 12.45
CA ASN A 146 -26.84 -42.43 11.05
C ASN A 146 -25.66 -42.82 10.18
N CYS A 147 -24.47 -42.99 10.77
CA CYS A 147 -23.29 -43.31 9.99
C CYS A 147 -23.44 -44.65 9.27
N LEU A 148 -24.00 -45.65 9.95
CA LEU A 148 -24.08 -46.99 9.37
C LEU A 148 -24.94 -47.03 8.12
N GLN A 149 -25.89 -46.09 7.98
CA GLN A 149 -26.76 -46.05 6.82
C GLN A 149 -26.15 -45.21 5.70
N VAL A 150 -25.53 -44.09 6.05
CA VAL A 150 -24.87 -43.24 5.07
C VAL A 150 -23.67 -43.96 4.45
N MET A 151 -23.00 -44.84 5.20
CA MET A 151 -21.97 -45.70 4.62
C MET A 151 -22.54 -46.50 3.45
N TRP A 152 -23.66 -47.19 3.69
CA TRP A 152 -24.26 -48.00 2.64
C TRP A 152 -24.73 -47.15 1.48
N LEU A 153 -25.30 -45.98 1.76
CA LEU A 153 -25.74 -45.09 0.69
C LEU A 153 -24.58 -44.64 -0.19
N ALA A 154 -23.49 -44.19 0.44
CA ALA A 154 -22.31 -43.76 -0.31
C ALA A 154 -21.71 -44.91 -1.09
N ASP A 155 -21.64 -46.11 -0.50
CA ASP A 155 -21.11 -47.26 -1.21
C ASP A 155 -21.96 -47.61 -2.42
N ARG A 156 -23.29 -47.56 -2.27
CA ARG A 156 -24.16 -47.94 -3.36
C ARG A 156 -24.18 -46.89 -4.47
N HIS A 157 -23.94 -45.62 -4.13
CA HIS A 157 -23.96 -44.56 -5.12
C HIS A 157 -22.57 -44.06 -5.49
N SER A 158 -21.51 -44.74 -5.05
CA SER A 158 -20.14 -44.47 -5.49
C SER A 158 -19.76 -43.00 -5.28
N ASP A 159 -19.81 -42.57 -4.03
CA ASP A 159 -19.41 -41.21 -3.67
C ASP A 159 -18.12 -41.26 -2.87
N PRO A 160 -16.97 -40.93 -3.46
CA PRO A 160 -15.70 -40.98 -2.73
C PRO A 160 -15.48 -39.83 -1.74
N GLU A 161 -16.47 -38.98 -1.52
CA GLU A 161 -16.37 -37.90 -0.54
C GLU A 161 -17.26 -38.10 0.67
N LEU A 162 -18.50 -38.52 0.46
CA LEU A 162 -19.37 -38.89 1.58
C LEU A 162 -18.85 -40.14 2.29
N TYR A 163 -18.25 -41.05 1.52
CA TYR A 163 -17.77 -42.31 2.09
C TYR A 163 -16.70 -42.08 3.16
N THR A 164 -15.74 -41.18 2.90
CA THR A 164 -14.68 -40.96 3.89
C THR A 164 -15.21 -40.26 5.14
N ALA A 165 -16.11 -39.29 4.96
CA ALA A 165 -16.71 -38.63 6.13
C ALA A 165 -17.48 -39.62 6.97
N ALA A 166 -18.19 -40.53 6.31
CA ALA A 166 -18.95 -41.54 7.04
C ALA A 166 -18.03 -42.54 7.72
N LYS A 167 -16.93 -42.92 7.05
CA LYS A 167 -15.99 -43.84 7.68
C LYS A 167 -15.35 -43.21 8.90
N HIS A 168 -15.04 -41.91 8.81
CA HIS A 168 -14.52 -41.17 9.96
C HIS A 168 -15.51 -41.22 11.12
N CYS A 169 -16.78 -40.91 10.85
CA CYS A 169 -17.77 -40.93 11.92
C CYS A 169 -17.94 -42.32 12.51
N ALA A 170 -18.01 -43.34 11.65
CA ALA A 170 -18.20 -44.71 12.12
C ALA A 170 -17.02 -45.19 12.96
N LYS A 171 -15.80 -44.88 12.53
CA LYS A 171 -14.61 -45.26 13.28
C LYS A 171 -14.54 -44.54 14.61
N THR A 172 -14.88 -43.25 14.64
CA THR A 172 -14.82 -42.51 15.90
C THR A 172 -15.83 -43.08 16.91
N HIS A 173 -17.02 -43.47 16.44
CA HIS A 173 -18.08 -43.97 17.30
C HIS A 173 -18.22 -45.49 17.23
N LEU A 174 -17.13 -46.21 16.94
CA LEU A 174 -17.20 -47.66 16.86
C LEU A 174 -17.52 -48.28 18.22
N ALA A 175 -16.98 -47.72 19.30
CA ALA A 175 -17.28 -48.21 20.64
C ALA A 175 -18.77 -48.07 20.96
N GLN A 176 -19.36 -46.92 20.60
CA GLN A 176 -20.77 -46.69 20.91
C GLN A 176 -21.71 -47.50 20.03
N LEU A 177 -21.23 -48.00 18.89
CA LEU A 177 -22.04 -48.80 17.98
C LEU A 177 -21.60 -50.26 17.93
N GLN A 178 -20.82 -50.70 18.92
CA GLN A 178 -20.35 -52.08 18.96
C GLN A 178 -21.51 -53.06 19.15
N HIS A 188 -19.70 -55.88 5.28
CA HIS A 188 -18.55 -56.76 5.42
C HIS A 188 -17.27 -56.01 5.04
N ARG A 189 -17.14 -55.67 3.76
CA ARG A 189 -16.00 -54.88 3.32
C ARG A 189 -15.96 -53.51 4.00
N LEU A 190 -17.12 -52.95 4.32
CA LEU A 190 -17.15 -51.67 5.03
C LEU A 190 -16.51 -51.81 6.41
N LEU A 191 -16.75 -52.95 7.08
CA LEU A 191 -16.13 -53.16 8.39
C LEU A 191 -14.61 -53.21 8.28
N THR A 192 -14.11 -53.88 7.23
CA THR A 192 -12.66 -53.90 7.01
C THR A 192 -12.12 -52.51 6.74
N ASP A 193 -12.87 -51.70 5.98
CA ASP A 193 -12.42 -50.32 5.75
C ASP A 193 -12.36 -49.51 7.04
N ILE A 194 -13.38 -49.65 7.90
CA ILE A 194 -13.34 -48.98 9.21
C ILE A 194 -12.12 -49.42 9.99
N ILE A 195 -11.88 -50.73 10.07
CA ILE A 195 -10.77 -51.25 10.85
C ILE A 195 -9.44 -50.74 10.30
N SER A 196 -9.30 -50.76 8.97
CA SER A 196 -8.05 -50.33 8.35
C SER A 196 -7.80 -48.85 8.57
N ASP A 197 -8.87 -48.04 8.55
CA ASP A 197 -8.70 -46.60 8.74
C ASP A 197 -8.09 -46.29 10.10
N GLY A 198 -8.55 -46.97 11.15
CA GLY A 198 -8.03 -46.80 12.49
C GLY A 198 -9.16 -46.78 13.49
N VAL A 199 -8.82 -46.38 14.71
CA VAL A 199 -9.78 -46.27 15.82
C VAL A 199 -9.25 -45.25 16.82
N GLN A 203 -12.91 -47.01 22.18
CA GLN A 203 -11.64 -47.44 21.59
C GLN A 203 -11.37 -48.91 21.89
N ASN A 204 -12.18 -49.79 21.33
CA ASN A 204 -12.05 -51.23 21.52
C ASN A 204 -12.10 -51.93 20.16
N PRO A 205 -11.03 -51.81 19.37
CA PRO A 205 -11.04 -52.48 18.05
C PRO A 205 -11.15 -53.99 18.14
N THR A 206 -10.33 -54.63 18.97
CA THR A 206 -10.38 -56.08 19.09
C THR A 206 -11.71 -56.56 19.63
N GLU A 207 -12.26 -55.85 20.63
CA GLU A 207 -13.56 -56.24 21.18
C GLU A 207 -14.65 -56.14 20.13
N ALA A 208 -14.64 -55.07 19.33
CA ALA A 208 -15.64 -54.93 18.27
C ALA A 208 -15.47 -56.02 17.23
N ILE A 209 -14.22 -56.35 16.88
CA ILE A 209 -13.97 -57.41 15.90
C ILE A 209 -14.52 -58.74 16.41
N GLU A 210 -14.26 -59.06 17.67
CA GLU A 210 -14.80 -60.28 18.26
C GLU A 210 -16.33 -60.24 18.30
N ALA A 211 -16.91 -59.10 18.65
CA ALA A 211 -18.35 -58.95 18.70
C ALA A 211 -18.96 -59.03 17.30
N LEU A 227 -7.80 -60.18 8.26
CA LEU A 227 -8.65 -60.14 9.44
C LEU A 227 -7.95 -59.41 10.59
N ARG A 228 -7.16 -60.16 11.37
CA ARG A 228 -6.44 -59.57 12.48
C ARG A 228 -5.43 -58.52 12.00
N THR A 229 -4.72 -58.82 10.91
CA THR A 229 -3.74 -57.87 10.38
C THR A 229 -4.39 -56.62 9.81
N SER A 230 -5.67 -56.68 9.46
CA SER A 230 -6.39 -55.52 8.93
C SER A 230 -6.94 -54.67 10.07
N LEU A 231 -6.04 -54.21 10.92
CA LEU A 231 -6.40 -53.40 12.07
C LEU A 231 -5.28 -52.39 12.33
N LYS A 232 -5.65 -51.27 12.94
CA LYS A 232 -4.70 -50.23 13.27
C LYS A 232 -5.17 -49.49 14.51
N GLU A 233 -4.24 -48.77 15.13
CA GLU A 233 -4.53 -48.03 16.34
C GLU A 233 -3.73 -46.74 16.35
N ILE A 234 -4.32 -45.70 16.95
CA ILE A 234 -3.67 -44.40 17.06
C ILE A 234 -3.71 -43.95 18.52
N GLY A 235 -3.83 -44.91 19.43
CA GLY A 235 -3.90 -44.59 20.83
C GLY A 235 -5.15 -43.77 21.13
N GLU A 236 -4.94 -42.57 21.68
CA GLU A 236 -6.05 -41.65 21.99
C GLU A 236 -5.62 -40.26 21.53
N ASN A 237 -5.96 -39.93 20.29
CA ASN A 237 -5.68 -38.60 19.77
C ASN A 237 -6.57 -37.57 20.43
N VAL A 238 -6.00 -36.39 20.71
CA VAL A 238 -6.75 -35.34 21.37
C VAL A 238 -7.80 -34.79 20.43
N HIS A 239 -9.05 -34.77 20.88
CA HIS A 239 -10.13 -34.29 20.02
C HIS A 239 -10.08 -32.77 19.86
N ILE A 240 -9.87 -32.03 20.95
CA ILE A 240 -9.90 -30.58 20.91
C ILE A 240 -8.88 -30.05 21.91
N TYR A 241 -8.16 -29.00 21.52
CA TYR A 241 -7.26 -28.30 22.42
C TYR A 241 -7.85 -26.94 22.79
N LEU A 242 -7.25 -26.32 23.80
CA LEU A 242 -7.72 -25.01 24.24
C LEU A 242 -6.65 -24.36 25.11
N ILE A 243 -6.30 -23.13 24.76
CA ILE A 243 -5.34 -22.35 25.53
C ILE A 243 -6.13 -21.42 26.46
N GLY A 244 -5.79 -21.45 27.74
CA GLY A 244 -6.43 -20.65 28.75
C GLY A 244 -5.45 -19.93 29.64
N LYS A 245 -5.92 -19.53 30.83
CA LYS A 245 -5.09 -18.86 31.84
C LYS A 245 -5.60 -19.24 33.21
N SER A 252 -1.50 -19.64 31.49
CA SER A 252 -0.99 -19.69 30.13
C SER A 252 -0.97 -21.12 29.60
N LEU A 253 -1.16 -22.08 30.49
CA LEU A 253 -1.09 -23.49 30.13
C LEU A 253 -2.22 -23.87 29.18
N ALA A 254 -1.93 -24.80 28.28
CA ALA A 254 -2.88 -25.31 27.30
C ALA A 254 -3.38 -26.68 27.72
N VAL A 255 -4.70 -26.85 27.79
CA VAL A 255 -5.31 -28.10 28.22
C VAL A 255 -5.73 -28.91 27.01
N SER A 256 -5.33 -30.17 26.97
CA SER A 256 -5.68 -31.09 25.89
C SER A 256 -6.99 -31.81 26.21
N LEU A 257 -8.10 -31.11 25.97
CA LEU A 257 -9.42 -31.67 26.23
C LEU A 257 -9.66 -32.91 25.37
N HIS A 258 -10.29 -33.92 25.97
CA HIS A 258 -10.55 -35.19 25.30
C HIS A 258 -12.06 -35.45 25.30
N CYS A 259 -12.60 -35.80 24.14
CA CYS A 259 -14.03 -36.06 24.01
C CYS A 259 -14.28 -37.55 24.07
N ALA A 260 -15.16 -37.96 24.98
CA ALA A 260 -15.55 -39.36 25.16
C ALA A 260 -17.06 -39.48 25.04
N GLU A 261 -17.51 -40.44 24.24
CA GLU A 261 -18.94 -40.65 24.05
C GLU A 261 -19.47 -41.73 25.00
N SER A 264 -20.16 -35.84 26.60
CA SER A 264 -19.42 -35.43 27.79
C SER A 264 -18.00 -35.00 27.43
N ILE A 265 -17.28 -34.45 28.41
CA ILE A 265 -15.93 -33.94 28.22
C ILE A 265 -15.02 -34.55 29.26
N SER A 266 -13.75 -34.68 28.93
CA SER A 266 -12.74 -35.21 29.84
C SER A 266 -11.49 -34.35 29.73
N VAL A 267 -10.66 -34.40 30.77
CA VAL A 267 -9.42 -33.63 30.82
C VAL A 267 -8.31 -34.64 31.05
N SER A 268 -7.72 -35.12 29.95
CA SER A 268 -6.57 -36.02 29.97
C SER A 268 -5.44 -35.35 29.21
N GLY A 269 -4.50 -34.78 29.94
CA GLY A 269 -3.39 -34.07 29.33
C GLY A 269 -3.31 -32.62 29.77
N GLN A 270 -2.09 -32.15 30.03
CA GLN A 270 -1.88 -30.78 30.48
C GLN A 270 -0.40 -30.44 30.33
N ASN A 271 -0.14 -29.22 29.87
CA ASN A 271 1.23 -28.78 29.66
C ASN A 271 1.26 -27.25 29.67
N SER A 272 2.19 -26.69 30.42
CA SER A 272 2.31 -25.25 30.52
C SER A 272 3.27 -24.70 29.47
N LEU A 273 3.12 -23.42 29.16
CA LEU A 273 3.99 -22.73 28.23
C LEU A 273 4.54 -21.48 28.89
N CYS A 274 5.79 -21.16 28.59
CA CYS A 274 6.42 -19.94 29.06
C CYS A 274 6.31 -18.80 28.04
N HIS A 275 5.60 -19.01 26.96
CA HIS A 275 5.55 -18.07 25.85
C HIS A 275 4.13 -17.56 25.64
N GLN A 276 4.03 -16.33 25.14
CA GLN A 276 2.77 -15.79 24.69
C GLN A 276 2.40 -16.38 23.33
N ILE A 277 1.12 -16.70 23.16
CA ILE A 277 0.65 -17.39 21.96
C ILE A 277 -0.11 -16.38 21.11
N THR A 278 0.47 -16.03 19.97
CA THR A 278 -0.23 -15.18 19.01
C THR A 278 -1.27 -15.98 18.23
N ALA A 279 -0.95 -17.23 17.88
CA ALA A 279 -1.88 -18.07 17.14
C ALA A 279 -1.58 -19.53 17.42
N ALA A 280 -2.56 -20.38 17.15
CA ALA A 280 -2.41 -21.81 17.38
C ALA A 280 -3.24 -22.57 16.35
N CYS A 281 -2.72 -23.74 15.98
CA CYS A 281 -3.43 -24.55 14.97
C CYS A 281 -3.22 -26.02 15.28
N LYS A 282 -4.13 -26.61 16.02
CA LYS A 282 -4.01 -28.05 16.26
C LYS A 282 -4.05 -28.74 14.89
N HIS A 283 -2.94 -29.35 14.47
CA HIS A 283 -2.79 -30.01 13.16
C HIS A 283 -2.72 -31.53 13.30
N GLY A 284 -3.66 -32.24 12.70
CA GLY A 284 -3.66 -33.71 12.66
C GLY A 284 -3.46 -34.35 14.02
N GLY A 285 -4.12 -33.86 15.07
CA GLY A 285 -3.93 -34.43 16.40
C GLY A 285 -2.71 -33.89 17.12
N ASP A 286 -2.01 -32.92 16.54
CA ASP A 286 -0.84 -32.33 17.22
C ASP A 286 -1.08 -30.82 17.33
N LEU A 287 -0.52 -30.17 18.34
CA LEU A 287 -0.67 -28.75 18.63
C LEU A 287 0.54 -27.98 18.11
N TYR A 288 0.29 -26.98 17.26
CA TYR A 288 1.30 -26.04 16.81
C TYR A 288 0.92 -24.67 17.36
N VAL A 289 1.90 -23.97 17.95
CA VAL A 289 1.66 -22.65 18.54
C VAL A 289 2.73 -21.68 18.05
N VAL A 290 2.30 -20.53 17.54
CA VAL A 290 3.21 -19.50 17.05
C VAL A 290 3.04 -18.25 17.89
N GLY A 291 4.17 -17.67 18.30
CA GLY A 291 4.18 -16.48 19.11
C GLY A 291 5.56 -16.05 19.57
N GLY A 292 5.65 -15.75 20.86
CA GLY A 292 6.83 -15.20 21.51
C GLY A 292 6.67 -13.71 21.78
N SER A 293 7.78 -12.97 21.80
CA SER A 293 7.71 -11.54 22.04
C SER A 293 6.98 -10.85 20.89
N ILE A 294 6.32 -9.73 21.20
CA ILE A 294 5.47 -9.10 20.20
C ILE A 294 6.26 -8.45 19.05
N PRO A 295 7.52 -7.96 19.22
CA PRO A 295 8.20 -7.41 18.05
C PRO A 295 8.74 -8.49 17.13
N ARG A 296 8.99 -9.67 17.67
CA ARG A 296 9.44 -10.84 16.92
C ARG A 296 8.55 -12.02 17.27
N PRO A 297 7.27 -12.00 16.84
CA PRO A 297 6.34 -13.10 17.13
C PRO A 297 6.41 -14.22 16.09
N ARG A 298 7.61 -14.75 15.86
CA ARG A 298 7.83 -15.80 14.89
C ARG A 298 8.06 -17.17 15.52
N ARG A 299 8.47 -17.23 16.78
CA ARG A 299 8.81 -18.51 17.37
C ARG A 299 7.64 -19.49 17.24
N MET A 300 7.94 -20.71 16.82
CA MET A 300 6.89 -21.70 16.68
C MET A 300 7.29 -22.97 17.43
N TRP A 301 6.32 -23.56 18.10
CA TRP A 301 6.53 -24.74 18.93
C TRP A 301 5.49 -25.81 18.65
N LYS A 302 5.94 -27.05 18.84
CA LYS A 302 5.21 -28.29 18.67
C LYS A 302 5.30 -28.97 20.04
N CYS A 303 4.37 -28.60 20.92
CA CYS A 303 4.35 -29.07 22.30
C CYS A 303 3.31 -30.17 22.43
N ASN A 304 3.77 -31.41 22.55
CA ASN A 304 2.87 -32.54 22.68
C ASN A 304 3.49 -33.64 23.55
N VAL A 308 7.53 -35.19 26.08
CA VAL A 308 8.34 -33.97 26.13
C VAL A 308 7.83 -32.97 25.11
N ASP A 309 7.40 -31.80 25.60
CA ASP A 309 6.87 -30.74 24.77
C ASP A 309 8.00 -29.80 24.36
N TRP A 310 7.64 -28.65 23.77
CA TRP A 310 8.60 -27.60 23.40
C TRP A 310 9.47 -27.98 22.21
N GLU A 311 8.96 -28.77 21.26
CA GLU A 311 9.74 -29.10 20.07
C GLU A 311 9.74 -27.90 19.13
N TRP A 312 10.93 -27.38 18.81
CA TRP A 312 11.00 -26.15 18.02
C TRP A 312 10.76 -26.43 16.54
N CYS A 313 10.12 -25.47 15.86
CA CYS A 313 9.83 -25.60 14.44
C CYS A 313 10.35 -24.39 13.68
N ALA A 314 10.24 -24.47 12.35
CA ALA A 314 10.78 -23.43 11.48
C ALA A 314 10.05 -22.12 11.74
N PRO A 315 10.77 -21.03 11.98
CA PRO A 315 10.10 -19.72 12.13
C PRO A 315 9.52 -19.20 10.83
N LEU A 316 8.51 -18.36 10.96
CA LEU A 316 7.94 -17.67 9.81
C LEU A 316 8.82 -16.46 9.44
N PRO A 317 8.93 -16.14 8.16
CA PRO A 317 9.75 -14.99 7.74
C PRO A 317 9.06 -13.64 7.91
N ARG A 318 7.86 -13.59 8.47
CA ARG A 318 7.12 -12.35 8.68
C ARG A 318 6.84 -12.16 10.16
N ASP A 319 6.68 -10.89 10.55
CA ASP A 319 6.30 -10.51 11.92
C ASP A 319 4.92 -9.88 11.87
N ARG A 320 3.90 -10.66 12.20
CA ARG A 320 2.52 -10.21 12.13
C ARG A 320 1.79 -10.67 13.38
N LEU A 321 0.85 -9.86 13.83
CA LEU A 321 0.01 -10.16 14.97
C LEU A 321 -1.42 -10.44 14.49
N GLN A 322 -2.09 -11.35 15.19
CA GLN A 322 -3.46 -11.76 14.84
C GLN A 322 -3.53 -12.27 13.40
N HIS A 323 -2.48 -12.97 12.96
CA HIS A 323 -2.48 -13.58 11.65
C HIS A 323 -3.23 -14.92 11.71
N THR A 324 -4.09 -15.15 10.73
CA THR A 324 -4.93 -16.34 10.73
C THR A 324 -4.11 -17.59 10.42
N LEU A 325 -4.11 -18.54 11.35
CA LEU A 325 -3.38 -19.80 11.18
C LEU A 325 -4.38 -20.91 10.88
N VAL A 326 -4.14 -21.63 9.78
CA VAL A 326 -5.05 -22.67 9.29
C VAL A 326 -4.24 -23.93 9.01
N SER A 327 -4.87 -25.09 9.15
CA SER A 327 -4.23 -26.37 8.87
C SER A 327 -4.89 -27.02 7.66
N VAL A 328 -4.07 -27.57 6.75
CA VAL A 328 -4.55 -28.28 5.58
C VAL A 328 -3.81 -29.61 5.50
N PRO A 329 -4.32 -30.67 6.14
CA PRO A 329 -3.69 -31.99 5.97
C PRO A 329 -3.76 -32.52 4.55
N GLY A 330 -4.66 -32.00 3.72
CA GLY A 330 -4.72 -32.45 2.33
C GLY A 330 -3.41 -32.23 1.60
N LYS A 331 -2.81 -31.06 1.77
CA LYS A 331 -1.50 -30.77 1.24
C LYS A 331 -0.42 -30.81 2.31
N ASP A 332 -0.77 -31.24 3.52
CA ASP A 332 0.18 -31.37 4.63
C ASP A 332 0.86 -30.03 4.91
N ALA A 333 0.09 -28.95 4.84
CA ALA A 333 0.64 -27.60 4.91
C ALA A 333 -0.15 -26.77 5.92
N ILE A 334 0.56 -25.94 6.67
CA ILE A 334 -0.08 -25.04 7.63
C ILE A 334 0.07 -23.61 7.12
N TYR A 335 -1.06 -22.94 6.87
CA TYR A 335 -1.03 -21.62 6.28
C TYR A 335 -1.16 -20.53 7.33
N SER A 336 -0.52 -19.40 7.04
CA SER A 336 -0.56 -18.19 7.85
C SER A 336 -0.94 -17.06 6.90
N LEU A 337 -2.20 -16.63 6.96
CA LEU A 337 -2.75 -15.62 6.09
C LEU A 337 -3.00 -14.33 6.85
N GLY A 338 -3.03 -13.23 6.11
CA GLY A 338 -3.34 -11.92 6.65
C GLY A 338 -2.38 -11.48 7.73
N GLY A 339 -2.90 -10.73 8.68
CA GLY A 339 -2.14 -10.28 9.83
C GLY A 339 -1.99 -8.76 9.85
N LYS A 340 -1.58 -8.27 11.02
CA LYS A 340 -1.31 -6.86 11.25
C LYS A 340 0.15 -6.69 11.62
N THR A 341 0.85 -5.84 10.88
CA THR A 341 2.26 -5.61 11.14
C THR A 341 2.45 -4.80 12.43
N LEU A 342 3.69 -4.81 12.92
CA LEU A 342 4.02 -4.07 14.14
C LEU A 342 4.00 -2.56 13.93
N GLN A 343 3.79 -2.16 12.67
CA GLN A 343 3.72 -0.74 12.26
C GLN A 343 2.25 -0.34 12.14
N ASP A 344 1.37 -0.98 12.89
CA ASP A 344 -0.06 -0.68 12.87
C ASP A 344 -0.61 -0.68 11.46
N THR A 345 -0.03 -1.49 10.58
CA THR A 345 -0.43 -1.57 9.18
C THR A 345 -0.88 -3.00 8.89
N LEU A 346 -2.04 -3.13 8.25
CA LEU A 346 -2.56 -4.44 7.89
C LEU A 346 -1.71 -5.07 6.79
N SER A 347 -1.72 -6.40 6.75
CA SER A 347 -0.92 -7.16 5.80
C SER A 347 -1.80 -8.08 4.97
N ASN A 348 -1.36 -8.34 3.74
CA ASN A 348 -2.06 -9.25 2.84
C ASN A 348 -1.15 -10.39 2.37
N ALA A 349 -0.07 -10.67 3.09
CA ALA A 349 0.83 -11.74 2.71
C ALA A 349 0.34 -13.09 3.20
N VAL A 350 0.68 -14.14 2.46
CA VAL A 350 0.28 -15.50 2.79
C VAL A 350 1.52 -16.38 2.74
N ILE A 351 1.71 -17.20 3.78
CA ILE A 351 2.83 -18.13 3.83
C ILE A 351 2.28 -19.50 4.23
N TYR A 352 3.03 -20.55 3.90
CA TYR A 352 2.61 -21.89 4.31
C TYR A 352 3.80 -22.75 4.72
N TYR A 353 3.57 -23.58 5.72
CA TYR A 353 4.53 -24.48 6.33
C TYR A 353 4.32 -25.88 5.76
N ARG A 354 5.36 -26.71 5.93
CA ARG A 354 5.32 -28.11 5.51
C ARG A 354 5.82 -28.97 6.66
N VAL A 355 4.96 -29.82 7.19
CA VAL A 355 5.35 -30.69 8.30
C VAL A 355 6.44 -31.65 7.86
N GLY A 356 6.28 -32.25 6.67
CA GLY A 356 7.27 -33.21 6.21
C GLY A 356 8.63 -32.58 5.93
N ASP A 357 8.64 -31.41 5.29
CA ASP A 357 9.89 -30.77 4.91
C ASP A 357 10.39 -29.77 5.94
N ASN A 358 9.52 -29.30 6.84
CA ASN A 358 9.87 -28.35 7.89
C ASN A 358 10.42 -27.07 7.28
N VAL A 359 9.63 -26.48 6.37
CA VAL A 359 10.00 -25.25 5.69
C VAL A 359 8.76 -24.36 5.56
N TRP A 360 9.00 -23.06 5.48
CA TRP A 360 7.98 -22.05 5.26
C TRP A 360 8.20 -21.41 3.89
N THR A 361 7.14 -21.32 3.09
CA THR A 361 7.22 -20.78 1.73
C THR A 361 6.16 -19.71 1.54
N GLU A 362 6.57 -18.58 0.97
CA GLU A 362 5.65 -17.49 0.64
C GLU A 362 4.82 -17.85 -0.58
N THR A 363 3.65 -17.22 -0.70
CA THR A 363 2.77 -17.49 -1.83
C THR A 363 2.01 -16.22 -2.17
N THR A 364 0.93 -16.36 -2.95
CA THR A 364 0.21 -15.20 -3.46
C THR A 364 -0.37 -14.37 -2.32
N GLN A 365 -0.48 -13.08 -2.56
CA GLN A 365 -0.98 -12.13 -1.57
C GLN A 365 -2.50 -12.06 -1.60
N LEU A 366 -3.06 -11.49 -0.53
CA LEU A 366 -4.50 -11.30 -0.43
C LEU A 366 -4.92 -10.02 -1.15
N GLU A 367 -6.13 -10.02 -1.70
CA GLU A 367 -6.63 -8.84 -2.39
C GLU A 367 -6.79 -7.67 -1.43
N VAL A 368 -7.36 -7.92 -0.25
CA VAL A 368 -7.59 -6.89 0.76
C VAL A 368 -6.89 -7.32 2.04
N ALA A 369 -6.09 -6.43 2.61
CA ALA A 369 -5.39 -6.73 3.86
C ALA A 369 -6.37 -6.72 5.03
N VAL A 370 -6.32 -7.75 5.87
CA VAL A 370 -7.18 -7.86 7.03
C VAL A 370 -6.36 -8.37 8.21
N SER A 371 -6.90 -8.18 9.41
CA SER A 371 -6.25 -8.60 10.64
C SER A 371 -7.29 -9.21 11.57
N GLY A 372 -6.93 -10.31 12.22
CA GLY A 372 -7.83 -10.95 13.16
C GLY A 372 -8.95 -11.75 12.54
N ALA A 373 -8.94 -11.95 11.22
CA ALA A 373 -9.99 -12.68 10.55
C ALA A 373 -9.96 -14.17 10.92
N ALA A 374 -11.14 -14.77 10.97
CA ALA A 374 -11.26 -16.19 11.27
C ALA A 374 -11.04 -17.01 10.00
N GLY A 375 -10.23 -18.06 10.12
CA GLY A 375 -9.92 -18.94 8.99
C GLY A 375 -10.77 -20.19 9.00
N ALA A 376 -11.12 -20.65 7.80
CA ALA A 376 -11.89 -21.88 7.62
C ALA A 376 -11.39 -22.60 6.38
N ASN A 377 -10.81 -23.78 6.56
CA ASN A 377 -10.31 -24.58 5.46
C ASN A 377 -11.42 -25.53 5.00
N LEU A 378 -11.97 -25.28 3.82
CA LEU A 378 -13.01 -26.12 3.23
C LEU A 378 -12.47 -26.72 1.93
N ASN A 379 -12.29 -28.03 1.91
CA ASN A 379 -11.84 -28.75 0.72
C ASN A 379 -10.55 -28.17 0.16
N GLY A 380 -9.69 -27.64 1.04
CA GLY A 380 -8.43 -27.08 0.65
C GLY A 380 -8.44 -25.59 0.38
N ILE A 381 -9.62 -25.00 0.18
CA ILE A 381 -9.75 -23.57 -0.05
C ILE A 381 -9.88 -22.88 1.30
N ILE A 382 -9.08 -21.85 1.53
CA ILE A 382 -9.09 -21.11 2.79
C ILE A 382 -10.04 -19.94 2.66
N TYR A 383 -10.96 -19.80 3.62
CA TYR A 383 -11.88 -18.68 3.68
C TYR A 383 -11.52 -17.83 4.90
N LEU A 384 -11.24 -16.55 4.65
CA LEU A 384 -10.87 -15.59 5.67
C LEU A 384 -12.07 -14.67 5.91
N LEU A 385 -12.60 -14.67 7.14
CA LEU A 385 -13.87 -14.05 7.44
C LEU A 385 -13.68 -12.92 8.45
N GLY A 386 -14.29 -11.78 8.18
CA GLY A 386 -14.30 -10.68 9.13
C GLY A 386 -12.92 -10.09 9.39
N GLY A 387 -12.74 -9.63 10.62
CA GLY A 387 -11.48 -9.03 11.02
C GLY A 387 -11.55 -7.52 11.04
N GLU A 388 -10.45 -6.86 10.66
CA GLU A 388 -10.38 -5.41 10.62
C GLU A 388 -9.82 -5.01 9.27
N GLU A 389 -10.32 -3.89 8.74
CA GLU A 389 -9.88 -3.40 7.44
C GLU A 389 -9.55 -1.93 7.54
N ASN A 390 -8.71 -1.47 6.61
CA ASN A 390 -8.23 -0.09 6.62
C ASN A 390 -9.39 0.89 6.51
N ASP A 391 -9.30 2.01 7.24
CA ASP A 391 -10.32 3.03 7.20
C ASP A 391 -9.70 4.34 7.65
N LEU A 392 -10.09 5.43 7.00
CA LEU A 392 -9.67 6.80 7.33
C LEU A 392 -8.18 7.02 7.14
N ASP A 393 -7.52 6.11 6.39
CA ASP A 393 -6.13 6.25 5.96
C ASP A 393 -5.15 6.05 7.11
N PHE A 394 -5.66 5.89 8.33
CA PHE A 394 -4.79 5.69 9.47
C PHE A 394 -5.30 4.66 10.46
N PHE A 395 -6.57 4.25 10.40
CA PHE A 395 -7.13 3.40 11.44
C PHE A 395 -7.77 2.16 10.84
N THR A 396 -8.43 1.37 11.68
CA THR A 396 -9.07 0.14 11.23
C THR A 396 -10.51 0.12 11.71
N LYS A 397 -11.37 -0.46 10.87
CA LYS A 397 -12.77 -0.63 11.19
C LYS A 397 -13.13 -2.12 11.14
N PRO A 398 -14.13 -2.55 11.93
CA PRO A 398 -14.56 -3.95 11.85
C PRO A 398 -14.91 -4.37 10.43
N SER A 399 -14.13 -5.31 9.89
CA SER A 399 -14.36 -5.76 8.53
C SER A 399 -15.47 -6.79 8.48
N ARG A 400 -16.17 -6.82 7.35
CA ARG A 400 -17.22 -7.79 7.10
C ARG A 400 -17.07 -8.44 5.73
N LEU A 401 -15.82 -8.59 5.28
CA LEU A 401 -15.50 -9.18 4.00
C LEU A 401 -15.25 -10.68 4.13
N ILE A 402 -15.34 -11.38 3.01
CA ILE A 402 -14.99 -12.80 2.91
C ILE A 402 -13.97 -12.95 1.80
N GLN A 403 -12.76 -13.36 2.14
CA GLN A 403 -11.71 -13.61 1.16
C GLN A 403 -11.53 -15.11 0.95
N CYS A 404 -11.14 -15.49 -0.26
CA CYS A 404 -11.01 -16.88 -0.65
C CYS A 404 -9.63 -17.09 -1.25
N PHE A 405 -8.84 -17.98 -0.65
CA PHE A 405 -7.53 -18.38 -1.12
C PHE A 405 -7.65 -19.82 -1.64
N ASP A 406 -7.61 -19.97 -2.96
CA ASP A 406 -7.57 -21.28 -3.60
C ASP A 406 -6.15 -21.79 -3.49
N THR A 407 -5.97 -22.87 -2.73
CA THR A 407 -4.65 -23.42 -2.47
C THR A 407 -4.11 -24.21 -3.66
N GLU A 408 -4.98 -24.93 -4.37
CA GLU A 408 -4.53 -25.69 -5.53
C GLU A 408 -3.98 -24.76 -6.61
N THR A 409 -4.66 -23.65 -6.85
CA THR A 409 -4.19 -22.65 -7.81
C THR A 409 -3.42 -21.51 -7.15
N ASP A 410 -3.46 -21.42 -5.81
CA ASP A 410 -2.78 -20.37 -5.07
C ASP A 410 -3.20 -18.98 -5.54
N LYS A 411 -4.51 -18.74 -5.54
CA LYS A 411 -5.06 -17.49 -6.04
C LYS A 411 -6.08 -16.94 -5.05
N CYS A 412 -6.07 -15.62 -4.86
CA CYS A 412 -6.95 -14.98 -3.89
C CYS A 412 -7.99 -14.12 -4.59
N HIS A 413 -9.22 -14.13 -4.05
CA HIS A 413 -10.28 -13.28 -4.57
C HIS A 413 -11.30 -13.00 -3.47
N VAL A 414 -11.93 -11.83 -3.55
CA VAL A 414 -12.91 -11.38 -2.56
C VAL A 414 -14.31 -11.68 -3.06
N LYS A 415 -15.15 -12.20 -2.17
CA LYS A 415 -16.52 -12.50 -2.55
C LYS A 415 -17.28 -11.21 -2.89
N PRO A 416 -18.27 -11.30 -3.78
CA PRO A 416 -19.05 -10.11 -4.16
C PRO A 416 -20.13 -9.73 -3.16
N TYR A 417 -20.35 -10.51 -2.11
CA TYR A 417 -21.37 -10.21 -1.12
C TYR A 417 -20.70 -9.97 0.24
N VAL A 418 -21.53 -9.74 1.25
CA VAL A 418 -21.07 -9.21 2.52
C VAL A 418 -21.54 -10.10 3.66
N LEU A 419 -20.81 -10.04 4.78
CA LEU A 419 -21.13 -10.80 5.98
C LEU A 419 -22.26 -10.13 6.76
N PRO A 420 -23.05 -10.91 7.51
CA PRO A 420 -24.12 -10.29 8.31
C PRO A 420 -23.62 -9.28 9.33
N PHE A 421 -22.46 -9.54 9.96
CA PHE A 421 -21.93 -8.67 11.00
C PHE A 421 -20.44 -8.46 10.78
N ALA A 422 -19.82 -7.72 11.69
CA ALA A 422 -18.41 -7.37 11.58
C ALA A 422 -17.78 -7.32 12.97
N GLY A 423 -16.47 -7.58 13.02
CA GLY A 423 -15.70 -7.43 14.24
C GLY A 423 -14.96 -8.70 14.64
N ARG A 424 -14.58 -8.81 15.91
CA ARG A 424 -13.90 -10.02 16.37
C ARG A 424 -14.78 -11.24 16.11
N MET A 425 -14.17 -12.30 15.58
CA MET A 425 -14.95 -13.41 15.06
C MET A 425 -14.24 -14.73 15.33
N HIS A 426 -15.03 -15.80 15.42
CA HIS A 426 -14.53 -17.16 15.60
C HIS A 426 -15.29 -18.11 14.67
N ALA A 427 -14.57 -19.05 14.08
CA ALA A 427 -15.12 -19.98 13.10
C ALA A 427 -14.69 -21.40 13.41
N ALA A 428 -15.48 -22.36 12.93
CA ALA A 428 -15.20 -23.78 13.11
C ALA A 428 -15.84 -24.57 11.99
N VAL A 429 -15.04 -25.35 11.27
CA VAL A 429 -15.50 -26.09 10.11
C VAL A 429 -16.26 -27.33 10.56
N HIS A 430 -17.47 -27.52 10.02
CA HIS A 430 -18.29 -28.69 10.28
C HIS A 430 -18.90 -29.16 8.98
N LYS A 431 -18.54 -30.38 8.55
CA LYS A 431 -18.99 -30.95 7.28
C LYS A 431 -18.60 -30.00 6.16
N ASP A 432 -19.54 -29.44 5.40
CA ASP A 432 -19.22 -28.47 4.36
C ASP A 432 -19.66 -27.06 4.74
N LEU A 433 -19.84 -26.80 6.04
CA LEU A 433 -20.34 -25.53 6.53
C LEU A 433 -19.31 -24.88 7.43
N VAL A 434 -19.51 -23.60 7.69
CA VAL A 434 -18.71 -22.85 8.65
C VAL A 434 -19.67 -22.24 9.66
N PHE A 435 -19.53 -22.61 10.93
CA PHE A 435 -20.38 -22.06 11.98
C PHE A 435 -19.62 -20.90 12.60
N ILE A 436 -19.97 -19.68 12.19
CA ILE A 436 -19.24 -18.48 12.56
C ILE A 436 -19.97 -17.81 13.71
N VAL A 437 -19.22 -17.44 14.74
CA VAL A 437 -19.78 -16.84 15.95
C VAL A 437 -19.07 -15.51 16.21
N ALA A 438 -19.85 -14.47 16.50
CA ALA A 438 -19.31 -13.15 16.75
C ALA A 438 -20.31 -12.36 17.58
N GLU A 439 -19.81 -11.30 18.21
CA GLU A 439 -20.61 -10.36 19.03
C GLU A 439 -21.27 -11.17 20.14
N GLY A 440 -22.59 -11.07 20.34
CA GLY A 440 -23.26 -11.83 21.37
C GLY A 440 -24.62 -12.32 20.92
N ASP A 441 -24.93 -13.57 21.25
CA ASP A 441 -26.18 -14.22 20.83
C ASP A 441 -26.32 -14.21 19.31
N SER A 442 -25.19 -14.27 18.61
CA SER A 442 -25.16 -14.26 17.15
C SER A 442 -24.36 -15.47 16.67
N LEU A 443 -24.93 -16.20 15.72
CA LEU A 443 -24.29 -17.37 15.16
C LEU A 443 -24.85 -17.57 13.77
N VAL A 444 -23.96 -17.75 12.79
CA VAL A 444 -24.37 -17.87 11.40
C VAL A 444 -23.75 -19.13 10.81
N CYS A 445 -24.56 -19.94 10.16
CA CYS A 445 -24.05 -21.08 9.39
C CYS A 445 -23.91 -20.61 7.95
N TYR A 446 -22.66 -20.49 7.50
CA TYR A 446 -22.34 -19.92 6.20
C TYR A 446 -21.74 -21.06 5.40
N ASN A 447 -22.24 -21.28 4.20
CA ASN A 447 -21.70 -22.26 3.25
C ASN A 447 -20.97 -21.61 2.07
N PRO A 448 -19.64 -21.47 2.17
CA PRO A 448 -18.92 -20.64 1.24
C PRO A 448 -19.01 -20.99 -0.22
N LEU A 449 -19.25 -22.25 -0.59
CA LEU A 449 -19.46 -22.55 -2.01
C LEU A 449 -20.65 -21.78 -2.58
N LEU A 450 -21.60 -21.40 -1.74
CA LEU A 450 -22.80 -20.66 -2.13
C LEU A 450 -22.82 -19.29 -1.46
N ASP A 451 -23.94 -18.59 -1.63
CA ASP A 451 -24.14 -17.24 -1.10
C ASP A 451 -25.44 -17.23 -0.31
N SER A 452 -25.35 -17.59 0.96
CA SER A 452 -26.46 -17.53 1.90
C SER A 452 -25.90 -17.79 3.30
N PHE A 453 -26.46 -17.08 4.28
CA PHE A 453 -26.06 -17.20 5.67
C PHE A 453 -27.31 -17.47 6.49
N THR A 454 -27.29 -18.51 7.31
CA THR A 454 -28.40 -18.74 8.22
C THR A 454 -28.03 -18.34 9.64
N ARG A 455 -29.04 -18.19 10.49
CA ARG A 455 -28.83 -17.83 11.89
C ARG A 455 -29.58 -18.78 12.81
N LEU A 456 -28.93 -19.13 13.91
CA LEU A 456 -29.50 -19.99 14.94
C LEU A 456 -29.56 -19.23 16.26
N CYS A 457 -30.66 -19.39 16.98
CA CYS A 457 -30.82 -18.70 18.26
C CYS A 457 -29.90 -19.32 19.30
N LEU A 458 -29.25 -18.46 20.08
CA LEU A 458 -28.39 -18.87 21.18
C LEU A 458 -29.16 -18.76 22.49
N PRO A 459 -28.61 -19.31 23.61
CA PRO A 459 -29.41 -19.34 24.85
C PRO A 459 -29.53 -17.98 25.53
N GLU A 460 -29.12 -16.92 24.84
CA GLU A 460 -29.29 -15.54 25.31
C GLU A 460 -28.60 -15.33 26.66
N ALA A 461 -27.28 -15.49 26.66
CA ALA A 461 -26.48 -15.29 27.86
C ALA A 461 -26.50 -13.83 28.30
N LEU A 468 -18.75 -13.41 24.70
CA LEU A 468 -17.75 -13.71 23.67
C LEU A 468 -17.57 -15.22 23.53
N TRP A 469 -18.48 -15.86 22.81
CA TRP A 469 -18.41 -17.30 22.61
C TRP A 469 -17.26 -17.68 21.69
N LYS A 470 -16.77 -18.90 21.86
CA LYS A 470 -15.79 -19.50 20.97
C LYS A 470 -16.26 -20.91 20.64
N ILE A 471 -16.33 -21.22 19.35
CA ILE A 471 -16.92 -22.46 18.88
C ILE A 471 -15.81 -23.44 18.51
N ALA A 472 -16.12 -24.74 18.59
CA ALA A 472 -15.17 -25.77 18.19
C ALA A 472 -15.92 -27.00 17.75
N SER A 473 -15.56 -27.52 16.58
CA SER A 473 -16.21 -28.70 16.03
C SER A 473 -15.44 -29.95 16.40
N CYS A 474 -16.17 -31.04 16.58
CA CYS A 474 -15.62 -32.36 16.88
C CYS A 474 -15.99 -33.30 15.74
N ASN A 475 -15.73 -34.59 15.97
CA ASN A 475 -16.01 -35.60 14.94
C ASN A 475 -17.43 -35.47 14.40
N GLY A 476 -18.40 -35.26 15.30
CA GLY A 476 -19.77 -35.07 14.89
C GLY A 476 -20.55 -34.12 15.77
N SER A 477 -19.85 -33.41 16.67
CA SER A 477 -20.51 -32.58 17.67
C SER A 477 -19.92 -31.17 17.65
N ILE A 478 -20.74 -30.20 18.04
CA ILE A 478 -20.35 -28.80 18.11
C ILE A 478 -20.35 -28.38 19.58
N TYR A 479 -19.22 -27.84 20.03
CA TYR A 479 -19.07 -27.40 21.42
C TYR A 479 -18.83 -25.89 21.43
N VAL A 480 -19.69 -25.17 22.15
CA VAL A 480 -19.53 -23.73 22.35
C VAL A 480 -18.97 -23.50 23.75
N PHE A 481 -18.01 -22.59 23.85
CA PHE A 481 -17.35 -22.32 25.11
C PHE A 481 -17.43 -20.83 25.41
N ARG A 482 -17.64 -20.51 26.68
CA ARG A 482 -17.67 -19.10 27.11
C ARG A 482 -16.25 -18.60 27.32
N ASP A 483 -16.03 -17.33 26.99
CA ASP A 483 -14.71 -16.74 27.17
C ASP A 483 -14.28 -16.79 28.63
N ARG A 484 -15.21 -16.57 29.54
CA ARG A 484 -14.95 -16.65 30.98
C ARG A 484 -15.80 -17.76 31.58
N TYR A 485 -15.19 -18.56 32.45
CA TYR A 485 -15.86 -19.69 33.09
C TYR A 485 -17.12 -19.24 33.83
N ALA A 490 -22.68 -22.20 33.27
CA ALA A 490 -21.90 -23.31 32.71
C ALA A 490 -20.78 -22.78 31.82
N ASN A 491 -19.66 -23.50 31.79
CA ASN A 491 -18.52 -23.10 30.99
C ASN A 491 -18.54 -23.68 29.58
N THR A 492 -19.23 -24.80 29.36
CA THR A 492 -19.27 -25.43 28.04
C THR A 492 -20.71 -25.83 27.72
N TYR A 493 -21.03 -25.80 26.43
CA TYR A 493 -22.35 -26.17 25.94
C TYR A 493 -22.21 -26.99 24.67
N LYS A 494 -23.20 -27.81 24.38
CA LYS A 494 -23.24 -28.62 23.17
C LYS A 494 -24.40 -28.16 22.30
N LEU A 495 -24.09 -27.82 21.05
CA LEU A 495 -25.06 -27.27 20.11
C LEU A 495 -25.53 -28.39 19.19
N ASP A 496 -26.85 -28.63 19.17
CA ASP A 496 -27.43 -29.59 18.25
C ASP A 496 -27.83 -28.84 16.98
N PRO A 497 -27.19 -29.11 15.84
CA PRO A 497 -27.52 -28.34 14.63
C PRO A 497 -28.97 -28.47 14.19
N ALA A 498 -29.56 -29.66 14.34
CA ALA A 498 -30.92 -29.89 13.86
C ALA A 498 -31.94 -29.13 14.69
N THR A 499 -31.85 -29.23 16.01
CA THR A 499 -32.82 -28.61 16.92
C THR A 499 -32.37 -27.27 17.48
N SER A 500 -31.12 -26.87 17.26
CA SER A 500 -30.56 -25.62 17.79
C SER A 500 -30.65 -25.55 19.31
N ALA A 501 -30.74 -26.71 19.96
CA ALA A 501 -30.91 -26.77 21.41
C ALA A 501 -29.54 -26.84 22.08
N VAL A 502 -29.26 -25.85 22.92
CA VAL A 502 -28.01 -25.79 23.67
C VAL A 502 -28.17 -26.65 24.93
N THR A 503 -27.43 -27.75 24.99
CA THR A 503 -27.48 -28.68 26.11
C THR A 503 -26.17 -28.64 26.89
N VAL A 504 -26.27 -28.38 28.19
CA VAL A 504 -25.07 -28.32 29.04
C VAL A 504 -24.49 -29.72 29.18
N THR A 505 -23.18 -29.84 28.93
CA THR A 505 -22.52 -31.13 29.03
C THR A 505 -21.97 -31.36 30.44
N LYS A 509 -15.79 -30.68 32.70
CA LYS A 509 -14.69 -30.34 33.59
C LYS A 509 -13.85 -29.20 33.02
N VAL A 510 -13.86 -28.07 33.73
CA VAL A 510 -13.10 -26.88 33.32
C VAL A 510 -12.30 -26.41 34.53
N LEU A 511 -11.00 -26.18 34.32
CA LEU A 511 -10.11 -25.72 35.39
C LEU A 511 -9.39 -24.44 35.02
N LEU A 512 -9.81 -23.75 33.97
CA LEU A 512 -9.14 -22.54 33.49
C LEU A 512 -10.05 -21.33 33.64
N THR A 513 -9.53 -20.28 34.28
CA THR A 513 -10.31 -19.06 34.47
C THR A 513 -10.60 -18.37 33.15
N ASN A 514 -9.62 -18.36 32.24
CA ASN A 514 -9.74 -17.65 30.97
C ASN A 514 -9.66 -18.65 29.83
N LEU A 515 -10.09 -18.20 28.65
CA LEU A 515 -10.14 -19.05 27.45
C LEU A 515 -9.65 -18.23 26.26
N GLN A 516 -8.35 -18.33 25.98
CA GLN A 516 -7.78 -17.54 24.89
C GLN A 516 -8.03 -18.18 23.53
N PHE A 517 -7.73 -19.46 23.38
CA PHE A 517 -7.89 -20.15 22.11
C PHE A 517 -8.68 -21.44 22.28
N VAL A 518 -9.53 -21.76 21.29
CA VAL A 518 -10.26 -23.02 21.26
C VAL A 518 -10.04 -23.62 19.87
N LEU A 519 -9.03 -24.46 19.74
CA LEU A 519 -8.69 -25.03 18.44
C LEU A 519 -9.63 -26.19 18.11
N ALA A 520 -9.64 -26.56 16.83
CA ALA A 520 -10.51 -27.62 16.31
C ALA A 520 -10.35 -28.93 17.09
N LYS B 9 -1.88 48.12 26.02
CA LYS B 9 -2.53 46.89 25.60
C LYS B 9 -1.48 45.83 25.24
N LYS B 10 -1.69 45.18 24.09
CA LYS B 10 -0.80 44.13 23.60
C LYS B 10 0.19 44.75 22.62
N LYS B 11 1.42 44.95 23.08
CA LYS B 11 2.45 45.54 22.24
C LYS B 11 2.72 44.64 21.03
N VAL B 12 2.74 45.23 19.84
CA VAL B 12 2.96 44.48 18.61
C VAL B 12 4.13 45.09 17.83
N CYS B 13 4.90 44.22 17.18
CA CYS B 13 6.08 44.61 16.42
C CYS B 13 5.91 44.19 14.97
N TYR B 14 6.25 45.08 14.05
CA TYR B 14 6.11 44.85 12.62
C TYR B 14 7.48 44.91 11.96
N TYR B 15 7.68 44.06 10.95
CA TYR B 15 8.96 43.96 10.28
C TYR B 15 8.71 43.98 8.78
N TYR B 16 9.27 44.98 8.09
CA TYR B 16 9.07 45.08 6.65
C TYR B 16 10.06 46.05 6.03
N ASP B 17 10.60 45.64 4.87
CA ASP B 17 11.45 46.47 4.03
C ASP B 17 10.87 46.51 2.63
N GLY B 18 10.91 47.68 2.00
CA GLY B 18 10.29 47.86 0.69
C GLY B 18 10.94 47.06 -0.42
N ASP B 19 12.28 47.04 -0.44
CA ASP B 19 13.01 46.45 -1.55
C ASP B 19 12.68 44.98 -1.76
N ILE B 20 12.13 44.30 -0.75
CA ILE B 20 11.78 42.90 -0.89
C ILE B 20 10.84 42.69 -2.08
N GLY B 21 10.14 43.75 -2.51
CA GLY B 21 9.20 43.61 -3.60
C GLY B 21 9.82 43.51 -4.98
N ASN B 22 11.14 43.65 -5.08
CA ASN B 22 11.81 43.65 -6.38
C ASN B 22 12.51 42.33 -6.69
N TYR B 23 12.30 41.30 -5.86
CA TYR B 23 12.93 40.00 -6.05
C TYR B 23 12.05 39.12 -6.93
N TYR B 24 12.12 39.38 -8.23
CA TYR B 24 11.35 38.61 -9.19
C TYR B 24 11.83 37.16 -9.24
N TYR B 25 10.95 36.23 -8.84
CA TYR B 25 11.29 34.82 -8.80
C TYR B 25 11.63 34.29 -10.19
N GLY B 26 10.85 34.67 -11.19
CA GLY B 26 11.06 34.19 -12.55
C GLY B 26 9.77 34.07 -13.29
N GLN B 27 9.86 33.93 -14.61
CA GLN B 27 8.68 33.79 -15.44
C GLN B 27 7.87 32.58 -14.99
N GLY B 28 6.55 32.77 -14.89
CA GLY B 28 5.69 31.66 -14.45
C GLY B 28 5.96 31.20 -13.03
N HIS B 29 6.12 32.15 -12.11
CA HIS B 29 6.51 31.84 -10.74
C HIS B 29 5.29 31.83 -9.82
N PRO B 30 4.97 30.69 -9.20
CA PRO B 30 3.89 30.70 -8.19
C PRO B 30 4.19 31.61 -7.02
N MET B 31 5.46 31.70 -6.61
CA MET B 31 5.86 32.49 -5.46
C MET B 31 6.21 33.90 -5.90
N LYS B 32 5.48 34.89 -5.37
CA LYS B 32 5.66 36.29 -5.75
C LYS B 32 5.84 37.12 -4.49
N PRO B 33 7.10 37.31 -4.05
CA PRO B 33 7.34 38.03 -2.79
C PRO B 33 6.78 39.44 -2.76
N HIS B 34 6.76 40.13 -3.90
CA HIS B 34 6.25 41.50 -3.99
C HIS B 34 4.82 41.60 -3.45
N ARG B 35 4.15 40.46 -3.28
CA ARG B 35 2.80 40.46 -2.72
C ARG B 35 2.76 41.15 -1.37
N ILE B 36 3.83 40.98 -0.58
CA ILE B 36 3.86 41.60 0.73
C ILE B 36 3.73 43.12 0.65
N ARG B 37 4.22 43.73 -0.43
CA ARG B 37 4.08 45.19 -0.48
C ARG B 37 2.65 45.55 -0.77
N MET B 38 1.99 44.75 -1.60
CA MET B 38 0.58 44.97 -1.88
C MET B 38 -0.22 44.79 -0.59
N THR B 39 0.40 44.16 0.41
CA THR B 39 -0.14 44.01 1.76
C THR B 39 0.21 45.23 2.60
N HIS B 40 1.47 45.68 2.55
CA HIS B 40 1.90 46.79 3.39
C HIS B 40 1.00 48.01 3.21
N ASN B 41 0.59 48.29 1.97
CA ASN B 41 -0.23 49.48 1.74
C ASN B 41 -1.58 49.35 2.43
N LEU B 42 -2.12 48.14 2.50
CA LEU B 42 -3.39 47.92 3.18
C LEU B 42 -3.26 48.19 4.67
N LEU B 43 -2.05 48.08 5.21
CA LEU B 43 -1.81 48.50 6.58
C LEU B 43 -1.81 50.02 6.68
N LEU B 44 -1.14 50.70 5.74
CA LEU B 44 -1.09 52.15 5.78
C LEU B 44 -2.45 52.75 5.42
N ASN B 45 -3.08 52.25 4.35
CA ASN B 45 -4.34 52.84 3.90
C ASN B 45 -5.44 52.70 4.94
N TYR B 46 -5.48 51.55 5.63
CA TYR B 46 -6.45 51.37 6.71
C TYR B 46 -6.06 52.15 7.95
N GLY B 47 -4.80 52.59 8.06
CA GLY B 47 -4.35 53.36 9.19
C GLY B 47 -3.78 52.54 10.32
N LEU B 48 -3.74 51.20 10.18
CA LEU B 48 -3.14 50.36 11.21
C LEU B 48 -1.68 50.71 11.47
N TYR B 49 -1.03 51.40 10.53
CA TYR B 49 0.39 51.72 10.66
C TYR B 49 0.65 52.59 11.88
N ARG B 50 -0.19 53.61 12.11
CA ARG B 50 0.08 54.57 13.17
C ARG B 50 0.03 53.89 14.54
N LYS B 51 -0.98 53.07 14.78
CA LYS B 51 -1.15 52.46 16.09
C LYS B 51 -0.05 51.45 16.38
N MET B 52 0.69 51.03 15.37
CA MET B 52 1.66 49.96 15.43
C MET B 52 3.08 50.51 15.45
N GLU B 53 4.03 49.63 15.79
CA GLU B 53 5.45 49.90 15.63
C GLU B 53 6.00 49.13 14.42
N ILE B 54 6.60 49.86 13.49
CA ILE B 54 7.01 49.33 12.20
C ILE B 54 8.53 49.39 12.08
N TYR B 55 9.14 48.28 11.70
CA TYR B 55 10.58 48.20 11.49
C TYR B 55 10.86 47.45 10.19
N ARG B 56 12.13 47.41 9.80
CA ARG B 56 12.54 46.64 8.64
C ARG B 56 13.55 45.57 9.02
N PRO B 57 13.40 44.35 8.51
CA PRO B 57 14.37 43.29 8.84
C PRO B 57 15.74 43.64 8.29
N HIS B 58 16.73 43.68 9.19
CA HIS B 58 18.08 44.00 8.76
C HIS B 58 18.76 42.77 8.18
N LYS B 59 19.90 43.00 7.53
CA LYS B 59 20.60 41.92 6.84
C LYS B 59 20.99 40.81 7.80
N ALA B 60 20.75 39.57 7.38
CA ALA B 60 21.16 38.41 8.16
C ALA B 60 22.56 37.98 7.70
N THR B 61 23.51 37.98 8.63
CA THR B 61 24.88 37.66 8.29
C THR B 61 25.02 36.19 7.94
N ALA B 62 26.05 35.89 7.15
CA ALA B 62 26.32 34.50 6.76
C ALA B 62 26.59 33.64 7.98
N GLU B 63 27.31 34.18 8.96
CA GLU B 63 27.55 33.44 10.20
C GLU B 63 26.24 33.13 10.92
N GLU B 64 25.33 34.11 10.98
CA GLU B 64 24.04 33.89 11.63
C GLU B 64 23.31 32.71 11.01
N MET B 65 23.29 32.63 9.67
CA MET B 65 22.68 31.49 9.00
C MET B 65 23.38 30.18 9.33
N THR B 66 24.64 30.24 9.74
CA THR B 66 25.39 29.03 10.06
C THR B 66 25.20 28.69 11.55
N LYS B 67 23.92 28.63 11.92
CA LYS B 67 23.49 28.15 13.23
C LYS B 67 22.73 26.85 13.15
N TYR B 68 21.88 26.69 12.12
CA TYR B 68 21.24 25.42 11.80
C TYR B 68 21.67 24.85 10.46
N HIS B 69 22.12 25.71 9.54
CA HIS B 69 22.57 25.28 8.23
C HIS B 69 24.06 24.92 8.26
N SER B 70 24.52 24.28 7.19
CA SER B 70 25.91 23.96 7.02
C SER B 70 26.66 25.13 6.39
N ASP B 71 27.96 25.21 6.67
CA ASP B 71 28.77 26.28 6.09
C ASP B 71 28.85 26.16 4.57
N GLU B 72 29.01 24.93 4.07
CA GLU B 72 29.15 24.73 2.62
C GLU B 72 27.90 25.16 1.88
N TYR B 73 26.73 24.83 2.42
CA TYR B 73 25.47 25.16 1.75
C TYR B 73 25.26 26.66 1.67
N ILE B 74 25.49 27.37 2.78
CA ILE B 74 25.32 28.82 2.77
C ILE B 74 26.36 29.48 1.88
N LYS B 75 27.59 28.94 1.86
CA LYS B 75 28.61 29.47 0.96
C LYS B 75 28.19 29.29 -0.49
N PHE B 76 27.62 28.12 -0.82
CA PHE B 76 27.14 27.87 -2.18
C PHE B 76 26.03 28.85 -2.55
N LEU B 77 25.08 29.05 -1.64
CA LEU B 77 23.98 29.96 -1.94
C LEU B 77 24.47 31.39 -2.11
N ARG B 78 25.44 31.80 -1.28
CA ARG B 78 25.97 33.15 -1.36
C ARG B 78 26.78 33.38 -2.63
N SER B 79 27.47 32.35 -3.12
CA SER B 79 28.41 32.50 -4.22
C SER B 79 27.81 32.25 -5.60
N ILE B 80 26.51 31.96 -5.69
CA ILE B 80 25.87 31.68 -6.98
C ILE B 80 25.11 32.91 -7.43
N ARG B 81 25.57 33.53 -8.51
CA ARG B 81 24.87 34.62 -9.17
C ARG B 81 24.33 34.14 -10.51
N PRO B 82 23.29 34.81 -11.03
CA PRO B 82 22.69 34.34 -12.31
C PRO B 82 23.65 34.27 -13.49
N ASP B 83 24.63 35.16 -13.59
CA ASP B 83 25.56 35.08 -14.71
C ASP B 83 26.44 33.82 -14.66
N ASN B 84 26.94 33.47 -13.48
CA ASN B 84 27.86 32.36 -13.30
C ASN B 84 27.21 31.01 -12.95
N MET B 85 26.00 30.70 -13.42
CA MET B 85 25.47 29.37 -13.14
C MET B 85 26.36 28.26 -13.72
N SER B 86 27.14 28.56 -14.75
CA SER B 86 27.96 27.53 -15.40
C SER B 86 29.00 26.95 -14.45
N GLU B 87 29.66 27.80 -13.64
CA GLU B 87 30.73 27.29 -12.78
C GLU B 87 30.20 26.31 -11.74
N TYR B 88 29.04 26.59 -11.16
CA TYR B 88 28.47 25.79 -10.09
C TYR B 88 27.42 24.80 -10.58
N SER B 89 27.38 24.54 -11.89
CA SER B 89 26.38 23.62 -12.44
C SER B 89 26.45 22.25 -11.76
N LYS B 90 27.65 21.84 -11.33
CA LYS B 90 27.78 20.54 -10.67
C LYS B 90 27.14 20.57 -9.29
N GLN B 91 27.34 21.65 -8.53
CA GLN B 91 26.81 21.72 -7.17
C GLN B 91 25.32 22.01 -7.13
N MET B 92 24.71 22.40 -8.27
CA MET B 92 23.27 22.65 -8.29
C MET B 92 22.45 21.39 -8.13
N GLN B 93 23.06 20.21 -8.23
CA GLN B 93 22.37 18.96 -8.01
C GLN B 93 22.52 18.43 -6.59
N ARG B 94 23.64 18.72 -5.93
CA ARG B 94 23.83 18.30 -4.55
C ARG B 94 22.99 19.11 -3.57
N PHE B 95 22.60 20.32 -3.95
CA PHE B 95 21.86 21.21 -3.05
C PHE B 95 20.45 21.52 -3.54
N ASN B 96 20.02 20.93 -4.65
CA ASN B 96 18.64 21.04 -5.14
C ASN B 96 18.24 22.50 -5.37
N VAL B 97 19.14 23.26 -6.01
CA VAL B 97 18.86 24.64 -6.39
C VAL B 97 19.02 24.77 -7.90
N GLY B 98 17.99 25.29 -8.56
CA GLY B 98 18.10 25.63 -9.97
C GLY B 98 16.91 25.27 -10.82
N GLU B 99 16.16 24.25 -10.41
CA GLU B 99 15.01 23.80 -11.19
C GLU B 99 13.69 24.08 -10.49
N ASP B 100 13.36 23.31 -9.47
CA ASP B 100 12.11 23.50 -8.76
C ASP B 100 12.06 24.85 -8.07
N CYS B 101 13.20 25.29 -7.53
CA CYS B 101 13.33 26.58 -6.86
C CYS B 101 14.45 27.34 -7.55
N PRO B 102 14.23 27.78 -8.79
CA PRO B 102 15.34 28.34 -9.59
C PRO B 102 16.01 29.53 -8.94
N VAL B 103 17.26 29.74 -9.32
CA VAL B 103 18.06 30.87 -8.86
C VAL B 103 17.69 32.11 -9.68
N PHE B 104 17.70 33.26 -9.03
CA PHE B 104 17.36 34.53 -9.67
C PHE B 104 18.27 35.62 -9.11
N ASP B 105 18.03 36.85 -9.55
CA ASP B 105 18.90 37.96 -9.16
C ASP B 105 18.68 38.35 -7.72
N GLY B 106 19.78 38.54 -6.99
CA GLY B 106 19.74 38.91 -5.59
C GLY B 106 19.10 37.88 -4.70
N LEU B 107 19.37 36.59 -4.95
CA LEU B 107 18.74 35.55 -4.14
C LEU B 107 19.21 35.64 -2.69
N PHE B 108 20.52 35.83 -2.50
CA PHE B 108 21.03 35.93 -1.14
C PHE B 108 20.50 37.20 -0.48
N GLU B 109 20.39 38.29 -1.25
CA GLU B 109 19.85 39.51 -0.67
C GLU B 109 18.40 39.28 -0.25
N PHE B 110 17.68 38.41 -0.97
CA PHE B 110 16.31 38.08 -0.63
C PHE B 110 16.26 37.35 0.71
N CYS B 111 17.21 36.42 0.92
CA CYS B 111 17.22 35.72 2.20
C CYS B 111 17.85 36.56 3.32
N GLN B 112 18.59 37.61 2.99
CA GLN B 112 19.03 38.58 3.99
C GLN B 112 17.86 39.25 4.71
N LEU B 113 16.70 39.30 4.05
CA LEU B 113 15.52 39.98 4.58
C LEU B 113 14.39 39.03 4.97
N SER B 114 14.20 37.94 4.22
CA SER B 114 13.19 36.96 4.62
C SER B 114 13.52 36.35 5.97
N THR B 115 14.80 36.17 6.27
CA THR B 115 15.25 35.65 7.56
C THR B 115 15.51 36.75 8.58
N GLY B 116 15.82 37.97 8.13
CA GLY B 116 16.17 39.05 9.02
C GLY B 116 15.08 39.47 9.97
N GLY B 117 13.84 39.09 9.69
CA GLY B 117 12.70 39.50 10.50
C GLY B 117 12.38 38.49 11.58
N SER B 118 12.74 37.23 11.36
CA SER B 118 12.43 36.18 12.32
C SER B 118 13.38 36.22 13.51
N VAL B 119 14.70 36.19 13.25
CA VAL B 119 15.67 36.26 14.34
C VAL B 119 15.57 37.58 15.09
N ALA B 120 15.48 38.69 14.35
CA ALA B 120 15.39 40.00 14.97
C ALA B 120 14.02 40.27 15.59
N GLY B 121 13.00 39.52 15.20
CA GLY B 121 11.72 39.64 15.86
C GLY B 121 11.66 38.81 17.12
N ALA B 122 12.23 37.60 17.06
CA ALA B 122 12.36 36.78 18.25
C ALA B 122 13.29 37.42 19.28
N VAL B 123 14.20 38.29 18.85
CA VAL B 123 15.02 39.02 19.82
C VAL B 123 14.16 39.90 20.71
N LYS B 124 13.23 40.64 20.10
CA LYS B 124 12.31 41.45 20.89
C LYS B 124 11.29 40.59 21.63
N LEU B 125 10.81 39.51 20.99
CA LEU B 125 9.78 38.69 21.60
C LEU B 125 10.27 37.97 22.85
N ASN B 126 11.47 37.37 22.80
CA ASN B 126 11.99 36.68 23.98
C ASN B 126 12.25 37.67 25.11
N ARG B 127 12.77 38.85 24.77
CA ARG B 127 12.98 39.90 25.75
C ARG B 127 11.63 40.54 26.11
N GLN B 128 11.65 41.38 27.14
CA GLN B 128 10.43 42.04 27.61
C GLN B 128 10.15 43.28 26.78
N GLN B 129 9.89 43.07 25.49
CA GLN B 129 9.60 44.14 24.56
C GLN B 129 8.27 44.01 23.83
N THR B 130 7.75 42.80 23.65
CA THR B 130 6.50 42.65 22.93
C THR B 130 5.84 41.33 23.32
N ASP B 131 4.53 41.29 23.15
CA ASP B 131 3.75 40.07 23.25
C ASP B 131 3.44 39.45 21.89
N MET B 132 3.65 40.19 20.80
CA MET B 132 3.36 39.68 19.46
C MET B 132 4.29 40.33 18.46
N ALA B 133 5.13 39.52 17.81
CA ALA B 133 5.99 39.97 16.72
C ALA B 133 5.44 39.46 15.39
N VAL B 134 5.53 40.30 14.36
CA VAL B 134 4.93 40.03 13.06
C VAL B 134 6.03 40.10 12.00
N ASN B 135 6.04 39.13 11.09
CA ASN B 135 6.96 39.14 9.96
C ASN B 135 6.30 38.37 8.82
N TRP B 136 5.68 39.11 7.89
CA TRP B 136 5.02 38.47 6.75
C TRP B 136 6.01 38.03 5.68
N ALA B 137 7.26 38.50 5.72
CA ALA B 137 8.26 38.11 4.74
C ALA B 137 8.89 36.76 5.05
N GLY B 138 8.72 36.26 6.27
CA GLY B 138 9.29 34.99 6.65
C GLY B 138 8.41 33.81 6.31
N GLY B 139 8.23 32.90 7.27
CA GLY B 139 7.35 31.76 7.05
C GLY B 139 7.90 30.69 6.14
N LEU B 140 9.21 30.66 5.94
CA LEU B 140 9.84 29.65 5.10
C LEU B 140 10.24 28.47 5.98
N HIS B 141 9.64 27.31 5.71
CA HIS B 141 9.78 26.14 6.58
C HIS B 141 10.29 24.89 5.89
N HIS B 142 10.25 24.82 4.56
CA HIS B 142 10.62 23.60 3.86
C HIS B 142 12.12 23.44 3.69
N ALA B 143 12.91 24.50 3.91
CA ALA B 143 14.35 24.40 3.74
C ALA B 143 14.95 23.38 4.69
N LYS B 144 15.93 22.63 4.20
CA LYS B 144 16.61 21.60 4.98
C LYS B 144 17.92 22.15 5.51
N LYS B 145 18.64 21.29 6.24
CA LYS B 145 19.91 21.73 6.84
C LYS B 145 20.92 22.12 5.77
N SER B 146 21.05 21.29 4.73
CA SER B 146 22.03 21.51 3.68
C SER B 146 21.39 21.25 2.32
N GLU B 147 20.17 21.78 2.12
CA GLU B 147 19.46 21.59 0.86
C GLU B 147 18.30 22.57 0.81
N ALA B 148 17.98 23.04 -0.39
CA ALA B 148 16.81 23.86 -0.63
C ALA B 148 15.64 22.99 -1.07
N SER B 149 14.56 23.04 -0.31
CA SER B 149 13.37 22.26 -0.60
C SER B 149 12.19 23.21 -0.78
N GLY B 150 11.27 22.83 -1.67
CA GLY B 150 10.13 23.70 -1.93
C GLY B 150 10.59 25.02 -2.54
N PHE B 151 10.20 26.12 -1.90
CA PHE B 151 10.59 27.46 -2.33
C PHE B 151 11.38 28.17 -1.24
N CYS B 152 12.21 27.41 -0.51
CA CYS B 152 12.91 27.95 0.65
C CYS B 152 14.38 27.59 0.58
N TYR B 153 15.21 28.51 1.06
CA TYR B 153 16.65 28.34 1.11
C TYR B 153 17.20 28.35 2.52
N VAL B 154 16.89 29.39 3.29
CA VAL B 154 17.27 29.50 4.69
C VAL B 154 16.00 29.41 5.53
N ASN B 155 16.01 28.50 6.51
CA ASN B 155 14.82 28.22 7.30
C ASN B 155 14.76 29.25 8.41
N ASP B 156 14.01 30.33 8.17
CA ASP B 156 13.87 31.38 9.17
C ASP B 156 13.17 30.90 10.42
N ILE B 157 12.24 29.95 10.29
CA ILE B 157 11.51 29.44 11.45
C ILE B 157 12.47 28.72 12.39
N VAL B 158 13.33 27.86 11.84
CA VAL B 158 14.23 27.09 12.68
C VAL B 158 15.25 28.00 13.36
N LEU B 159 15.76 28.99 12.63
CA LEU B 159 16.68 29.96 13.24
C LEU B 159 16.00 30.72 14.37
N ALA B 160 14.75 31.14 14.16
CA ALA B 160 14.03 31.85 15.20
C ALA B 160 13.77 30.98 16.42
N ILE B 161 13.41 29.71 16.19
CA ILE B 161 13.17 28.79 17.30
C ILE B 161 14.46 28.57 18.10
N LEU B 162 15.58 28.34 17.42
CA LEU B 162 16.86 28.20 18.13
C LEU B 162 17.19 29.46 18.92
N GLU B 163 16.97 30.62 18.32
CA GLU B 163 17.23 31.88 19.02
C GLU B 163 16.28 32.07 20.19
N LEU B 164 15.11 31.44 20.15
CA LEU B 164 14.15 31.52 21.24
C LEU B 164 14.52 30.58 22.38
N LEU B 165 15.07 29.40 22.06
CA LEU B 165 15.37 28.42 23.09
C LEU B 165 16.38 28.94 24.11
N LYS B 166 17.13 29.98 23.76
CA LYS B 166 18.10 30.54 24.68
C LYS B 166 17.41 31.13 25.90
N TYR B 167 16.24 31.73 25.71
CA TYR B 167 15.51 32.40 26.78
C TYR B 167 14.36 31.57 27.34
N HIS B 168 13.94 30.52 26.64
CA HIS B 168 12.79 29.72 27.06
C HIS B 168 13.14 28.24 27.08
N GLN B 169 12.52 27.50 27.99
CA GLN B 169 12.75 26.08 28.12
C GLN B 169 11.97 25.27 27.08
N ARG B 170 10.65 25.39 27.10
CA ARG B 170 9.76 24.66 26.20
C ARG B 170 9.16 25.62 25.18
N VAL B 171 9.21 25.24 23.91
CA VAL B 171 8.71 26.09 22.82
C VAL B 171 7.76 25.28 21.94
N LEU B 172 6.51 25.75 21.85
CA LEU B 172 5.51 25.16 20.98
C LEU B 172 5.54 25.89 19.64
N TYR B 173 5.59 25.12 18.55
CA TYR B 173 5.55 25.64 17.19
C TYR B 173 4.27 25.15 16.54
N ILE B 174 3.38 26.08 16.21
CA ILE B 174 2.13 25.76 15.53
C ILE B 174 2.30 26.14 14.06
N ASP B 175 2.02 25.18 13.18
CA ASP B 175 2.15 25.38 11.73
C ASP B 175 0.74 25.39 11.16
N ILE B 176 0.15 26.59 11.09
CA ILE B 176 -1.09 26.82 10.35
C ILE B 176 -0.70 26.98 8.89
N ASP B 177 -0.97 25.96 8.09
CA ASP B 177 -0.55 25.95 6.69
C ASP B 177 -1.24 24.77 6.02
N ILE B 178 -1.01 24.64 4.72
CA ILE B 178 -1.48 23.46 3.99
C ILE B 178 -0.34 22.50 3.67
N HIS B 179 0.91 22.93 3.85
CA HIS B 179 2.06 22.07 3.68
C HIS B 179 2.65 21.72 5.04
N HIS B 180 3.02 20.46 5.22
CA HIS B 180 3.73 20.05 6.43
C HIS B 180 5.08 20.75 6.50
N GLY B 181 5.44 21.20 7.70
CA GLY B 181 6.71 21.87 7.87
C GLY B 181 7.84 20.89 8.13
N ASP B 182 8.56 20.53 7.07
CA ASP B 182 9.59 19.50 7.17
C ASP B 182 10.79 19.99 7.95
N GLY B 183 11.30 21.18 7.59
CA GLY B 183 12.53 21.66 8.22
C GLY B 183 12.42 21.76 9.73
N VAL B 184 11.32 22.36 10.22
CA VAL B 184 11.16 22.54 11.65
C VAL B 184 11.03 21.20 12.36
N GLU B 185 10.24 20.29 11.79
CA GLU B 185 10.01 19.01 12.46
C GLU B 185 11.31 18.21 12.54
N GLU B 186 12.01 18.07 11.40
CA GLU B 186 13.25 17.30 11.44
C GLU B 186 14.30 18.00 12.29
N ALA B 187 14.30 19.34 12.31
CA ALA B 187 15.24 20.06 13.16
C ALA B 187 14.99 19.77 14.63
N PHE B 188 13.74 19.50 15.01
CA PHE B 188 13.42 19.25 16.41
C PHE B 188 12.67 17.93 16.60
N TYR B 189 12.93 16.95 15.73
CA TYR B 189 12.22 15.68 15.81
C TYR B 189 12.66 14.85 17.02
N THR B 190 13.93 14.93 17.41
CA THR B 190 14.49 14.09 18.46
C THR B 190 14.81 14.87 19.72
N THR B 191 14.09 15.96 19.98
CA THR B 191 14.31 16.75 21.19
C THR B 191 12.97 17.08 21.83
N ASP B 192 12.98 17.16 23.16
CA ASP B 192 11.80 17.51 23.93
C ASP B 192 11.70 19.00 24.23
N ARG B 193 12.68 19.80 23.82
CA ARG B 193 12.61 21.23 24.09
C ARG B 193 11.59 21.94 23.23
N VAL B 194 11.26 21.39 22.06
CA VAL B 194 10.35 22.03 21.12
C VAL B 194 9.35 21.00 20.66
N MET B 195 8.06 21.28 20.85
CA MET B 195 7.02 20.45 20.25
C MET B 195 6.47 21.18 19.04
N THR B 196 6.30 20.46 17.93
CA THR B 196 5.89 21.05 16.66
C THR B 196 4.53 20.49 16.27
N VAL B 197 3.47 21.18 16.66
CA VAL B 197 2.12 20.85 16.21
C VAL B 197 1.93 21.46 14.83
N SER B 198 1.62 20.61 13.84
CA SER B 198 1.54 21.02 12.44
C SER B 198 0.19 20.60 11.91
N PHE B 199 -0.62 21.58 11.50
CA PHE B 199 -1.92 21.34 10.87
C PHE B 199 -1.71 21.49 9.37
N HIS B 200 -1.86 20.39 8.63
CA HIS B 200 -1.44 20.41 7.24
C HIS B 200 -2.23 19.36 6.47
N LYS B 201 -2.27 19.54 5.15
CA LYS B 201 -2.89 18.56 4.28
C LYS B 201 -1.90 17.42 4.08
N TYR B 202 -2.39 16.19 4.23
CA TYR B 202 -1.54 15.01 4.13
C TYR B 202 -2.08 14.08 3.04
N GLY B 203 -1.17 13.31 2.46
CA GLY B 203 -1.51 12.40 1.39
C GLY B 203 -0.37 12.34 0.40
N GLU B 204 -0.69 12.48 -0.87
CA GLU B 204 0.31 12.58 -1.92
C GLU B 204 0.58 14.05 -2.22
N TYR B 205 1.00 14.75 -1.16
CA TYR B 205 1.26 16.18 -1.19
C TYR B 205 2.76 16.41 -1.26
N PHE B 206 3.15 17.68 -1.39
CA PHE B 206 4.53 18.05 -1.67
C PHE B 206 5.51 17.46 -0.64
N PRO B 207 5.39 17.80 0.65
CA PRO B 207 6.45 17.38 1.59
C PRO B 207 6.64 15.87 1.65
N GLY B 208 5.56 15.11 1.58
CA GLY B 208 5.64 13.67 1.68
C GLY B 208 5.76 13.15 3.09
N THR B 209 5.99 14.03 4.06
CA THR B 209 6.14 13.66 5.46
C THR B 209 4.98 14.24 6.27
N GLY B 210 4.96 13.90 7.54
CA GLY B 210 3.91 14.34 8.43
C GLY B 210 2.86 13.29 8.70
N ASP B 211 3.25 12.01 8.75
CA ASP B 211 2.31 10.94 9.01
C ASP B 211 1.81 10.99 10.43
N LEU B 212 0.59 10.48 10.63
CA LEU B 212 0.00 10.45 11.96
C LEU B 212 0.87 9.66 12.93
N ARG B 213 1.63 8.69 12.41
CA ARG B 213 2.50 7.86 13.23
C ARG B 213 3.88 8.48 13.44
N ASP B 214 4.18 9.59 12.75
CA ASP B 214 5.44 10.31 12.97
C ASP B 214 5.31 11.17 14.22
N ILE B 215 5.23 10.48 15.36
CA ILE B 215 4.98 11.15 16.64
C ILE B 215 6.25 11.51 17.38
N GLY B 216 7.42 11.11 16.88
CA GLY B 216 8.70 11.49 17.45
C GLY B 216 9.59 10.28 17.66
N ALA B 217 10.79 10.57 18.17
CA ALA B 217 11.77 9.53 18.47
C ALA B 217 12.77 10.06 19.47
N GLY B 218 13.47 9.13 20.12
CA GLY B 218 14.49 9.51 21.09
C GLY B 218 13.89 10.19 22.32
N LYS B 219 14.65 11.11 22.89
CA LYS B 219 14.18 11.84 24.07
C LYS B 219 12.92 12.62 23.77
N GLY B 220 12.78 13.13 22.56
CA GLY B 220 11.58 13.82 22.14
C GLY B 220 10.61 12.86 21.49
N LYS B 221 10.42 11.69 22.11
CA LYS B 221 9.58 10.66 21.51
C LYS B 221 8.14 11.12 21.33
N TYR B 222 7.58 11.80 22.33
CA TYR B 222 6.20 12.28 22.27
C TYR B 222 6.13 13.80 22.18
N TYR B 223 7.01 14.39 21.38
CA TYR B 223 7.10 15.83 21.20
C TYR B 223 7.03 16.20 19.72
N ALA B 224 6.18 15.50 18.96
CA ALA B 224 5.99 15.82 17.54
C ALA B 224 4.55 15.48 17.19
N VAL B 225 3.68 16.49 17.21
CA VAL B 225 2.26 16.33 16.93
C VAL B 225 1.97 16.77 15.50
N ASN B 226 1.33 15.90 14.73
CA ASN B 226 0.92 16.21 13.37
C ASN B 226 -0.56 15.88 13.22
N PHE B 227 -1.31 16.79 12.59
CA PHE B 227 -2.74 16.58 12.35
C PHE B 227 -2.96 16.52 10.85
N PRO B 228 -2.91 15.33 10.26
CA PRO B 228 -3.17 15.20 8.82
C PRO B 228 -4.59 15.64 8.47
N MET B 229 -4.73 16.27 7.30
CA MET B 229 -6.03 16.71 6.81
C MET B 229 -6.13 16.48 5.31
N ARG B 230 -7.37 16.41 4.84
CA ARG B 230 -7.66 16.29 3.42
C ARG B 230 -7.88 17.68 2.84
N ASP B 231 -8.37 17.75 1.60
CA ASP B 231 -8.54 19.02 0.90
C ASP B 231 -9.93 19.60 1.16
N GLY B 232 -9.96 20.92 1.41
CA GLY B 232 -11.22 21.63 1.50
C GLY B 232 -11.84 21.74 2.88
N ILE B 233 -11.02 21.85 3.93
CA ILE B 233 -11.55 21.97 5.28
C ILE B 233 -12.21 23.33 5.46
N ASP B 234 -13.42 23.34 6.04
CA ASP B 234 -14.17 24.58 6.18
C ASP B 234 -13.61 25.38 7.35
N ASP B 235 -14.20 26.56 7.56
CA ASP B 235 -13.80 27.40 8.67
C ASP B 235 -14.18 26.77 10.00
N GLU B 236 -15.42 26.30 10.11
CA GLU B 236 -15.93 25.77 11.37
C GLU B 236 -15.13 24.54 11.82
N SER B 237 -14.89 23.60 10.89
CA SER B 237 -14.15 22.40 11.24
C SER B 237 -12.73 22.74 11.68
N TYR B 238 -12.07 23.63 10.95
CA TYR B 238 -10.70 23.99 11.30
C TYR B 238 -10.64 24.65 12.67
N GLY B 239 -11.57 25.55 12.97
CA GLY B 239 -11.58 26.19 14.28
C GLY B 239 -11.89 25.21 15.40
N GLN B 240 -12.87 24.34 15.18
CA GLN B 240 -13.29 23.39 16.21
C GLN B 240 -12.23 22.31 16.45
N ILE B 241 -11.37 22.04 15.47
CA ILE B 241 -10.23 21.16 15.70
C ILE B 241 -9.02 21.91 16.24
N PHE B 242 -8.94 23.22 15.99
CA PHE B 242 -7.77 23.98 16.39
C PHE B 242 -7.81 24.36 17.85
N LYS B 243 -8.94 24.90 18.33
CA LYS B 243 -9.00 25.36 19.71
C LYS B 243 -8.75 24.24 20.72
N PRO B 244 -9.48 23.12 20.70
CA PRO B 244 -9.26 22.10 21.75
C PRO B 244 -7.90 21.44 21.67
N ILE B 245 -7.42 21.11 20.46
CA ILE B 245 -6.12 20.47 20.33
C ILE B 245 -5.03 21.36 20.91
N ILE B 246 -5.05 22.65 20.56
CA ILE B 246 -4.03 23.57 21.06
C ILE B 246 -4.14 23.72 22.57
N SER B 247 -5.36 23.82 23.08
CA SER B 247 -5.54 23.95 24.53
C SER B 247 -4.99 22.73 25.26
N LYS B 248 -5.31 21.53 24.76
CA LYS B 248 -4.82 20.30 25.38
C LYS B 248 -3.31 20.20 25.30
N VAL B 249 -2.73 20.58 24.15
CA VAL B 249 -1.28 20.53 23.98
C VAL B 249 -0.60 21.45 24.99
N MET B 250 -1.11 22.67 25.12
CA MET B 250 -0.51 23.60 26.06
C MET B 250 -0.67 23.13 27.49
N GLU B 251 -1.84 22.58 27.83
CA GLU B 251 -2.08 22.11 29.19
C GLU B 251 -1.11 20.99 29.55
N MET B 252 -0.86 20.09 28.60
CA MET B 252 0.05 18.98 28.88
C MET B 252 1.52 19.37 28.74
N TYR B 253 1.82 20.50 28.10
CA TYR B 253 3.19 20.86 27.76
C TYR B 253 3.72 22.12 28.42
N GLN B 254 2.85 23.07 28.80
CA GLN B 254 3.29 24.33 29.42
C GLN B 254 4.30 25.05 28.53
N PRO B 255 3.92 25.52 27.34
CA PRO B 255 4.86 26.25 26.50
C PRO B 255 5.23 27.60 27.10
N SER B 256 6.42 28.07 26.75
CA SER B 256 6.88 29.37 27.21
C SER B 256 6.79 30.46 26.15
N ALA B 257 6.94 30.09 24.87
CA ALA B 257 6.87 31.07 23.78
C ALA B 257 6.50 30.31 22.52
N VAL B 258 5.33 30.62 21.96
CA VAL B 258 4.79 29.88 20.82
C VAL B 258 5.12 30.60 19.53
N VAL B 259 5.43 29.82 18.49
CA VAL B 259 5.77 30.31 17.17
C VAL B 259 4.69 29.86 16.22
N LEU B 260 3.83 30.79 15.79
CA LEU B 260 2.75 30.52 14.86
C LEU B 260 3.20 30.87 13.46
N GLN B 261 3.23 29.87 12.56
CA GLN B 261 3.52 30.11 11.16
C GLN B 261 2.17 30.08 10.43
N CYS B 262 1.71 31.26 10.06
CA CYS B 262 0.46 31.43 9.32
C CYS B 262 0.76 31.40 7.83
N GLY B 263 0.10 30.52 7.12
CA GLY B 263 0.29 30.46 5.68
C GLY B 263 -0.98 30.81 4.95
N ALA B 264 -0.98 31.97 4.29
CA ALA B 264 -2.16 32.42 3.57
C ALA B 264 -2.53 31.51 2.41
N ASP B 265 -1.61 30.62 2.00
CA ASP B 265 -1.95 29.58 1.03
C ASP B 265 -3.03 28.64 1.55
N SER B 266 -3.41 28.76 2.83
CA SER B 266 -4.51 28.02 3.40
C SER B 266 -5.86 28.65 3.07
N LEU B 267 -5.89 29.84 2.49
CA LEU B 267 -7.14 30.51 2.19
C LEU B 267 -7.80 29.87 0.97
N SER B 268 -9.11 30.08 0.87
CA SER B 268 -9.84 29.58 -0.28
C SER B 268 -9.52 30.40 -1.52
N GLY B 269 -9.30 29.71 -2.63
CA GLY B 269 -8.97 30.37 -3.87
C GLY B 269 -7.50 30.59 -4.13
N ASP B 270 -6.61 30.04 -3.31
CA ASP B 270 -5.19 30.21 -3.55
C ASP B 270 -4.78 29.48 -4.83
N ARG B 271 -3.74 30.03 -5.48
CA ARG B 271 -3.29 29.54 -6.77
C ARG B 271 -2.46 28.26 -6.66
N LEU B 272 -2.11 27.82 -5.46
CA LEU B 272 -1.47 26.53 -5.25
C LEU B 272 -2.23 25.63 -4.29
N GLY B 273 -2.75 26.18 -3.20
CA GLY B 273 -3.37 25.36 -2.17
C GLY B 273 -4.78 24.93 -2.54
N CYS B 274 -5.38 24.13 -1.64
CA CYS B 274 -6.72 23.61 -1.85
C CYS B 274 -7.57 23.66 -0.59
N PHE B 275 -7.21 24.47 0.40
CA PHE B 275 -8.05 24.65 1.57
C PHE B 275 -9.14 25.68 1.31
N ASN B 276 -10.16 25.68 2.16
CA ASN B 276 -11.33 26.52 1.98
C ASN B 276 -11.50 27.55 3.09
N LEU B 277 -10.42 27.84 3.84
CA LEU B 277 -10.50 28.83 4.90
C LEU B 277 -10.75 30.22 4.35
N THR B 278 -11.57 30.99 5.06
CA THR B 278 -11.79 32.40 4.77
C THR B 278 -10.88 33.26 5.65
N VAL B 279 -10.91 34.56 5.38
CA VAL B 279 -10.14 35.51 6.18
C VAL B 279 -10.57 35.47 7.64
N LYS B 280 -11.89 35.48 7.89
CA LYS B 280 -12.40 35.39 9.26
C LYS B 280 -11.93 34.10 9.94
N GLY B 281 -12.04 32.97 9.23
CA GLY B 281 -11.61 31.72 9.82
C GLY B 281 -10.12 31.68 10.09
N HIS B 282 -9.34 32.28 9.20
CA HIS B 282 -7.90 32.30 9.40
C HIS B 282 -7.52 33.19 10.58
N ALA B 283 -8.28 34.26 10.81
CA ALA B 283 -8.01 35.10 11.97
C ALA B 283 -8.58 34.52 13.25
N LYS B 284 -9.52 33.58 13.14
CA LYS B 284 -10.01 32.90 14.33
C LYS B 284 -8.91 32.12 15.01
N CYS B 285 -8.02 31.51 14.23
CA CYS B 285 -6.91 30.75 14.83
C CYS B 285 -5.93 31.64 15.57
N VAL B 286 -5.56 32.79 14.98
CA VAL B 286 -4.63 33.68 15.66
C VAL B 286 -5.27 34.24 16.92
N GLU B 287 -6.56 34.58 16.86
CA GLU B 287 -7.22 35.07 18.07
C GLU B 287 -7.29 33.98 19.14
N VAL B 288 -7.54 32.74 18.73
CA VAL B 288 -7.55 31.62 19.67
C VAL B 288 -6.21 31.51 20.38
N VAL B 289 -5.11 31.56 19.61
CA VAL B 289 -3.80 31.50 20.24
C VAL B 289 -3.55 32.72 21.13
N LYS B 290 -4.10 33.88 20.76
CA LYS B 290 -3.98 35.06 21.61
C LYS B 290 -4.67 34.87 22.96
N THR B 291 -5.79 34.15 22.99
CA THR B 291 -6.51 33.98 24.26
C THR B 291 -5.59 33.45 25.36
N PHE B 292 -4.65 32.58 25.01
CA PHE B 292 -3.78 31.98 26.02
C PHE B 292 -2.76 32.96 26.57
N ASN B 293 -2.53 34.09 25.88
CA ASN B 293 -1.70 35.19 26.37
C ASN B 293 -0.25 34.77 26.62
N LEU B 294 0.36 34.16 25.61
CA LEU B 294 1.78 33.83 25.63
C LEU B 294 2.49 34.55 24.49
N PRO B 295 3.81 34.73 24.59
CA PRO B 295 4.55 35.33 23.46
C PRO B 295 4.29 34.57 22.17
N LEU B 296 3.95 35.33 21.12
CA LEU B 296 3.50 34.79 19.85
C LEU B 296 4.35 35.35 18.71
N LEU B 297 5.27 34.55 18.19
CA LEU B 297 5.96 34.92 16.95
C LEU B 297 5.04 34.59 15.77
N MET B 298 5.05 35.45 14.76
CA MET B 298 4.12 35.34 13.63
C MET B 298 4.88 35.35 12.32
N LEU B 299 5.02 34.17 11.69
CA LEU B 299 5.73 34.06 10.43
C LEU B 299 4.74 33.85 9.30
N GLY B 300 4.80 34.71 8.29
CA GLY B 300 3.89 34.64 7.17
C GLY B 300 4.47 33.86 6.00
N GLY B 301 4.03 32.61 5.83
CA GLY B 301 4.52 31.76 4.78
C GLY B 301 3.53 31.60 3.63
N GLY B 302 3.96 30.84 2.64
CA GLY B 302 3.12 30.61 1.46
C GLY B 302 2.82 31.90 0.73
N GLY B 303 1.53 32.22 0.61
CA GLY B 303 1.13 33.47 0.00
C GLY B 303 1.31 33.53 -1.51
N TYR B 304 0.48 32.78 -2.23
CA TYR B 304 0.62 32.66 -3.68
C TYR B 304 -0.43 33.42 -4.48
N THR B 305 -1.72 33.31 -4.13
CA THR B 305 -2.75 34.16 -4.72
C THR B 305 -2.66 35.51 -4.03
N ILE B 306 -2.11 36.50 -4.75
CA ILE B 306 -1.65 37.71 -4.07
C ILE B 306 -2.78 38.56 -3.50
N ARG B 307 -3.99 38.49 -4.08
CA ARG B 307 -5.11 39.26 -3.53
C ARG B 307 -5.60 38.68 -2.20
N ASN B 308 -5.94 37.40 -2.19
CA ASN B 308 -6.44 36.79 -0.96
C ASN B 308 -5.39 36.86 0.14
N VAL B 309 -4.13 36.65 -0.23
CA VAL B 309 -3.03 36.70 0.72
C VAL B 309 -2.89 38.10 1.29
N ALA B 310 -2.93 39.12 0.44
CA ALA B 310 -2.80 40.48 0.94
C ALA B 310 -3.93 40.82 1.91
N ARG B 311 -5.16 40.49 1.54
CA ARG B 311 -6.29 40.78 2.42
C ARG B 311 -6.17 40.02 3.73
N CYS B 312 -5.82 38.73 3.67
CA CYS B 312 -5.71 37.94 4.88
C CYS B 312 -4.64 38.49 5.81
N TRP B 313 -3.45 38.79 5.28
CA TRP B 313 -2.39 39.28 6.14
C TRP B 313 -2.71 40.64 6.73
N THR B 314 -3.34 41.53 5.96
CA THR B 314 -3.75 42.81 6.55
C THR B 314 -4.77 42.59 7.67
N TYR B 315 -5.73 41.68 7.46
CA TYR B 315 -6.71 41.41 8.52
C TYR B 315 -6.01 40.81 9.74
N GLU B 316 -5.02 39.93 9.52
CA GLU B 316 -4.33 39.33 10.64
C GLU B 316 -3.58 40.39 11.43
N THR B 317 -3.03 41.37 10.72
CA THR B 317 -2.40 42.52 11.39
C THR B 317 -3.43 43.30 12.19
N ALA B 318 -4.62 43.49 11.64
CA ALA B 318 -5.69 44.16 12.38
C ALA B 318 -6.05 43.40 13.65
N VAL B 319 -6.16 42.07 13.55
CA VAL B 319 -6.45 41.24 14.72
C VAL B 319 -5.35 41.40 15.75
N ALA B 320 -4.09 41.37 15.30
CA ALA B 320 -2.97 41.60 16.20
C ALA B 320 -3.06 42.96 16.88
N LEU B 321 -3.67 43.95 16.22
CA LEU B 321 -3.82 45.25 16.83
C LEU B 321 -5.11 45.39 17.62
N ASP B 322 -5.99 44.37 17.57
CA ASP B 322 -7.28 44.39 18.26
C ASP B 322 -8.10 45.62 17.84
N CYS B 323 -8.11 45.89 16.54
CA CYS B 323 -8.83 47.00 15.94
C CYS B 323 -9.90 46.48 14.98
N GLU B 324 -10.71 47.41 14.48
CA GLU B 324 -11.81 47.10 13.57
C GLU B 324 -11.50 47.71 12.21
N ILE B 325 -11.70 46.93 11.16
CA ILE B 325 -11.46 47.37 9.78
C ILE B 325 -12.71 47.11 8.94
N PRO B 326 -13.22 48.10 8.22
CA PRO B 326 -14.43 47.90 7.42
C PRO B 326 -14.21 46.88 6.30
N ASN B 327 -15.31 46.20 5.95
CA ASN B 327 -15.27 45.23 4.86
C ASN B 327 -15.00 45.91 3.51
N GLU B 328 -15.58 47.08 3.29
CA GLU B 328 -15.42 47.80 2.03
C GLU B 328 -14.00 48.35 1.92
N LEU B 329 -13.21 47.78 1.00
CA LEU B 329 -11.83 48.19 0.83
C LEU B 329 -11.73 49.61 0.30
N PRO B 330 -10.91 50.47 0.91
CA PRO B 330 -10.73 51.81 0.36
C PRO B 330 -9.88 51.71 -0.90
N TYR B 331 -10.13 52.61 -1.86
CA TYR B 331 -9.39 52.55 -3.11
C TYR B 331 -7.90 52.55 -2.83
N ASN B 332 -7.24 51.43 -3.13
CA ASN B 332 -5.84 51.22 -2.80
C ASN B 332 -4.99 51.37 -4.06
N ASP B 333 -3.68 51.16 -3.90
CA ASP B 333 -2.76 51.22 -5.03
C ASP B 333 -3.03 50.12 -6.03
N TYR B 334 -3.47 48.95 -5.56
CA TYR B 334 -3.70 47.78 -6.40
C TYR B 334 -5.17 47.39 -6.44
N PHE B 335 -6.06 48.37 -6.34
CA PHE B 335 -7.49 48.09 -6.33
C PHE B 335 -7.92 47.35 -7.59
N GLU B 336 -7.28 47.62 -8.73
CA GLU B 336 -7.60 46.93 -9.97
C GLU B 336 -7.50 45.42 -9.80
N TYR B 337 -6.52 44.95 -9.04
CA TYR B 337 -6.42 43.52 -8.75
C TYR B 337 -7.59 43.05 -7.91
N PHE B 338 -8.00 43.85 -6.91
CA PHE B 338 -9.10 43.46 -6.04
C PHE B 338 -10.42 43.32 -6.79
N GLY B 339 -10.56 43.96 -7.94
CA GLY B 339 -11.67 43.73 -8.82
C GLY B 339 -12.94 44.45 -8.42
N PRO B 340 -14.05 44.06 -9.03
CA PRO B 340 -15.32 44.77 -8.78
C PRO B 340 -15.86 44.62 -7.37
N ASP B 341 -15.50 43.53 -6.67
CA ASP B 341 -16.10 43.28 -5.36
C ASP B 341 -15.79 44.38 -4.37
N PHE B 342 -14.54 44.85 -4.32
CA PHE B 342 -14.05 45.87 -3.40
C PHE B 342 -14.07 45.41 -1.93
N LYS B 343 -14.42 44.15 -1.67
CA LYS B 343 -14.59 43.68 -0.30
C LYS B 343 -13.27 43.22 0.30
N LEU B 344 -13.11 43.45 1.60
CA LEU B 344 -11.92 43.00 2.31
C LEU B 344 -12.00 41.51 2.65
N HIS B 345 -13.19 40.94 2.60
CA HIS B 345 -13.38 39.53 2.88
C HIS B 345 -13.65 38.79 1.59
N ILE B 346 -13.34 37.50 1.58
CA ILE B 346 -13.52 36.64 0.42
C ILE B 346 -14.55 35.58 0.74
N SER B 347 -15.52 35.42 -0.15
CA SER B 347 -16.55 34.40 0.06
C SER B 347 -15.96 33.02 -0.20
N PRO B 348 -16.23 32.04 0.67
CA PRO B 348 -15.65 30.72 0.48
C PRO B 348 -16.16 30.05 -0.79
N SER B 349 -15.32 29.21 -1.38
CA SER B 349 -15.69 28.50 -2.60
C SER B 349 -16.70 27.39 -2.26
N ASN B 350 -17.18 26.72 -3.30
CA ASN B 350 -18.18 25.67 -3.17
C ASN B 350 -17.57 24.27 -3.22
N MET B 351 -16.35 24.12 -2.73
CA MET B 351 -15.69 22.82 -2.74
C MET B 351 -16.09 21.99 -1.52
N THR B 352 -16.07 20.68 -1.69
CA THR B 352 -16.49 19.76 -0.64
C THR B 352 -15.39 19.60 0.41
N ASN B 353 -15.79 19.50 1.67
CA ASN B 353 -14.87 19.21 2.77
C ASN B 353 -14.77 17.70 2.95
N GLN B 354 -13.58 17.16 2.68
CA GLN B 354 -13.38 15.72 2.77
C GLN B 354 -13.13 15.25 4.20
N ASN B 355 -13.00 16.16 5.16
CA ASN B 355 -12.71 15.81 6.54
C ASN B 355 -14.04 15.63 7.28
N THR B 356 -14.51 14.38 7.31
CA THR B 356 -15.73 14.07 8.02
C THR B 356 -15.53 14.19 9.52
N PRO B 357 -16.60 14.48 10.28
CA PRO B 357 -16.43 14.59 11.74
C PRO B 357 -15.91 13.33 12.41
N GLU B 358 -16.24 12.13 11.91
CA GLU B 358 -15.69 10.92 12.50
C GLU B 358 -14.18 10.86 12.33
N TYR B 359 -13.68 11.19 11.15
CA TYR B 359 -12.24 11.21 10.89
C TYR B 359 -11.53 12.21 11.79
N MET B 360 -12.07 13.42 11.86
CA MET B 360 -11.51 14.48 12.70
C MET B 360 -11.53 14.08 14.18
N GLU B 361 -12.63 13.48 14.62
CA GLU B 361 -12.79 13.08 16.01
C GLU B 361 -11.80 11.97 16.36
N LYS B 362 -11.63 11.01 15.46
CA LYS B 362 -10.69 9.91 15.68
C LYS B 362 -9.26 10.41 15.75
N ILE B 363 -8.87 11.30 14.85
CA ILE B 363 -7.50 11.83 14.89
C ILE B 363 -7.31 12.64 16.17
N LYS B 364 -8.33 13.37 16.60
CA LYS B 364 -8.22 14.13 17.84
C LYS B 364 -8.03 13.20 19.03
N GLN B 365 -8.75 12.07 19.04
CA GLN B 365 -8.56 11.10 20.13
C GLN B 365 -7.17 10.48 20.10
N ARG B 366 -6.65 10.18 18.91
CA ARG B 366 -5.29 9.66 18.83
C ARG B 366 -4.28 10.68 19.36
N LEU B 367 -4.46 11.95 19.00
CA LEU B 367 -3.54 12.98 19.48
C LEU B 367 -3.64 13.16 21.00
N PHE B 368 -4.86 13.11 21.55
CA PHE B 368 -5.00 13.17 23.00
C PHE B 368 -4.31 11.98 23.68
N GLU B 369 -4.48 10.79 23.10
CA GLU B 369 -3.82 9.62 23.66
C GLU B 369 -2.31 9.80 23.65
N ASN B 370 -1.76 10.26 22.53
CA ASN B 370 -0.31 10.47 22.47
C ASN B 370 0.15 11.55 23.44
N LEU B 371 -0.71 12.54 23.71
CA LEU B 371 -0.35 13.59 24.66
C LEU B 371 -0.39 13.09 26.10
N ARG B 372 -1.20 12.07 26.38
CA ARG B 372 -1.22 11.53 27.74
C ARG B 372 0.10 10.91 28.20
N MET B 373 1.02 10.59 27.28
CA MET B 373 2.33 10.07 27.68
C MET B 373 3.35 11.16 27.94
N LEU B 374 2.91 12.41 28.11
CA LEU B 374 3.82 13.51 28.33
C LEU B 374 4.28 13.52 29.78
N PRO B 375 5.59 13.40 30.06
CA PRO B 375 6.13 13.45 31.42
C PRO B 375 5.91 14.82 32.07
N PHE C 16 -28.01 -26.82 8.72
CA PHE C 16 -28.40 -28.22 8.82
C PHE C 16 -29.89 -28.45 8.61
N VAL C 17 -30.68 -27.37 8.61
CA VAL C 17 -32.12 -27.46 8.44
C VAL C 17 -32.60 -26.64 7.26
N ASN C 18 -32.13 -25.40 7.11
CA ASN C 18 -32.64 -24.53 6.06
C ASN C 18 -31.53 -23.64 5.53
N TYR C 19 -31.42 -23.53 4.21
CA TYR C 19 -30.46 -22.66 3.55
C TYR C 19 -30.92 -22.52 2.10
N THR C 20 -30.59 -21.41 1.47
CA THR C 20 -30.88 -21.22 0.06
C THR C 20 -29.65 -21.54 -0.77
N PHE C 21 -29.85 -22.35 -1.82
CA PHE C 21 -28.81 -22.79 -2.73
C PHE C 21 -28.99 -22.04 -4.04
N LYS C 22 -28.05 -21.15 -4.35
CA LYS C 22 -28.02 -20.38 -5.59
C LYS C 22 -26.84 -20.87 -6.43
N ASP C 23 -27.15 -21.49 -7.57
CA ASP C 23 -26.12 -22.04 -8.45
C ASP C 23 -25.70 -20.97 -9.46
N ARG C 24 -24.52 -20.39 -9.27
CA ARG C 24 -24.05 -19.35 -10.18
C ARG C 24 -23.75 -19.88 -11.57
N SER C 25 -23.63 -21.19 -11.74
CA SER C 25 -23.30 -21.79 -13.03
C SER C 25 -24.52 -22.32 -13.77
N HIS C 26 -25.73 -22.09 -13.26
CA HIS C 26 -26.93 -22.55 -13.95
C HIS C 26 -27.05 -21.92 -15.33
N SER C 27 -26.87 -20.61 -15.41
CA SER C 27 -27.00 -19.92 -16.70
C SER C 27 -25.94 -20.41 -17.69
N GLY C 28 -24.70 -20.56 -17.23
CA GLY C 28 -23.66 -21.05 -18.12
C GLY C 28 -23.96 -22.44 -18.64
N ARG C 29 -24.36 -23.34 -17.74
CA ARG C 29 -24.66 -24.71 -18.14
C ARG C 29 -25.82 -24.75 -19.14
N VAL C 30 -26.90 -24.02 -18.85
CA VAL C 30 -28.06 -24.06 -19.73
C VAL C 30 -27.71 -23.46 -21.09
N ALA C 31 -26.95 -22.36 -21.11
CA ALA C 31 -26.58 -21.73 -22.37
C ALA C 31 -25.70 -22.66 -23.20
N GLN C 32 -24.70 -23.27 -22.58
CA GLN C 32 -23.83 -24.18 -23.32
C GLN C 32 -24.61 -25.37 -23.86
N GLY C 33 -25.50 -25.93 -23.04
CA GLY C 33 -26.29 -27.07 -23.50
C GLY C 33 -27.25 -26.71 -24.63
N ILE C 34 -27.93 -25.56 -24.55
CA ILE C 34 -28.81 -25.17 -25.64
C ILE C 34 -28.00 -24.96 -26.91
N MET C 35 -26.87 -24.26 -26.81
CA MET C 35 -25.99 -24.08 -27.97
C MET C 35 -25.65 -25.43 -28.60
N LYS C 36 -25.15 -26.37 -27.79
CA LYS C 36 -24.69 -27.65 -28.32
C LYS C 36 -25.84 -28.41 -28.98
N LEU C 37 -26.95 -28.59 -28.25
CA LEU C 37 -28.04 -29.40 -28.79
C LEU C 37 -28.65 -28.76 -30.03
N CYS C 38 -28.86 -27.44 -30.02
CA CYS C 38 -29.47 -26.78 -31.17
C CYS C 38 -28.56 -26.85 -32.39
N LEU C 39 -27.27 -26.51 -32.22
CA LEU C 39 -26.35 -26.52 -33.36
C LEU C 39 -26.16 -27.93 -33.91
N GLU C 40 -26.03 -28.93 -33.04
CA GLU C 40 -25.75 -30.29 -33.48
C GLU C 40 -26.99 -31.10 -33.84
N GLU C 41 -28.19 -30.57 -33.65
CA GLU C 41 -29.40 -31.31 -34.02
C GLU C 41 -29.90 -30.89 -35.40
N ARG C 60 -37.50 -21.82 -30.66
CA ARG C 60 -38.23 -20.58 -30.41
C ARG C 60 -37.83 -19.95 -29.08
N LEU C 61 -37.49 -20.79 -28.10
CA LEU C 61 -37.13 -20.28 -26.78
C LEU C 61 -35.87 -19.44 -26.83
N VAL C 62 -34.87 -19.88 -27.61
CA VAL C 62 -33.59 -19.17 -27.66
C VAL C 62 -33.78 -17.77 -28.21
N LEU C 63 -34.56 -17.64 -29.29
CA LEU C 63 -34.79 -16.32 -29.88
C LEU C 63 -35.70 -15.47 -29.00
N SER C 64 -36.79 -16.07 -28.49
CA SER C 64 -37.73 -15.32 -27.67
C SER C 64 -37.08 -14.82 -26.38
N ALA C 65 -36.03 -15.50 -25.91
CA ALA C 65 -35.33 -15.06 -24.71
C ALA C 65 -34.38 -13.90 -24.96
N GLN C 66 -34.16 -13.53 -26.22
CA GLN C 66 -33.31 -12.41 -26.57
C GLN C 66 -34.04 -11.28 -27.26
N SER C 67 -35.08 -11.58 -28.03
CA SER C 67 -35.79 -10.60 -28.85
C SER C 67 -37.27 -10.60 -28.50
N CYS C 68 -37.81 -9.41 -28.21
CA CYS C 68 -39.23 -9.27 -27.91
C CYS C 68 -40.10 -9.50 -29.15
N PHE C 69 -39.66 -9.03 -30.32
CA PHE C 69 -40.47 -9.18 -31.52
C PHE C 69 -40.64 -10.64 -31.94
N PHE C 70 -39.56 -11.43 -31.88
CA PHE C 70 -39.69 -12.85 -32.14
C PHE C 70 -40.64 -13.50 -31.14
N ARG C 71 -40.55 -13.08 -29.87
CA ARG C 71 -41.47 -13.58 -28.85
C ARG C 71 -42.91 -13.26 -29.25
N SER C 72 -43.16 -12.06 -29.76
CA SER C 72 -44.51 -11.68 -30.16
C SER C 72 -45.00 -12.55 -31.31
N MET C 73 -44.15 -12.78 -32.32
CA MET C 73 -44.59 -13.57 -33.46
C MET C 73 -44.58 -15.06 -33.16
N PHE C 74 -43.65 -15.54 -32.34
CA PHE C 74 -43.61 -16.95 -31.98
C PHE C 74 -44.78 -17.31 -31.06
N GLN C 89 -38.02 -11.29 -45.11
CA GLN C 89 -38.16 -10.47 -46.31
C GLN C 89 -37.16 -9.33 -46.31
N ASP C 90 -37.22 -8.50 -45.26
CA ASP C 90 -36.32 -7.36 -45.15
C ASP C 90 -34.87 -7.80 -45.04
N VAL C 91 -34.61 -8.86 -44.28
CA VAL C 91 -33.26 -9.33 -44.04
C VAL C 91 -32.88 -10.33 -45.12
N SER C 92 -31.59 -10.39 -45.43
CA SER C 92 -31.06 -11.32 -46.42
C SER C 92 -30.63 -12.63 -45.75
N GLU C 93 -30.48 -13.67 -46.56
CA GLU C 93 -30.06 -14.96 -46.04
C GLU C 93 -28.69 -14.88 -45.39
N SER C 94 -27.74 -14.19 -46.03
CA SER C 94 -26.41 -14.04 -45.46
C SER C 94 -26.45 -13.29 -44.14
N VAL C 95 -27.24 -12.21 -44.08
CA VAL C 95 -27.37 -11.46 -42.83
C VAL C 95 -28.13 -12.27 -41.79
N PHE C 96 -29.16 -13.00 -42.21
CA PHE C 96 -29.92 -13.82 -41.27
C PHE C 96 -29.07 -14.94 -40.70
N GLN C 97 -28.05 -15.39 -41.44
CA GLN C 97 -27.12 -16.37 -40.89
C GLN C 97 -26.40 -15.81 -39.66
N LEU C 98 -25.86 -14.60 -39.78
CA LEU C 98 -25.23 -13.97 -38.63
C LEU C 98 -26.25 -13.66 -37.54
N LEU C 99 -27.49 -13.33 -37.93
CA LEU C 99 -28.54 -13.09 -36.95
C LEU C 99 -28.79 -14.33 -36.10
N VAL C 100 -28.97 -15.49 -36.73
CA VAL C 100 -29.21 -16.71 -35.97
C VAL C 100 -27.96 -17.12 -35.20
N ASP C 101 -26.77 -16.88 -35.76
CA ASP C 101 -25.54 -17.16 -35.03
C ASP C 101 -25.46 -16.33 -33.75
N TYR C 102 -25.93 -15.08 -33.80
CA TYR C 102 -25.98 -14.25 -32.61
C TYR C 102 -27.07 -14.72 -31.65
N ILE C 103 -28.20 -15.19 -32.20
CA ILE C 103 -29.29 -15.66 -31.36
C ILE C 103 -28.83 -16.86 -30.52
N TYR C 104 -28.22 -17.84 -31.16
CA TYR C 104 -27.86 -19.07 -30.47
C TYR C 104 -26.46 -19.00 -29.85
N HIS C 105 -25.47 -18.58 -30.61
CA HIS C 105 -24.08 -18.62 -30.15
C HIS C 105 -23.55 -17.28 -29.68
N GLY C 106 -24.08 -16.18 -30.18
CA GLY C 106 -23.59 -14.86 -29.83
C GLY C 106 -22.24 -14.49 -30.39
N THR C 107 -21.83 -15.12 -31.50
CA THR C 107 -20.55 -14.84 -32.13
C THR C 107 -20.81 -13.97 -33.36
N VAL C 108 -20.37 -12.72 -33.31
CA VAL C 108 -20.67 -11.73 -34.34
C VAL C 108 -19.36 -11.09 -34.78
N LYS C 109 -18.96 -11.32 -36.02
CA LYS C 109 -17.94 -10.52 -36.67
C LYS C 109 -18.55 -9.84 -37.88
N LEU C 110 -18.07 -8.62 -38.17
CA LEU C 110 -18.57 -7.82 -39.27
C LEU C 110 -17.49 -7.59 -40.32
N ARG C 111 -17.95 -7.45 -41.55
CA ARG C 111 -17.19 -6.87 -42.65
C ARG C 111 -17.89 -5.57 -43.05
N ALA C 112 -17.08 -4.61 -43.51
CA ALA C 112 -17.55 -3.22 -43.60
C ALA C 112 -18.82 -3.08 -44.44
N GLU C 113 -19.07 -3.98 -45.37
CA GLU C 113 -20.14 -3.81 -46.36
C GLU C 113 -21.52 -4.24 -45.87
N GLU C 114 -21.67 -4.75 -44.63
CA GLU C 114 -22.96 -5.25 -44.18
C GLU C 114 -23.59 -4.43 -43.06
N LEU C 115 -22.89 -3.41 -42.53
CA LEU C 115 -23.40 -2.64 -41.40
C LEU C 115 -24.84 -2.23 -41.62
N GLN C 116 -25.16 -1.74 -42.82
CA GLN C 116 -26.51 -1.34 -43.17
C GLN C 116 -27.53 -2.35 -42.64
N GLU C 117 -27.46 -3.59 -43.13
CA GLU C 117 -28.42 -4.58 -42.68
C GLU C 117 -28.23 -4.89 -41.22
N ILE C 118 -26.98 -5.04 -40.78
CA ILE C 118 -26.69 -5.28 -39.37
C ILE C 118 -27.31 -4.20 -38.50
N TYR C 119 -27.58 -3.03 -39.09
CA TYR C 119 -28.36 -2.02 -38.39
C TYR C 119 -29.86 -2.31 -38.50
N GLU C 120 -30.38 -2.30 -39.73
CA GLU C 120 -31.81 -2.37 -39.98
C GLU C 120 -32.44 -3.56 -39.28
N VAL C 121 -31.97 -4.77 -39.61
CA VAL C 121 -32.52 -5.97 -39.00
C VAL C 121 -32.42 -5.89 -37.48
N SER C 122 -31.24 -5.49 -36.98
CA SER C 122 -31.06 -5.47 -35.54
C SER C 122 -31.90 -4.43 -34.84
N ASP C 123 -32.52 -3.50 -35.58
CA ASP C 123 -33.49 -2.59 -34.99
C ASP C 123 -34.92 -3.02 -35.23
N MET C 124 -35.16 -3.91 -36.18
CA MET C 124 -36.52 -4.38 -36.51
C MET C 124 -36.82 -5.72 -35.86
N TYR C 125 -35.91 -6.68 -35.98
CA TYR C 125 -36.12 -8.01 -35.42
C TYR C 125 -36.02 -8.01 -33.89
N GLN C 126 -35.18 -7.15 -33.31
CA GLN C 126 -34.91 -7.22 -31.89
C GLN C 126 -34.41 -5.88 -31.39
N LEU C 127 -34.37 -5.74 -30.07
CA LEU C 127 -33.75 -4.60 -29.41
C LEU C 127 -32.50 -5.02 -28.65
N THR C 128 -31.82 -6.05 -29.15
CA THR C 128 -30.69 -6.66 -28.46
C THR C 128 -29.49 -5.71 -28.44
N SER C 129 -28.43 -6.14 -27.74
CA SER C 129 -27.17 -5.41 -27.75
C SER C 129 -26.52 -5.39 -29.12
N LEU C 130 -26.99 -6.25 -30.03
CA LEU C 130 -26.49 -6.22 -31.41
C LEU C 130 -26.81 -4.88 -32.05
N PHE C 131 -28.03 -4.40 -31.85
CA PHE C 131 -28.41 -3.10 -32.41
C PHE C 131 -27.56 -1.99 -31.84
N GLU C 132 -27.33 -2.01 -30.53
CA GLU C 132 -26.49 -0.98 -29.91
C GLU C 132 -25.08 -1.01 -30.48
N GLU C 133 -24.51 -2.21 -30.61
CA GLU C 133 -23.14 -2.30 -31.13
C GLU C 133 -23.06 -1.88 -32.59
N CYS C 134 -24.00 -2.32 -33.41
CA CYS C 134 -23.97 -1.94 -34.82
C CYS C 134 -24.18 -0.45 -35.01
N SER C 135 -25.12 0.15 -34.26
CA SER C 135 -25.34 1.58 -34.37
C SER C 135 -24.14 2.38 -33.88
N ARG C 136 -23.52 1.96 -32.77
CA ARG C 136 -22.29 2.63 -32.34
C ARG C 136 -21.19 2.50 -33.39
N PHE C 137 -21.07 1.33 -34.00
CA PHE C 137 -20.05 1.11 -35.02
C PHE C 137 -20.28 2.01 -36.24
N LEU C 138 -21.53 2.17 -36.66
CA LEU C 138 -21.83 3.08 -37.75
C LEU C 138 -21.45 4.50 -37.38
N ALA C 139 -21.68 4.90 -36.14
CA ALA C 139 -21.31 6.23 -35.65
C ALA C 139 -19.83 6.51 -35.86
N GLY C 145 -19.00 12.51 -46.31
CA GLY C 145 -19.24 11.60 -47.42
C GLY C 145 -20.47 10.74 -47.22
N ASN C 146 -20.57 10.10 -46.05
CA ASN C 146 -21.69 9.25 -45.71
C ASN C 146 -22.58 9.85 -44.63
N CYS C 147 -22.26 11.05 -44.14
CA CYS C 147 -23.04 11.66 -43.06
C CYS C 147 -24.48 11.90 -43.48
N LEU C 148 -24.70 12.38 -44.71
CA LEU C 148 -26.05 12.73 -45.15
C LEU C 148 -26.98 11.53 -45.18
N GLN C 149 -26.43 10.33 -45.34
CA GLN C 149 -27.24 9.12 -45.39
C GLN C 149 -27.48 8.54 -44.00
N VAL C 150 -26.44 8.57 -43.16
CA VAL C 150 -26.56 8.08 -41.79
C VAL C 150 -27.49 8.98 -40.98
N MET C 151 -27.54 10.28 -41.30
CA MET C 151 -28.54 11.15 -40.68
C MET C 151 -29.95 10.61 -40.94
N TRP C 152 -30.27 10.31 -42.20
CA TRP C 152 -31.60 9.81 -42.54
C TRP C 152 -31.85 8.45 -41.88
N LEU C 153 -30.84 7.59 -41.86
CA LEU C 153 -31.01 6.28 -41.22
C LEU C 153 -31.31 6.42 -39.73
N ALA C 154 -30.53 7.25 -39.03
CA ALA C 154 -30.76 7.46 -37.60
C ALA C 154 -32.12 8.10 -37.34
N ASP C 155 -32.51 9.06 -38.19
CA ASP C 155 -33.82 9.69 -38.02
C ASP C 155 -34.94 8.68 -38.22
N ARG C 156 -34.82 7.83 -39.23
CA ARG C 156 -35.88 6.87 -39.52
C ARG C 156 -35.96 5.76 -38.49
N HIS C 157 -34.83 5.43 -37.86
CA HIS C 157 -34.80 4.35 -36.87
C HIS C 157 -34.71 4.87 -35.44
N SER C 158 -34.85 6.17 -35.21
CA SER C 158 -34.97 6.76 -33.88
C SER C 158 -33.80 6.34 -32.99
N ASP C 159 -32.59 6.70 -33.41
CA ASP C 159 -31.39 6.43 -32.62
C ASP C 159 -30.84 7.75 -32.11
N PRO C 160 -31.02 8.08 -30.83
CA PRO C 160 -30.51 9.35 -30.30
C PRO C 160 -29.01 9.39 -30.04
N GLU C 161 -28.27 8.37 -30.45
CA GLU C 161 -26.81 8.34 -30.32
C GLU C 161 -26.10 8.45 -31.66
N LEU C 162 -26.56 7.71 -32.67
CA LEU C 162 -26.04 7.87 -34.02
C LEU C 162 -26.38 9.23 -34.59
N TYR C 163 -27.54 9.77 -34.22
CA TYR C 163 -27.99 11.05 -34.76
C TYR C 163 -27.05 12.18 -34.39
N THR C 164 -26.59 12.24 -33.14
CA THR C 164 -25.72 13.34 -32.73
C THR C 164 -24.34 13.22 -33.37
N ALA C 165 -23.80 12.00 -33.47
CA ALA C 165 -22.51 11.81 -34.12
C ALA C 165 -22.59 12.22 -35.59
N ALA C 166 -23.72 11.89 -36.24
CA ALA C 166 -23.89 12.25 -37.64
C ALA C 166 -24.09 13.75 -37.79
N LYS C 167 -24.81 14.38 -36.86
CA LYS C 167 -24.98 15.82 -36.93
C LYS C 167 -23.65 16.53 -36.75
N HIS C 168 -22.82 16.02 -35.84
CA HIS C 168 -21.48 16.56 -35.66
C HIS C 168 -20.69 16.48 -36.96
N CYS C 169 -20.68 15.30 -37.59
CA CYS C 169 -19.92 15.16 -38.84
C CYS C 169 -20.47 16.06 -39.94
N ALA C 170 -21.80 16.13 -40.08
CA ALA C 170 -22.40 16.95 -41.12
C ALA C 170 -22.11 18.43 -40.90
N LYS C 171 -22.20 18.91 -39.65
CA LYS C 171 -21.90 20.30 -39.36
C LYS C 171 -20.44 20.63 -39.59
N THR C 172 -19.53 19.72 -39.22
CA THR C 172 -18.12 20.00 -39.42
C THR C 172 -17.79 20.09 -40.91
N HIS C 173 -18.41 19.25 -41.73
CA HIS C 173 -18.15 19.21 -43.16
C HIS C 173 -19.25 19.88 -43.99
N LEU C 174 -19.94 20.87 -43.40
CA LEU C 174 -21.01 21.55 -44.14
C LEU C 174 -20.46 22.32 -45.33
N ALA C 175 -19.28 22.93 -45.18
CA ALA C 175 -18.67 23.63 -46.30
C ALA C 175 -18.34 22.69 -47.45
N GLN C 176 -17.83 21.50 -47.15
CA GLN C 176 -17.45 20.56 -48.19
C GLN C 176 -18.66 19.91 -48.85
N LEU C 177 -19.82 19.94 -48.20
CA LEU C 177 -21.04 19.35 -48.74
C LEU C 177 -22.07 20.40 -49.12
N GLN C 178 -21.67 21.66 -49.25
CA GLN C 178 -22.58 22.74 -49.61
C GLN C 178 -23.13 22.54 -51.02
N HIS C 188 -35.08 18.40 -44.39
CA HIS C 188 -35.58 19.73 -44.06
C HIS C 188 -35.31 20.04 -42.59
N ARG C 189 -36.00 19.31 -41.70
CA ARG C 189 -35.75 19.46 -40.27
C ARG C 189 -34.32 19.12 -39.89
N LEU C 190 -33.71 18.17 -40.61
CA LEU C 190 -32.32 17.83 -40.34
C LEU C 190 -31.41 19.02 -40.63
N LEU C 191 -31.72 19.80 -41.67
CA LEU C 191 -30.92 20.98 -41.97
C LEU C 191 -31.02 22.00 -40.84
N THR C 192 -32.22 22.18 -40.30
CA THR C 192 -32.39 23.08 -39.17
C THR C 192 -31.61 22.59 -37.96
N ASP C 193 -31.60 21.28 -37.72
CA ASP C 193 -30.82 20.75 -36.61
C ASP C 193 -29.32 21.00 -36.81
N ILE C 194 -28.80 20.79 -38.01
CA ILE C 194 -27.40 21.11 -38.30
C ILE C 194 -27.12 22.58 -38.01
N ILE C 195 -27.98 23.47 -38.53
CA ILE C 195 -27.75 24.91 -38.35
C ILE C 195 -27.80 25.27 -36.87
N SER C 196 -28.76 24.72 -36.13
CA SER C 196 -28.90 25.06 -34.72
C SER C 196 -27.72 24.56 -33.92
N ASP C 197 -27.18 23.39 -34.27
CA ASP C 197 -26.04 22.85 -33.54
C ASP C 197 -24.84 23.78 -33.59
N GLY C 198 -24.56 24.34 -34.77
CA GLY C 198 -23.47 25.27 -34.97
C GLY C 198 -22.74 24.97 -36.25
N VAL C 199 -21.59 25.61 -36.41
CA VAL C 199 -20.72 25.43 -37.56
C VAL C 199 -19.28 25.76 -37.17
N GLN C 203 -16.67 26.79 -43.28
CA GLN C 203 -17.38 27.60 -42.29
C GLN C 203 -18.17 28.72 -42.96
N ASN C 204 -19.20 28.34 -43.71
CA ASN C 204 -20.06 29.29 -44.42
C ASN C 204 -21.52 28.95 -44.15
N PRO C 205 -22.00 29.23 -42.93
CA PRO C 205 -23.42 28.92 -42.63
C PRO C 205 -24.40 29.68 -43.49
N THR C 206 -24.22 31.01 -43.61
CA THR C 206 -25.14 31.80 -44.42
C THR C 206 -25.10 31.40 -45.89
N GLU C 207 -23.90 31.15 -46.42
CA GLU C 207 -23.79 30.72 -47.81
C GLU C 207 -24.48 29.39 -48.04
N ALA C 208 -24.31 28.44 -47.13
CA ALA C 208 -25.00 27.16 -47.27
C ALA C 208 -26.51 27.32 -47.17
N ILE C 209 -26.97 28.18 -46.26
CA ILE C 209 -28.40 28.43 -46.14
C ILE C 209 -28.97 29.00 -47.44
N GLU C 210 -28.27 29.97 -48.01
CA GLU C 210 -28.70 30.54 -49.29
C GLU C 210 -28.67 29.50 -50.39
N ALA C 211 -27.63 28.66 -50.42
CA ALA C 211 -27.51 27.61 -51.42
C ALA C 211 -28.58 26.53 -51.23
N LEU C 227 -35.78 30.37 -39.34
CA LEU C 227 -34.90 30.34 -40.50
C LEU C 227 -33.56 31.02 -40.19
N ARG C 228 -33.51 32.34 -40.36
CA ARG C 228 -32.29 33.08 -40.09
C ARG C 228 -31.91 32.98 -38.62
N THR C 229 -32.89 33.09 -37.71
CA THR C 229 -32.60 33.00 -36.29
C THR C 229 -32.15 31.62 -35.86
N SER C 230 -32.46 30.58 -36.65
CA SER C 230 -32.06 29.21 -36.35
C SER C 230 -30.64 28.94 -36.87
N LEU C 231 -29.71 29.76 -36.40
CA LEU C 231 -28.31 29.66 -36.82
C LEU C 231 -27.42 30.03 -35.65
N LYS C 232 -26.21 29.47 -35.65
CA LYS C 232 -25.24 29.75 -34.60
C LYS C 232 -23.83 29.65 -35.19
N GLU C 233 -22.87 30.22 -34.46
CA GLU C 233 -21.49 30.23 -34.90
C GLU C 233 -20.58 30.11 -33.69
N ILE C 234 -19.44 29.45 -33.88
CA ILE C 234 -18.45 29.27 -32.83
C ILE C 234 -17.10 29.72 -33.35
N GLY C 235 -17.11 30.60 -34.34
CA GLY C 235 -15.86 31.08 -34.92
C GLY C 235 -15.10 29.93 -35.56
N GLU C 236 -13.87 29.70 -35.09
CA GLU C 236 -13.02 28.62 -35.59
C GLU C 236 -12.39 27.95 -34.37
N ASN C 237 -13.06 26.93 -33.85
CA ASN C 237 -12.52 26.16 -32.74
C ASN C 237 -11.33 25.33 -33.20
N VAL C 238 -10.31 25.24 -32.35
CA VAL C 238 -9.11 24.49 -32.69
C VAL C 238 -9.43 23.01 -32.72
N HIS C 239 -9.09 22.35 -33.83
CA HIS C 239 -9.39 20.93 -33.96
C HIS C 239 -8.47 20.08 -33.11
N ILE C 240 -7.17 20.38 -33.12
CA ILE C 240 -6.19 19.57 -32.40
C ILE C 240 -5.09 20.50 -31.89
N TYR C 241 -4.63 20.25 -30.66
CA TYR C 241 -3.50 20.96 -30.10
C TYR C 241 -2.30 20.03 -30.04
N LEU C 242 -1.13 20.61 -29.80
CA LEU C 242 0.09 19.82 -29.70
C LEU C 242 1.18 20.64 -29.03
N ILE C 243 1.79 20.08 -27.99
CA ILE C 243 2.90 20.71 -27.29
C ILE C 243 4.18 20.13 -27.85
N GLY C 244 5.10 21.02 -28.23
CA GLY C 244 6.39 20.64 -28.79
C GLY C 244 7.53 21.40 -28.14
N LYS C 245 8.67 21.45 -28.84
CA LYS C 245 9.86 22.17 -28.40
C LYS C 245 10.59 22.69 -29.63
N SER C 252 9.10 24.89 -26.04
CA SER C 252 8.10 24.60 -25.03
C SER C 252 6.72 25.10 -25.47
N LEU C 253 6.71 25.91 -26.52
CA LEU C 253 5.47 26.53 -27.00
C LEU C 253 4.51 25.48 -27.54
N ALA C 254 3.21 25.72 -27.36
CA ALA C 254 2.15 24.85 -27.82
C ALA C 254 1.50 25.44 -29.06
N VAL C 255 1.42 24.64 -30.12
CA VAL C 255 0.86 25.08 -31.40
C VAL C 255 -0.58 24.61 -31.52
N SER C 256 -1.48 25.55 -31.85
CA SER C 256 -2.90 25.25 -32.01
C SER C 256 -3.17 24.87 -33.47
N LEU C 257 -2.88 23.61 -33.80
CA LEU C 257 -3.09 23.12 -35.16
C LEU C 257 -4.56 23.18 -35.53
N HIS C 258 -4.84 23.57 -36.77
CA HIS C 258 -6.21 23.73 -37.27
C HIS C 258 -6.41 22.83 -38.48
N CYS C 259 -7.50 22.07 -38.48
CA CYS C 259 -7.78 21.16 -39.58
C CYS C 259 -8.79 21.80 -40.53
N ALA C 260 -8.42 21.85 -41.81
CA ALA C 260 -9.26 22.41 -42.87
C ALA C 260 -9.44 21.38 -43.96
N GLU C 261 -10.69 21.17 -44.37
CA GLU C 261 -11.00 20.20 -45.41
C GLU C 261 -11.05 20.86 -46.78
N SER C 264 -5.83 18.08 -45.16
CA SER C 264 -4.68 18.97 -45.00
C SER C 264 -4.63 19.54 -43.59
N ILE C 265 -3.53 20.24 -43.27
CA ILE C 265 -3.31 20.80 -41.95
C ILE C 265 -2.96 22.28 -42.11
N SER C 266 -3.27 23.06 -41.09
CA SER C 266 -2.97 24.49 -41.05
C SER C 266 -2.44 24.84 -39.67
N VAL C 267 -1.72 25.95 -39.60
CA VAL C 267 -1.14 26.43 -38.36
C VAL C 267 -1.66 27.85 -38.16
N SER C 268 -2.78 27.96 -37.44
CA SER C 268 -3.38 29.24 -37.07
C SER C 268 -3.45 29.29 -35.55
N GLY C 269 -2.51 30.00 -34.93
CA GLY C 269 -2.45 30.08 -33.49
C GLY C 269 -1.12 29.61 -32.93
N GLN C 270 -0.60 30.33 -31.94
CA GLN C 270 0.67 29.99 -31.33
C GLN C 270 0.82 30.75 -30.02
N ASN C 271 1.33 30.07 -29.00
CA ASN C 271 1.50 30.68 -27.69
C ASN C 271 2.55 29.90 -26.93
N SER C 272 3.51 30.62 -26.33
CA SER C 272 4.57 29.99 -25.59
C SER C 272 4.20 29.85 -24.12
N LEU C 273 4.86 28.91 -23.45
CA LEU C 273 4.68 28.68 -22.02
C LEU C 273 6.04 28.73 -21.34
N CYS C 274 6.07 29.28 -20.13
CA CYS C 274 7.26 29.29 -19.30
C CYS C 274 7.33 28.12 -18.34
N HIS C 275 6.37 27.19 -18.41
CA HIS C 275 6.24 26.11 -17.44
C HIS C 275 6.41 24.76 -18.13
N GLN C 276 6.90 23.79 -17.36
CA GLN C 276 6.93 22.41 -17.81
C GLN C 276 5.54 21.81 -17.69
N ILE C 277 5.16 21.02 -18.69
CA ILE C 277 3.81 20.47 -18.77
C ILE C 277 3.89 18.99 -18.42
N THR C 278 3.32 18.64 -17.27
CA THR C 278 3.20 17.24 -16.89
C THR C 278 2.06 16.55 -17.65
N ALA C 279 0.96 17.25 -17.87
CA ALA C 279 -0.17 16.69 -18.59
C ALA C 279 -0.97 17.81 -19.23
N ALA C 280 -1.78 17.44 -20.23
CA ALA C 280 -2.60 18.40 -20.94
C ALA C 280 -3.87 17.72 -21.41
N CYS C 281 -4.93 18.52 -21.57
CA CYS C 281 -6.21 18.01 -22.03
C CYS C 281 -6.95 19.09 -22.81
N LYS C 282 -7.69 18.70 -23.81
CA LYS C 282 -8.40 19.73 -24.57
C LYS C 282 -9.88 19.63 -24.20
N HIS C 283 -10.37 20.62 -23.45
CA HIS C 283 -11.78 20.61 -23.04
C HIS C 283 -12.51 21.53 -24.02
N GLY C 284 -13.42 20.98 -24.82
CA GLY C 284 -14.42 21.78 -25.55
C GLY C 284 -13.79 22.88 -26.38
N GLY C 285 -12.70 22.58 -27.07
CA GLY C 285 -12.03 23.61 -27.87
C GLY C 285 -11.11 24.49 -27.05
N ASP C 286 -10.86 24.14 -25.78
CA ASP C 286 -9.95 24.95 -24.94
C ASP C 286 -8.84 24.03 -24.43
N LEU C 287 -7.66 24.58 -24.20
CA LEU C 287 -6.47 23.87 -23.74
C LEU C 287 -6.28 24.05 -22.24
N TYR C 288 -6.21 22.94 -21.51
CA TYR C 288 -5.88 22.92 -20.10
C TYR C 288 -4.53 22.22 -19.95
N VAL C 289 -3.62 22.82 -19.19
CA VAL C 289 -2.29 22.26 -18.99
C VAL C 289 -1.96 22.25 -17.50
N VAL C 290 -1.53 21.09 -16.99
CA VAL C 290 -1.16 20.93 -15.59
C VAL C 290 0.32 20.58 -15.51
N GLY C 291 1.03 21.24 -14.60
CA GLY C 291 2.44 21.03 -14.40
C GLY C 291 3.08 21.98 -13.41
N GLY C 292 4.22 22.53 -13.82
CA GLY C 292 5.08 23.37 -12.99
C GLY C 292 6.29 22.61 -12.50
N SER C 293 6.83 22.98 -11.35
CA SER C 293 7.99 22.29 -10.80
C SER C 293 7.65 20.86 -10.46
N ILE C 294 8.65 19.98 -10.53
CA ILE C 294 8.38 18.54 -10.37
C ILE C 294 8.00 18.18 -8.94
N PRO C 295 8.45 18.87 -7.86
CA PRO C 295 7.98 18.47 -6.53
C PRO C 295 6.59 18.98 -6.23
N ARG C 296 6.17 20.05 -6.91
CA ARG C 296 4.83 20.61 -6.79
C ARG C 296 4.26 20.81 -8.19
N PRO C 297 3.94 19.69 -8.89
CA PRO C 297 3.38 19.77 -10.24
C PRO C 297 1.86 19.90 -10.24
N ARG C 298 1.35 20.90 -9.52
CA ARG C 298 -0.07 21.12 -9.41
C ARG C 298 -0.58 22.32 -10.21
N ARG C 299 0.30 23.26 -10.57
CA ARG C 299 -0.17 24.46 -11.23
C ARG C 299 -0.94 24.10 -12.49
N MET C 300 -2.09 24.74 -12.67
CA MET C 300 -2.90 24.46 -13.85
C MET C 300 -3.25 25.77 -14.54
N TRP C 301 -3.18 25.75 -15.87
CA TRP C 301 -3.41 26.93 -16.68
C TRP C 301 -4.37 26.61 -17.82
N LYS C 302 -5.09 27.66 -18.21
CA LYS C 302 -6.08 27.70 -19.27
C LYS C 302 -5.56 28.81 -20.19
N CYS C 303 -4.66 28.42 -21.09
CA CYS C 303 -3.98 29.34 -22.00
C CYS C 303 -4.66 29.25 -23.37
N ASN C 304 -5.43 30.27 -23.71
CA ASN C 304 -6.12 30.30 -24.99
C ASN C 304 -6.25 31.73 -25.51
N VAL C 308 -5.39 36.60 -24.64
CA VAL C 308 -4.52 36.54 -23.47
C VAL C 308 -4.57 35.15 -22.85
N ASP C 309 -3.42 34.49 -22.81
CA ASP C 309 -3.30 33.15 -22.25
C ASP C 309 -2.93 33.24 -20.78
N TRP C 310 -2.57 32.10 -20.19
CA TRP C 310 -2.10 32.02 -18.79
C TRP C 310 -3.22 32.24 -17.78
N GLU C 311 -4.45 31.83 -18.07
CA GLU C 311 -5.53 31.96 -17.09
C GLU C 311 -5.38 30.88 -16.03
N TRP C 312 -5.23 31.28 -14.77
CA TRP C 312 -4.94 30.31 -13.73
C TRP C 312 -6.21 29.58 -13.31
N CYS C 313 -6.06 28.29 -12.97
CA CYS C 313 -7.19 27.48 -12.55
C CYS C 313 -6.90 26.80 -11.22
N ALA C 314 -7.92 26.14 -10.69
CA ALA C 314 -7.81 25.53 -9.36
C ALA C 314 -6.75 24.43 -9.36
N PRO C 315 -5.81 24.46 -8.43
CA PRO C 315 -4.81 23.38 -8.35
C PRO C 315 -5.41 22.07 -7.87
N LEU C 316 -4.75 20.99 -8.25
CA LEU C 316 -5.10 19.66 -7.76
C LEU C 316 -4.51 19.44 -6.37
N PRO C 317 -5.21 18.70 -5.51
CA PRO C 317 -4.70 18.45 -4.16
C PRO C 317 -3.64 17.36 -4.08
N ARG C 318 -3.22 16.77 -5.20
CA ARG C 318 -2.22 15.72 -5.21
C ARG C 318 -1.02 16.14 -6.04
N ASP C 319 0.13 15.56 -5.72
CA ASP C 319 1.37 15.78 -6.47
C ASP C 319 1.76 14.46 -7.11
N ARG C 320 1.45 14.32 -8.39
CA ARG C 320 1.70 13.09 -9.13
C ARG C 320 2.27 13.44 -10.50
N LEU C 321 3.16 12.59 -10.99
CA LEU C 321 3.75 12.73 -12.30
C LEU C 321 3.20 11.66 -13.23
N GLN C 322 3.06 12.03 -14.51
CA GLN C 322 2.51 11.12 -15.53
C GLN C 322 1.12 10.63 -15.13
N HIS C 323 0.34 11.51 -14.51
CA HIS C 323 -1.04 11.18 -14.17
C HIS C 323 -1.93 11.40 -15.39
N THR C 324 -2.81 10.45 -15.66
CA THR C 324 -3.64 10.50 -16.85
C THR C 324 -4.72 11.57 -16.72
N LEU C 325 -4.70 12.53 -17.63
CA LEU C 325 -5.69 13.61 -17.66
C LEU C 325 -6.69 13.36 -18.78
N VAL C 326 -7.98 13.36 -18.43
CA VAL C 326 -9.06 13.05 -19.35
C VAL C 326 -10.12 14.13 -19.26
N SER C 327 -10.83 14.38 -20.35
CA SER C 327 -11.90 15.34 -20.38
C SER C 327 -13.24 14.64 -20.59
N VAL C 328 -14.25 15.05 -19.84
CA VAL C 328 -15.61 14.50 -19.96
C VAL C 328 -16.58 15.66 -20.05
N PRO C 329 -16.85 16.20 -21.24
CA PRO C 329 -17.88 17.25 -21.36
C PRO C 329 -19.27 16.77 -20.98
N GLY C 330 -19.52 15.46 -20.99
CA GLY C 330 -20.83 14.98 -20.58
C GLY C 330 -21.20 15.40 -19.17
N LYS C 331 -20.25 15.27 -18.24
CA LYS C 331 -20.43 15.76 -16.89
C LYS C 331 -19.66 17.05 -16.64
N ASP C 332 -19.10 17.65 -17.69
CA ASP C 332 -18.38 18.91 -17.60
C ASP C 332 -17.25 18.82 -16.58
N ALA C 333 -16.55 17.68 -16.58
CA ALA C 333 -15.56 17.39 -15.56
C ALA C 333 -14.27 16.91 -16.20
N ILE C 334 -13.15 17.34 -15.65
CA ILE C 334 -11.83 16.90 -16.11
C ILE C 334 -11.21 15.99 -15.07
N TYR C 335 -10.94 14.75 -15.43
CA TYR C 335 -10.45 13.78 -14.47
C TYR C 335 -8.94 13.63 -14.54
N SER C 336 -8.36 13.34 -13.38
CA SER C 336 -6.93 13.07 -13.21
C SER C 336 -6.84 11.75 -12.46
N LEU C 337 -6.52 10.69 -13.20
CA LEU C 337 -6.46 9.34 -12.66
C LEU C 337 -5.00 8.87 -12.57
N GLY C 338 -4.77 7.89 -11.70
CA GLY C 338 -3.49 7.25 -11.55
C GLY C 338 -2.39 8.23 -11.14
N GLY C 339 -1.19 7.96 -11.62
CA GLY C 339 -0.04 8.80 -11.40
C GLY C 339 1.02 8.13 -10.56
N LYS C 340 2.21 8.73 -10.58
CA LYS C 340 3.35 8.28 -9.81
C LYS C 340 3.75 9.39 -8.84
N THR C 341 3.82 9.05 -7.56
CA THR C 341 4.18 10.03 -6.54
C THR C 341 5.67 10.36 -6.64
N LEU C 342 6.05 11.46 -5.97
CA LEU C 342 7.45 11.89 -5.96
C LEU C 342 8.33 10.96 -5.15
N GLN C 343 7.75 10.01 -4.41
CA GLN C 343 8.51 9.01 -3.67
C GLN C 343 8.73 7.74 -4.47
N ASP C 344 8.63 7.81 -5.79
CA ASP C 344 8.80 6.65 -6.68
C ASP C 344 7.75 5.57 -6.40
N THR C 345 6.58 5.97 -5.94
CA THR C 345 5.51 5.05 -5.61
C THR C 345 4.30 5.34 -6.50
N LEU C 346 3.74 4.28 -7.09
CA LEU C 346 2.57 4.43 -7.95
C LEU C 346 1.35 4.79 -7.13
N SER C 347 0.40 5.46 -7.79
CA SER C 347 -0.81 5.93 -7.13
C SER C 347 -2.06 5.41 -7.80
N ASN C 348 -3.11 5.25 -7.00
CA ASN C 348 -4.41 4.81 -7.50
C ASN C 348 -5.52 5.81 -7.16
N ALA C 349 -5.17 7.06 -6.89
CA ALA C 349 -6.16 8.07 -6.56
C ALA C 349 -6.75 8.69 -7.82
N VAL C 350 -8.01 9.12 -7.71
CA VAL C 350 -8.72 9.74 -8.82
C VAL C 350 -9.35 11.03 -8.34
N ILE C 351 -9.17 12.11 -9.10
CA ILE C 351 -9.76 13.40 -8.77
C ILE C 351 -10.42 13.94 -10.04
N TYR C 352 -11.39 14.85 -9.87
CA TYR C 352 -12.02 15.47 -11.02
C TYR C 352 -12.30 16.94 -10.79
N TYR C 353 -12.16 17.71 -11.85
CA TYR C 353 -12.34 19.16 -11.89
C TYR C 353 -13.72 19.46 -12.45
N ARG C 354 -14.16 20.70 -12.19
CA ARG C 354 -15.43 21.20 -12.71
C ARG C 354 -15.19 22.56 -13.33
N VAL C 355 -15.41 22.68 -14.64
CA VAL C 355 -15.20 23.95 -15.32
C VAL C 355 -16.17 25.00 -14.80
N GLY C 356 -17.44 24.62 -14.64
CA GLY C 356 -18.43 25.58 -14.17
C GLY C 356 -18.18 26.05 -12.74
N ASP C 357 -17.83 25.12 -11.85
CA ASP C 357 -17.66 25.46 -10.44
C ASP C 357 -16.21 25.79 -10.09
N ASN C 358 -15.26 25.38 -10.92
CA ASN C 358 -13.83 25.65 -10.70
C ASN C 358 -13.38 25.05 -9.37
N VAL C 359 -13.64 23.75 -9.22
CA VAL C 359 -13.27 23.00 -8.02
C VAL C 359 -12.77 21.63 -8.41
N TRP C 360 -11.92 21.07 -7.55
CA TRP C 360 -11.39 19.71 -7.69
C TRP C 360 -11.94 18.86 -6.54
N THR C 361 -12.45 17.68 -6.87
CA THR C 361 -13.06 16.78 -5.90
C THR C 361 -12.47 15.39 -6.04
N GLU C 362 -12.08 14.78 -4.91
CA GLU C 362 -11.59 13.42 -4.89
C GLU C 362 -12.74 12.42 -5.08
N THR C 363 -12.39 11.23 -5.55
CA THR C 363 -13.42 10.21 -5.77
C THR C 363 -12.79 8.83 -5.53
N THR C 364 -13.46 7.78 -6.00
CA THR C 364 -13.04 6.42 -5.71
C THR C 364 -11.64 6.14 -6.27
N GLN C 365 -10.93 5.26 -5.58
CA GLN C 365 -9.56 4.92 -5.97
C GLN C 365 -9.55 3.81 -7.01
N LEU C 366 -8.39 3.65 -7.65
CA LEU C 366 -8.21 2.61 -8.64
C LEU C 366 -7.83 1.29 -7.97
N GLU C 367 -8.25 0.19 -8.59
CA GLU C 367 -7.93 -1.13 -8.03
C GLU C 367 -6.42 -1.37 -8.04
N VAL C 368 -5.75 -1.05 -9.14
CA VAL C 368 -4.32 -1.25 -9.29
C VAL C 368 -3.69 0.09 -9.61
N ALA C 369 -2.64 0.46 -8.86
CA ALA C 369 -1.95 1.72 -9.12
C ALA C 369 -1.10 1.61 -10.38
N VAL C 370 -1.22 2.62 -11.26
CA VAL C 370 -0.47 2.66 -12.51
C VAL C 370 0.04 4.08 -12.72
N SER C 371 1.03 4.20 -13.60
CA SER C 371 1.63 5.49 -13.94
C SER C 371 1.87 5.55 -15.43
N GLY C 372 1.57 6.70 -16.03
CA GLY C 372 1.80 6.88 -17.45
C GLY C 372 0.79 6.22 -18.35
N ALA C 373 -0.29 5.69 -17.80
CA ALA C 373 -1.30 5.00 -18.61
C ALA C 373 -2.06 5.98 -19.49
N ALA C 374 -2.44 5.51 -20.68
CA ALA C 374 -3.21 6.32 -21.61
C ALA C 374 -4.69 6.28 -21.24
N GLY C 375 -5.32 7.44 -21.23
CA GLY C 375 -6.74 7.56 -20.89
C GLY C 375 -7.62 7.64 -22.12
N ALA C 376 -8.81 7.06 -22.02
CA ALA C 376 -9.79 7.08 -23.11
C ALA C 376 -11.18 7.19 -22.49
N ASN C 377 -11.85 8.32 -22.74
CA ASN C 377 -13.21 8.52 -22.24
C ASN C 377 -14.19 8.03 -23.29
N LEU C 378 -14.89 6.93 -23.00
CA LEU C 378 -15.91 6.37 -23.88
C LEU C 378 -17.25 6.40 -23.15
N ASN C 379 -18.17 7.21 -23.66
CA ASN C 379 -19.53 7.30 -23.11
C ASN C 379 -19.52 7.60 -21.62
N GLY C 380 -18.51 8.35 -21.17
CA GLY C 380 -18.39 8.74 -19.78
C GLY C 380 -17.55 7.81 -18.94
N ILE C 381 -17.29 6.58 -19.41
CA ILE C 381 -16.46 5.63 -18.69
C ILE C 381 -15.02 5.85 -19.10
N ILE C 382 -14.13 5.96 -18.12
CA ILE C 382 -12.72 6.20 -18.37
C ILE C 382 -12.00 4.86 -18.42
N TYR C 383 -11.23 4.63 -19.48
CA TYR C 383 -10.40 3.43 -19.62
C TYR C 383 -8.94 3.85 -19.53
N LEU C 384 -8.24 3.25 -18.57
CA LEU C 384 -6.83 3.50 -18.33
C LEU C 384 -6.03 2.31 -18.85
N LEU C 385 -5.16 2.55 -19.82
CA LEU C 385 -4.50 1.49 -20.59
C LEU C 385 -3.00 1.54 -20.37
N GLY C 386 -2.41 0.37 -20.11
CA GLY C 386 -0.97 0.27 -20.03
C GLY C 386 -0.36 1.03 -18.87
N GLY C 387 0.84 1.54 -19.10
CA GLY C 387 1.55 2.28 -18.09
C GLY C 387 2.61 1.44 -17.40
N GLU C 388 2.80 1.66 -16.10
CA GLU C 388 3.76 0.92 -15.30
C GLU C 388 3.08 0.41 -14.05
N GLU C 389 3.49 -0.78 -13.61
CA GLU C 389 2.90 -1.39 -12.43
C GLU C 389 4.00 -1.89 -11.51
N ASN C 390 3.66 -2.03 -10.23
CA ASN C 390 4.64 -2.41 -9.22
C ASN C 390 5.23 -3.77 -9.53
N ASP C 391 6.52 -3.93 -9.26
CA ASP C 391 7.21 -5.19 -9.49
C ASP C 391 8.45 -5.22 -8.61
N LEU C 392 8.74 -6.40 -8.06
CA LEU C 392 9.93 -6.66 -7.25
C LEU C 392 9.96 -5.85 -5.95
N ASP C 393 8.80 -5.29 -5.57
CA ASP C 393 8.58 -4.64 -4.28
C ASP C 393 9.26 -3.27 -4.21
N PHE C 394 10.03 -2.91 -5.24
CA PHE C 394 10.70 -1.62 -5.27
C PHE C 394 10.70 -0.95 -6.62
N PHE C 395 10.36 -1.64 -7.71
CA PHE C 395 10.52 -1.06 -9.04
C PHE C 395 9.22 -1.15 -9.83
N THR C 396 9.27 -0.77 -11.10
CA THR C 396 8.09 -0.79 -11.95
C THR C 396 8.40 -1.55 -13.23
N LYS C 397 7.39 -2.24 -13.74
CA LYS C 397 7.47 -2.96 -14.99
C LYS C 397 6.42 -2.45 -15.96
N PRO C 398 6.67 -2.52 -17.26
CA PRO C 398 5.65 -2.13 -18.24
C PRO C 398 4.32 -2.84 -18.01
N SER C 399 3.29 -2.08 -17.66
CA SER C 399 2.00 -2.68 -17.38
C SER C 399 1.24 -2.94 -18.68
N ARG C 400 0.40 -3.96 -18.65
CA ARG C 400 -0.46 -4.30 -19.77
C ARG C 400 -1.89 -4.54 -19.31
N LEU C 401 -2.31 -3.82 -18.27
CA LEU C 401 -3.65 -3.92 -17.71
C LEU C 401 -4.59 -2.89 -18.32
N ILE C 402 -5.88 -3.14 -18.20
CA ILE C 402 -6.92 -2.19 -18.59
C ILE C 402 -7.82 -1.96 -17.40
N GLN C 403 -7.84 -0.74 -16.89
CA GLN C 403 -8.71 -0.37 -15.78
C GLN C 403 -9.89 0.44 -16.28
N CYS C 404 -11.03 0.30 -15.61
CA CYS C 404 -12.28 0.94 -16.01
C CYS C 404 -12.84 1.70 -14.82
N PHE C 405 -13.01 3.02 -15.00
CA PHE C 405 -13.62 3.90 -14.01
C PHE C 405 -14.99 4.31 -14.55
N ASP C 406 -16.04 3.75 -13.96
CA ASP C 406 -17.41 4.16 -14.26
C ASP C 406 -17.69 5.46 -13.52
N THR C 407 -17.89 6.53 -14.29
CA THR C 407 -18.06 7.86 -13.72
C THR C 407 -19.46 8.05 -13.15
N GLU C 408 -20.48 7.49 -13.81
CA GLU C 408 -21.84 7.61 -13.29
C GLU C 408 -21.98 6.95 -11.93
N THR C 409 -21.39 5.76 -11.76
CA THR C 409 -21.41 5.06 -10.50
C THR C 409 -20.16 5.31 -9.68
N ASP C 410 -19.12 5.89 -10.28
CA ASP C 410 -17.85 6.18 -9.61
C ASP C 410 -17.22 4.92 -9.02
N LYS C 411 -17.05 3.90 -9.87
CA LYS C 411 -16.53 2.61 -9.43
C LYS C 411 -15.43 2.14 -10.38
N CYS C 412 -14.38 1.55 -9.81
CA CYS C 412 -13.23 1.10 -10.58
C CYS C 412 -13.15 -0.42 -10.59
N HIS C 413 -12.78 -0.98 -11.74
CA HIS C 413 -12.57 -2.42 -11.84
C HIS C 413 -11.58 -2.73 -12.97
N VAL C 414 -10.84 -3.82 -12.80
CA VAL C 414 -9.83 -4.24 -13.75
C VAL C 414 -10.42 -5.30 -14.67
N LYS C 415 -10.15 -5.18 -15.97
CA LYS C 415 -10.65 -6.15 -16.93
C LYS C 415 -10.02 -7.52 -16.67
N PRO C 416 -10.74 -8.60 -17.00
CA PRO C 416 -10.19 -9.95 -16.78
C PRO C 416 -9.22 -10.40 -17.86
N TYR C 417 -9.02 -9.63 -18.91
CA TYR C 417 -8.11 -9.98 -20.00
C TYR C 417 -6.96 -8.99 -20.04
N VAL C 418 -6.08 -9.17 -21.02
CA VAL C 418 -4.79 -8.49 -21.04
C VAL C 418 -4.60 -7.78 -22.37
N LEU C 419 -3.73 -6.75 -22.34
CA LEU C 419 -3.40 -5.98 -23.54
C LEU C 419 -2.39 -6.72 -24.40
N PRO C 420 -2.40 -6.49 -25.72
CA PRO C 420 -1.40 -7.16 -26.57
C PRO C 420 0.03 -6.83 -26.20
N PHE C 421 0.32 -5.59 -25.80
CA PHE C 421 1.68 -5.17 -25.49
C PHE C 421 1.69 -4.36 -24.20
N ALA C 422 2.87 -3.87 -23.83
CA ALA C 422 3.04 -3.14 -22.58
C ALA C 422 4.08 -2.05 -22.76
N GLY C 423 3.96 -0.99 -21.97
CA GLY C 423 4.95 0.08 -21.92
C GLY C 423 4.36 1.44 -22.20
N ARG C 424 5.21 2.40 -22.60
CA ARG C 424 4.73 3.74 -22.93
C ARG C 424 3.68 3.65 -24.03
N MET C 425 2.58 4.38 -23.85
CA MET C 425 1.43 4.17 -24.71
C MET C 425 0.71 5.49 -24.98
N HIS C 426 0.03 5.56 -26.12
CA HIS C 426 -0.78 6.71 -26.52
C HIS C 426 -2.11 6.23 -27.08
N ALA C 427 -3.18 6.95 -26.74
CA ALA C 427 -4.54 6.57 -27.12
C ALA C 427 -5.29 7.77 -27.67
N ALA C 428 -6.31 7.49 -28.49
CA ALA C 428 -7.16 8.52 -29.08
C ALA C 428 -8.52 7.92 -29.37
N VAL C 429 -9.58 8.53 -28.84
CA VAL C 429 -10.93 8.01 -28.98
C VAL C 429 -11.49 8.35 -30.35
N HIS C 430 -12.01 7.34 -31.04
CA HIS C 430 -12.65 7.50 -32.35
C HIS C 430 -13.90 6.63 -32.35
N LYS C 431 -15.07 7.25 -32.48
CA LYS C 431 -16.36 6.57 -32.44
C LYS C 431 -16.44 5.81 -31.12
N ASP C 432 -16.55 4.48 -31.11
CA ASP C 432 -16.57 3.70 -29.87
C ASP C 432 -15.27 2.93 -29.69
N LEU C 433 -14.21 3.36 -30.34
CA LEU C 433 -12.96 2.62 -30.34
C LEU C 433 -11.87 3.49 -29.72
N VAL C 434 -10.78 2.81 -29.37
CA VAL C 434 -9.55 3.45 -28.92
C VAL C 434 -8.45 2.94 -29.84
N PHE C 435 -7.82 3.86 -30.56
CA PHE C 435 -6.72 3.49 -31.45
C PHE C 435 -5.46 3.70 -30.64
N ILE C 436 -4.94 2.61 -30.09
CA ILE C 436 -3.84 2.65 -29.14
C ILE C 436 -2.55 2.35 -29.89
N VAL C 437 -1.54 3.18 -29.66
CA VAL C 437 -0.27 3.08 -30.35
C VAL C 437 0.84 2.98 -29.31
N ALA C 438 1.76 2.03 -29.50
CA ALA C 438 2.86 1.83 -28.59
C ALA C 438 4.00 1.12 -29.33
N GLU C 439 5.19 1.21 -28.75
CA GLU C 439 6.40 0.56 -29.28
C GLU C 439 6.63 1.10 -30.69
N GLY C 440 6.82 0.24 -31.69
CA GLY C 440 7.03 0.68 -33.05
C GLY C 440 6.33 -0.21 -34.06
N ASP C 441 5.68 0.39 -35.05
CA ASP C 441 4.92 -0.34 -36.06
C ASP C 441 3.83 -1.19 -35.43
N SER C 442 3.30 -0.72 -34.29
CA SER C 442 2.26 -1.43 -33.55
C SER C 442 1.09 -0.47 -33.34
N LEU C 443 -0.11 -0.94 -33.65
CA LEU C 443 -1.33 -0.15 -33.50
C LEU C 443 -2.48 -1.11 -33.32
N VAL C 444 -3.30 -0.88 -32.28
CA VAL C 444 -4.39 -1.77 -31.96
C VAL C 444 -5.68 -0.95 -31.87
N CYS C 445 -6.72 -1.43 -32.54
CA CYS C 445 -8.05 -0.87 -32.41
C CYS C 445 -8.78 -1.69 -31.36
N TYR C 446 -9.05 -1.07 -30.22
CA TYR C 446 -9.62 -1.76 -29.06
C TYR C 446 -11.01 -1.20 -28.81
N ASN C 447 -11.99 -2.10 -28.70
CA ASN C 447 -13.35 -1.75 -28.33
C ASN C 447 -13.69 -2.23 -26.91
N PRO C 448 -13.50 -1.38 -25.90
CA PRO C 448 -13.57 -1.83 -24.50
C PRO C 448 -14.89 -2.40 -24.03
N LEU C 449 -16.03 -2.03 -24.61
CA LEU C 449 -17.27 -2.69 -24.20
C LEU C 449 -17.21 -4.20 -24.43
N LEU C 450 -16.38 -4.65 -25.35
CA LEU C 450 -16.19 -6.04 -25.70
C LEU C 450 -14.76 -6.46 -25.37
N ASP C 451 -14.39 -7.67 -25.77
CA ASP C 451 -13.07 -8.23 -25.49
C ASP C 451 -12.45 -8.71 -26.80
N SER C 452 -11.79 -7.79 -27.51
CA SER C 452 -11.05 -8.10 -28.72
C SER C 452 -10.22 -6.89 -29.11
N PHE C 453 -9.02 -7.14 -29.62
CA PHE C 453 -8.10 -6.10 -30.06
C PHE C 453 -7.70 -6.43 -31.49
N THR C 454 -7.83 -5.48 -32.39
CA THR C 454 -7.33 -5.69 -33.75
C THR C 454 -6.03 -4.93 -33.97
N ARG C 455 -5.34 -5.30 -35.04
CA ARG C 455 -4.07 -4.67 -35.40
C ARG C 455 -4.07 -4.24 -36.85
N LEU C 456 -3.51 -3.06 -37.11
CA LEU C 456 -3.37 -2.50 -38.45
C LEU C 456 -1.90 -2.28 -38.76
N CYS C 457 -1.50 -2.61 -39.98
CA CYS C 457 -0.11 -2.45 -40.37
C CYS C 457 0.24 -0.97 -40.53
N LEU C 458 1.40 -0.59 -40.01
CA LEU C 458 1.91 0.77 -40.14
C LEU C 458 2.92 0.83 -41.27
N PRO C 459 3.36 2.04 -41.69
CA PRO C 459 4.22 2.12 -42.88
C PRO C 459 5.66 1.66 -42.63
N GLU C 460 5.90 1.04 -41.47
CA GLU C 460 7.19 0.43 -41.14
C GLU C 460 8.32 1.46 -41.21
N ALA C 461 8.22 2.45 -40.32
CA ALA C 461 9.24 3.50 -40.23
C ALA C 461 10.56 2.92 -39.74
N LEU C 468 8.34 6.31 -32.17
CA LEU C 468 7.40 6.64 -31.10
C LEU C 468 6.26 7.50 -31.63
N TRP C 469 5.28 6.85 -32.26
CA TRP C 469 4.14 7.56 -32.83
C TRP C 469 3.23 8.11 -31.73
N LYS C 470 2.52 9.17 -32.06
CA LYS C 470 1.47 9.72 -31.21
C LYS C 470 0.25 9.98 -32.07
N ILE C 471 -0.89 9.46 -31.67
CA ILE C 471 -2.09 9.48 -32.49
C ILE C 471 -3.04 10.55 -31.98
N ALA C 472 -3.89 11.06 -32.87
CA ALA C 472 -4.87 12.07 -32.50
C ALA C 472 -6.07 11.99 -33.44
N SER C 473 -7.26 11.92 -32.87
CA SER C 473 -8.47 11.82 -33.66
C SER C 473 -9.07 13.20 -33.89
N CYS C 474 -9.70 13.35 -35.05
CA CYS C 474 -10.39 14.57 -35.44
C CYS C 474 -11.87 14.26 -35.62
N ASN C 475 -12.61 15.22 -36.19
CA ASN C 475 -14.04 15.05 -36.38
C ASN C 475 -14.36 13.74 -37.10
N GLY C 476 -13.58 13.40 -38.12
CA GLY C 476 -13.75 12.15 -38.83
C GLY C 476 -12.46 11.56 -39.35
N SER C 477 -11.32 12.10 -38.94
CA SER C 477 -10.03 11.71 -39.47
C SER C 477 -9.07 11.37 -38.34
N ILE C 478 -8.12 10.48 -38.64
CA ILE C 478 -7.09 10.05 -37.71
C ILE C 478 -5.75 10.55 -38.21
N TYR C 479 -5.03 11.27 -37.35
CA TYR C 479 -3.72 11.83 -37.68
C TYR C 479 -2.66 11.21 -36.78
N VAL C 480 -1.66 10.59 -37.39
CA VAL C 480 -0.52 10.04 -36.67
C VAL C 480 0.66 10.99 -36.83
N PHE C 481 1.37 11.23 -35.74
CA PHE C 481 2.49 12.17 -35.73
C PHE C 481 3.73 11.48 -35.20
N ARG C 482 4.87 11.79 -35.81
CA ARG C 482 6.15 11.25 -35.37
C ARG C 482 6.66 12.06 -34.19
N ASP C 483 7.31 11.38 -33.24
CA ASP C 483 7.86 12.07 -32.08
C ASP C 483 8.88 13.12 -32.50
N ARG C 484 9.69 12.81 -33.51
CA ARG C 484 10.67 13.74 -34.06
C ARG C 484 10.32 14.03 -35.51
N TYR C 485 10.41 15.30 -35.89
CA TYR C 485 10.09 15.75 -37.24
C TYR C 485 10.91 15.01 -38.29
N ALA C 490 8.32 12.38 -43.56
CA ALA C 490 7.17 13.23 -43.26
C ALA C 490 6.92 13.30 -41.75
N ASN C 491 6.43 14.45 -41.28
CA ASN C 491 6.17 14.64 -39.87
C ASN C 491 4.75 14.26 -39.46
N THR C 492 3.81 14.26 -40.39
CA THR C 492 2.43 13.92 -40.09
C THR C 492 1.89 12.98 -41.16
N TYR C 493 0.97 12.11 -40.76
CA TYR C 493 0.35 11.15 -41.65
C TYR C 493 -1.13 11.05 -41.33
N LYS C 494 -1.92 10.65 -42.32
CA LYS C 494 -3.35 10.45 -42.15
C LYS C 494 -3.68 8.97 -42.34
N LEU C 495 -4.35 8.39 -41.35
CA LEU C 495 -4.66 6.97 -41.32
C LEU C 495 -6.09 6.78 -41.77
N ASP C 496 -6.29 5.99 -42.83
CA ASP C 496 -7.63 5.64 -43.28
C ASP C 496 -8.03 4.34 -42.59
N PRO C 497 -9.03 4.36 -41.70
CA PRO C 497 -9.37 3.12 -40.98
C PRO C 497 -9.81 1.98 -41.89
N ALA C 498 -10.52 2.27 -42.97
CA ALA C 498 -11.04 1.22 -43.83
C ALA C 498 -9.93 0.52 -44.60
N THR C 499 -9.04 1.29 -45.23
CA THR C 499 -7.98 0.76 -46.05
C THR C 499 -6.64 0.62 -45.34
N SER C 500 -6.50 1.17 -44.12
CA SER C 500 -5.25 1.16 -43.37
C SER C 500 -4.11 1.82 -44.13
N ALA C 501 -4.43 2.69 -45.09
CA ALA C 501 -3.42 3.31 -45.94
C ALA C 501 -2.96 4.62 -45.30
N VAL C 502 -1.67 4.72 -45.01
CA VAL C 502 -1.07 5.92 -44.44
C VAL C 502 -0.76 6.88 -45.57
N THR C 503 -1.46 8.01 -45.62
CA THR C 503 -1.28 9.02 -46.66
C THR C 503 -0.68 10.28 -46.07
N VAL C 504 0.45 10.73 -46.61
CA VAL C 504 1.10 11.94 -46.12
C VAL C 504 0.25 13.14 -46.48
N THR C 505 -0.03 13.99 -45.48
CA THR C 505 -0.84 15.19 -45.71
C THR C 505 0.02 16.38 -46.09
N LYS C 509 2.19 21.40 -42.41
CA LYS C 509 3.08 22.42 -41.88
C LYS C 509 3.47 22.12 -40.44
N VAL C 510 4.76 21.87 -40.22
CA VAL C 510 5.30 21.57 -38.90
C VAL C 510 6.51 22.46 -38.66
N LEU C 511 6.53 23.15 -37.53
CA LEU C 511 7.63 24.03 -37.16
C LEU C 511 8.26 23.68 -35.83
N LEU C 512 7.96 22.50 -35.28
CA LEU C 512 8.46 22.10 -33.98
C LEU C 512 9.41 20.90 -34.11
N THR C 513 10.60 21.03 -33.52
CA THR C 513 11.57 19.94 -33.57
C THR C 513 11.08 18.72 -32.79
N ASN C 514 10.45 18.95 -31.65
CA ASN C 514 10.02 17.88 -30.76
C ASN C 514 8.50 17.89 -30.65
N LEU C 515 7.95 16.77 -30.17
CA LEU C 515 6.50 16.59 -30.05
C LEU C 515 6.21 15.92 -28.71
N GLN C 516 5.95 16.73 -27.68
CA GLN C 516 5.73 16.17 -26.35
C GLN C 516 4.30 15.66 -26.19
N PHE C 517 3.30 16.48 -26.54
CA PHE C 517 1.91 16.09 -26.38
C PHE C 517 1.13 16.31 -27.67
N VAL C 518 0.20 15.41 -27.96
CA VAL C 518 -0.72 15.55 -29.11
C VAL C 518 -2.13 15.33 -28.57
N LEU C 519 -2.80 16.42 -28.18
CA LEU C 519 -4.12 16.31 -27.60
C LEU C 519 -5.17 16.10 -28.68
N ALA C 520 -6.35 15.65 -28.25
CA ALA C 520 -7.46 15.35 -29.15
C ALA C 520 -7.82 16.52 -30.06
N LYS D 9 52.08 -13.81 9.88
CA LYS D 9 50.92 -13.81 9.00
C LYS D 9 49.94 -12.71 9.40
N LYS D 10 48.66 -13.07 9.49
CA LYS D 10 47.59 -12.14 9.84
C LYS D 10 47.32 -12.27 11.35
N LYS D 11 47.80 -11.29 12.11
CA LYS D 11 47.61 -11.31 13.55
C LYS D 11 46.13 -11.24 13.89
N VAL D 12 45.67 -12.13 14.77
CA VAL D 12 44.26 -12.19 15.15
C VAL D 12 44.13 -12.08 16.67
N CYS D 13 43.07 -11.41 17.12
CA CYS D 13 42.81 -11.18 18.53
C CYS D 13 41.47 -11.79 18.90
N TYR D 14 41.42 -12.48 20.04
CA TYR D 14 40.22 -13.16 20.50
C TYR D 14 39.80 -12.56 21.84
N TYR D 15 38.49 -12.47 22.05
CA TYR D 15 37.94 -11.87 23.27
C TYR D 15 36.87 -12.79 23.81
N TYR D 16 37.07 -13.27 25.05
CA TYR D 16 36.10 -14.18 25.65
C TYR D 16 36.32 -14.31 27.15
N ASP D 17 35.21 -14.29 27.90
CA ASP D 17 35.19 -14.56 29.32
C ASP D 17 34.19 -15.66 29.60
N GLY D 18 34.56 -16.58 30.51
CA GLY D 18 33.73 -17.74 30.78
C GLY D 18 32.38 -17.41 31.40
N ASP D 19 32.36 -16.48 32.36
CA ASP D 19 31.16 -16.20 33.14
C ASP D 19 29.98 -15.78 32.27
N ILE D 20 30.25 -15.30 31.05
CA ILE D 20 29.17 -14.88 30.17
C ILE D 20 28.17 -16.00 29.96
N GLY D 21 28.58 -17.25 30.20
CA GLY D 21 27.69 -18.37 29.97
C GLY D 21 26.62 -18.56 31.04
N ASN D 22 26.66 -17.78 32.12
CA ASN D 22 25.72 -17.95 33.22
C ASN D 22 24.59 -16.92 33.22
N TYR D 23 24.48 -16.12 32.16
CA TYR D 23 23.45 -15.09 32.06
C TYR D 23 22.20 -15.67 31.42
N TYR D 24 21.43 -16.40 32.23
CA TYR D 24 20.20 -17.00 31.75
C TYR D 24 19.18 -15.92 31.40
N TYR D 25 18.81 -15.86 30.12
CA TYR D 25 17.86 -14.85 29.65
C TYR D 25 16.50 -15.03 30.31
N GLY D 26 16.02 -16.25 30.42
CA GLY D 26 14.72 -16.53 30.99
C GLY D 26 14.08 -17.74 30.34
N GLN D 27 13.04 -18.23 30.98
CA GLN D 27 12.33 -19.39 30.46
C GLN D 27 11.81 -19.10 29.07
N GLY D 28 12.00 -20.05 28.16
CA GLY D 28 11.54 -19.86 26.78
C GLY D 28 12.25 -18.73 26.07
N HIS D 29 13.58 -18.66 26.20
CA HIS D 29 14.35 -17.56 25.65
C HIS D 29 15.00 -17.93 24.34
N PRO D 30 14.65 -17.25 23.23
CA PRO D 30 15.38 -17.50 21.98
C PRO D 30 16.86 -17.20 22.07
N MET D 31 17.24 -16.17 22.83
CA MET D 31 18.62 -15.74 22.96
C MET D 31 19.28 -16.46 24.12
N LYS D 32 20.33 -17.22 23.84
CA LYS D 32 21.02 -18.03 24.84
C LYS D 32 22.51 -17.71 24.77
N PRO D 33 22.97 -16.73 25.56
CA PRO D 33 24.39 -16.31 25.48
C PRO D 33 25.38 -17.44 25.76
N HIS D 34 25.03 -18.37 26.63
CA HIS D 34 25.91 -19.49 26.98
C HIS D 34 26.35 -20.27 25.75
N ARG D 35 25.68 -20.04 24.61
CA ARG D 35 26.07 -20.71 23.38
C ARG D 35 27.51 -20.42 23.02
N ILE D 36 27.99 -19.22 23.33
CA ILE D 36 29.37 -18.87 23.03
C ILE D 36 30.35 -19.79 23.73
N ARG D 37 29.99 -20.32 24.91
CA ARG D 37 30.96 -21.20 25.55
C ARG D 37 30.99 -22.53 24.85
N MET D 38 29.83 -22.98 24.37
CA MET D 38 29.77 -24.20 23.60
C MET D 38 30.56 -24.02 22.30
N THR D 39 30.86 -22.76 21.96
CA THR D 39 31.73 -22.40 20.84
C THR D 39 33.19 -22.38 21.29
N HIS D 40 33.47 -21.78 22.44
CA HIS D 40 34.85 -21.65 22.90
C HIS D 40 35.55 -23.00 22.93
N ASN D 41 34.85 -24.04 23.38
CA ASN D 41 35.48 -25.35 23.49
C ASN D 41 35.88 -25.89 22.13
N LEU D 42 35.09 -25.58 21.09
CA LEU D 42 35.43 -26.01 19.75
C LEU D 42 36.69 -25.33 19.26
N LEU D 43 37.01 -24.16 19.80
CA LEU D 43 38.30 -23.54 19.52
C LEU D 43 39.42 -24.29 20.22
N LEU D 44 39.21 -24.65 21.50
CA LEU D 44 40.25 -25.37 22.24
C LEU D 44 40.39 -26.80 21.73
N ASN D 45 39.26 -27.50 21.54
CA ASN D 45 39.33 -28.91 21.14
C ASN D 45 39.97 -29.07 19.78
N TYR D 46 39.67 -28.17 18.85
CA TYR D 46 40.32 -28.20 17.54
C TYR D 46 41.77 -27.73 17.60
N GLY D 47 42.15 -27.04 18.67
CA GLY D 47 43.51 -26.57 18.83
C GLY D 47 43.77 -25.19 18.29
N LEU D 48 42.76 -24.53 17.72
CA LEU D 48 42.92 -23.16 17.24
C LEU D 48 43.36 -22.21 18.35
N TYR D 49 43.16 -22.59 19.61
CA TYR D 49 43.49 -21.70 20.73
C TYR D 49 44.98 -21.38 20.76
N ARG D 50 45.84 -22.38 20.55
CA ARG D 50 47.27 -22.17 20.70
C ARG D 50 47.79 -21.18 19.67
N LYS D 51 47.39 -21.33 18.41
CA LYS D 51 47.91 -20.47 17.35
C LYS D 51 47.43 -19.04 17.51
N MET D 52 46.42 -18.81 18.33
CA MET D 52 45.73 -17.54 18.47
C MET D 52 46.15 -16.83 19.75
N GLU D 53 45.79 -15.55 19.85
CA GLU D 53 45.88 -14.78 21.08
C GLU D 53 44.49 -14.60 21.67
N ILE D 54 44.32 -15.02 22.92
CA ILE D 54 43.02 -15.10 23.58
C ILE D 54 43.01 -14.14 24.77
N TYR D 55 41.96 -13.32 24.84
CA TYR D 55 41.77 -12.39 25.95
C TYR D 55 40.31 -12.45 26.39
N ARG D 56 40.01 -11.73 27.48
CA ARG D 56 38.65 -11.62 27.96
C ARG D 56 38.21 -10.16 27.97
N PRO D 57 36.98 -9.87 27.52
CA PRO D 57 36.51 -8.49 27.53
C PRO D 57 36.37 -7.98 28.95
N HIS D 58 37.04 -6.88 29.25
CA HIS D 58 36.98 -6.33 30.59
C HIS D 58 35.72 -5.49 30.75
N LYS D 59 35.41 -5.15 32.01
CA LYS D 59 34.18 -4.44 32.31
C LYS D 59 34.11 -3.10 31.58
N ALA D 60 32.95 -2.82 31.00
CA ALA D 60 32.70 -1.54 30.34
C ALA D 60 32.10 -0.58 31.35
N THR D 61 32.78 0.54 31.59
CA THR D 61 32.33 1.49 32.59
C THR D 61 31.06 2.19 32.13
N ALA D 62 30.29 2.67 33.11
CA ALA D 62 29.06 3.39 32.81
C ALA D 62 29.34 4.64 31.98
N GLU D 63 30.44 5.33 32.29
CA GLU D 63 30.82 6.50 31.50
C GLU D 63 31.12 6.11 30.06
N GLU D 64 31.83 5.00 29.85
CA GLU D 64 32.13 4.54 28.51
C GLU D 64 30.85 4.34 27.69
N MET D 65 29.84 3.72 28.29
CA MET D 65 28.56 3.56 27.59
C MET D 65 27.90 4.89 27.30
N THR D 66 28.24 5.94 28.05
CA THR D 66 27.64 7.26 27.83
C THR D 66 28.48 8.04 26.80
N LYS D 67 28.69 7.37 25.67
CA LYS D 67 29.31 7.96 24.49
C LYS D 67 28.34 8.09 23.33
N TYR D 68 27.48 7.09 23.14
CA TYR D 68 26.37 7.14 22.20
C TYR D 68 25.02 7.09 22.89
N HIS D 69 24.94 6.50 24.07
CA HIS D 69 23.70 6.38 24.81
C HIS D 69 23.50 7.61 25.70
N SER D 70 22.29 7.73 26.23
CA SER D 70 21.95 8.80 27.17
C SER D 70 22.32 8.38 28.58
N ASP D 71 22.58 9.38 29.43
CA ASP D 71 22.92 9.09 30.83
C ASP D 71 21.73 8.46 31.56
N GLU D 72 20.52 8.97 31.31
CA GLU D 72 19.35 8.47 32.01
C GLU D 72 19.10 7.01 31.68
N TYR D 73 19.24 6.63 30.40
CA TYR D 73 18.97 5.26 29.98
C TYR D 73 19.94 4.28 30.62
N ILE D 74 21.24 4.61 30.60
CA ILE D 74 22.23 3.73 31.20
C ILE D 74 22.05 3.66 32.71
N LYS D 75 21.69 4.79 33.34
CA LYS D 75 21.41 4.76 34.77
C LYS D 75 20.23 3.85 35.09
N PHE D 76 19.18 3.91 34.25
CA PHE D 76 18.02 3.04 34.44
C PHE D 76 18.42 1.58 34.31
N LEU D 77 19.21 1.26 33.27
CA LEU D 77 19.61 -0.13 33.07
C LEU D 77 20.48 -0.63 34.22
N ARG D 78 21.37 0.24 34.73
CA ARG D 78 22.25 -0.14 35.82
C ARG D 78 21.50 -0.32 37.13
N SER D 79 20.44 0.44 37.35
CA SER D 79 19.76 0.48 38.64
C SER D 79 18.58 -0.48 38.73
N ILE D 80 18.30 -1.28 37.71
CA ILE D 80 17.17 -2.21 37.73
C ILE D 80 17.69 -3.61 38.01
N ARG D 81 17.35 -4.15 39.17
CA ARG D 81 17.61 -5.53 39.53
C ARG D 81 16.30 -6.32 39.54
N PRO D 82 16.37 -7.65 39.38
CA PRO D 82 15.13 -8.44 39.34
C PRO D 82 14.23 -8.32 40.56
N ASP D 83 14.78 -8.16 41.76
CA ASP D 83 13.92 -8.02 42.93
C ASP D 83 13.11 -6.74 42.91
N ASN D 84 13.73 -5.62 42.53
CA ASN D 84 13.09 -4.30 42.57
C ASN D 84 12.41 -3.88 41.26
N MET D 85 11.85 -4.79 40.46
CA MET D 85 11.11 -4.31 39.29
C MET D 85 9.94 -3.40 39.65
N SER D 86 9.41 -3.52 40.87
CA SER D 86 8.24 -2.73 41.26
C SER D 86 8.54 -1.23 41.26
N GLU D 87 9.71 -0.83 41.76
CA GLU D 87 10.00 0.61 41.87
C GLU D 87 10.07 1.27 40.50
N TYR D 88 10.67 0.60 39.52
CA TYR D 88 10.88 1.17 38.19
C TYR D 88 9.83 0.71 37.19
N SER D 89 8.70 0.18 37.66
CA SER D 89 7.65 -0.30 36.75
C SER D 89 7.20 0.79 35.80
N LYS D 90 7.24 2.05 36.25
CA LYS D 90 6.83 3.15 35.39
C LYS D 90 7.83 3.38 34.27
N GLN D 91 9.13 3.33 34.57
CA GLN D 91 10.16 3.59 33.57
C GLN D 91 10.37 2.42 32.62
N MET D 92 9.82 1.24 32.92
CA MET D 92 9.96 0.10 32.02
C MET D 92 9.19 0.28 30.73
N GLN D 93 8.32 1.27 30.63
CA GLN D 93 7.59 1.56 29.40
C GLN D 93 8.26 2.64 28.57
N ARG D 94 8.95 3.58 29.21
CA ARG D 94 9.66 4.63 28.47
C ARG D 94 10.91 4.10 27.79
N PHE D 95 11.48 3.00 28.28
CA PHE D 95 12.72 2.47 27.75
C PHE D 95 12.58 1.08 27.13
N ASN D 96 11.36 0.55 27.05
CA ASN D 96 11.08 -0.71 26.35
C ASN D 96 11.91 -1.85 26.91
N VAL D 97 11.98 -1.96 28.24
CA VAL D 97 12.65 -3.06 28.90
C VAL D 97 11.66 -3.76 29.82
N GLY D 98 11.53 -5.07 29.65
CA GLY D 98 10.75 -5.88 30.58
C GLY D 98 9.87 -6.93 29.95
N GLU D 99 9.44 -6.71 28.70
CA GLU D 99 8.55 -7.65 28.03
C GLU D 99 9.25 -8.38 26.89
N ASP D 100 9.44 -7.68 25.77
CA ASP D 100 10.08 -8.30 24.61
C ASP D 100 11.51 -8.70 24.91
N CYS D 101 12.21 -7.89 25.69
CA CYS D 101 13.59 -8.15 26.10
C CYS D 101 13.64 -8.11 27.63
N PRO D 102 13.04 -9.11 28.28
CA PRO D 102 12.86 -9.03 29.74
C PRO D 102 14.17 -8.87 30.50
N VAL D 103 14.04 -8.29 31.69
CA VAL D 103 15.16 -8.11 32.61
C VAL D 103 15.43 -9.43 33.34
N PHE D 104 16.70 -9.72 33.61
CA PHE D 104 17.10 -10.92 34.30
C PHE D 104 18.27 -10.60 35.23
N ASP D 105 18.80 -11.64 35.88
CA ASP D 105 19.85 -11.43 36.87
C ASP D 105 21.17 -11.07 36.20
N GLY D 106 21.83 -10.04 36.74
CA GLY D 106 23.10 -9.57 36.22
C GLY D 106 23.03 -9.04 34.81
N LEU D 107 21.96 -8.30 34.49
CA LEU D 107 21.82 -7.78 33.13
C LEU D 107 22.93 -6.79 32.81
N PHE D 108 23.22 -5.89 33.75
CA PHE D 108 24.27 -4.92 33.52
C PHE D 108 25.61 -5.63 33.45
N GLU D 109 25.82 -6.66 34.27
CA GLU D 109 27.07 -7.40 34.21
C GLU D 109 27.20 -8.07 32.85
N PHE D 110 26.06 -8.46 32.25
CA PHE D 110 26.07 -9.06 30.92
C PHE D 110 26.53 -8.05 29.88
N CYS D 111 26.07 -6.81 30.01
CA CYS D 111 26.51 -5.80 29.05
C CYS D 111 27.90 -5.25 29.37
N GLN D 112 28.40 -5.46 30.59
CA GLN D 112 29.80 -5.17 30.90
C GLN D 112 30.76 -5.97 30.04
N LEU D 113 30.32 -7.13 29.54
CA LEU D 113 31.15 -8.04 28.78
C LEU D 113 30.76 -8.13 27.32
N SER D 114 29.47 -8.06 26.99
CA SER D 114 29.07 -8.05 25.58
C SER D 114 29.63 -6.83 24.86
N THR D 115 29.74 -5.70 25.56
CA THR D 115 30.31 -4.48 24.99
C THR D 115 31.81 -4.37 25.23
N GLY D 116 32.32 -5.02 26.28
CA GLY D 116 33.72 -4.90 26.64
C GLY D 116 34.69 -5.42 25.59
N GLY D 117 34.21 -6.22 24.66
CA GLY D 117 35.06 -6.82 23.64
C GLY D 117 35.16 -5.98 22.39
N SER D 118 34.11 -5.18 22.13
CA SER D 118 34.08 -4.36 20.92
C SER D 118 34.98 -3.13 21.06
N VAL D 119 34.79 -2.34 22.11
CA VAL D 119 35.64 -1.16 22.32
C VAL D 119 37.09 -1.56 22.54
N ALA D 120 37.31 -2.57 23.39
CA ALA D 120 38.68 -3.01 23.67
C ALA D 120 39.29 -3.80 22.52
N GLY D 121 38.47 -4.30 21.59
CA GLY D 121 39.03 -4.94 20.41
C GLY D 121 39.36 -3.91 19.35
N ALA D 122 38.49 -2.92 19.18
CA ALA D 122 38.78 -1.80 18.31
C ALA D 122 39.97 -1.00 18.78
N VAL D 123 40.29 -1.03 20.08
CA VAL D 123 41.49 -0.37 20.57
C VAL D 123 42.73 -0.99 19.95
N LYS D 124 42.79 -2.33 19.94
CA LYS D 124 43.91 -3.00 19.29
C LYS D 124 43.85 -2.89 17.78
N LEU D 125 42.64 -2.95 17.22
CA LEU D 125 42.49 -2.94 15.76
C LEU D 125 42.92 -1.61 15.16
N ASN D 126 42.47 -0.49 15.74
CA ASN D 126 42.86 0.81 15.21
C ASN D 126 44.35 1.04 15.35
N ARG D 127 44.93 0.61 16.46
CA ARG D 127 46.36 0.68 16.66
C ARG D 127 47.05 -0.40 15.82
N GLN D 128 48.38 -0.33 15.76
CA GLN D 128 49.16 -1.29 14.98
C GLN D 128 49.42 -2.55 15.81
N GLN D 129 48.33 -3.25 16.12
CA GLN D 129 48.41 -4.48 16.91
C GLN D 129 47.77 -5.69 16.23
N THR D 130 46.80 -5.50 15.35
CA THR D 130 46.15 -6.64 14.71
C THR D 130 45.52 -6.21 13.39
N ASP D 131 45.36 -7.19 12.50
CA ASP D 131 44.57 -7.03 11.29
C ASP D 131 43.16 -7.59 11.43
N MET D 132 42.89 -8.37 12.46
CA MET D 132 41.56 -8.96 12.64
C MET D 132 41.30 -9.15 14.13
N ALA D 133 40.28 -8.47 14.65
CA ALA D 133 39.82 -8.65 16.01
C ALA D 133 38.50 -9.42 16.01
N VAL D 134 38.34 -10.31 16.99
CA VAL D 134 37.20 -11.22 17.07
C VAL D 134 36.49 -11.02 18.39
N ASN D 135 35.17 -10.94 18.36
CA ASN D 135 34.36 -10.87 19.58
C ASN D 135 33.00 -11.49 19.28
N TRP D 136 32.83 -12.77 19.64
CA TRP D 136 31.56 -13.45 19.41
C TRP D 136 30.49 -13.06 20.42
N ALA D 137 30.86 -12.42 21.54
CA ALA D 137 29.89 -12.01 22.53
C ALA D 137 29.18 -10.71 22.16
N GLY D 138 29.73 -9.95 21.21
CA GLY D 138 29.13 -8.70 20.80
C GLY D 138 28.06 -8.85 19.76
N GLY D 139 28.12 -8.04 18.71
CA GLY D 139 27.17 -8.16 17.62
C GLY D 139 25.78 -7.66 17.92
N LEU D 140 25.63 -6.83 18.95
CA LEU D 140 24.34 -6.27 19.31
C LEU D 140 24.15 -4.95 18.58
N HIS D 141 23.15 -4.88 17.71
CA HIS D 141 22.98 -3.74 16.82
C HIS D 141 21.61 -3.07 16.91
N HIS D 142 20.61 -3.72 17.48
CA HIS D 142 19.25 -3.16 17.48
C HIS D 142 19.04 -2.12 18.57
N ALA D 143 19.94 -2.03 19.55
CA ALA D 143 19.76 -1.06 20.63
C ALA D 143 19.75 0.36 20.09
N LYS D 144 18.89 1.19 20.67
CA LYS D 144 18.75 2.58 20.27
C LYS D 144 19.52 3.47 21.24
N LYS D 145 19.47 4.78 20.98
CA LYS D 145 20.22 5.72 21.82
C LYS D 145 19.72 5.69 23.25
N SER D 146 18.40 5.71 23.43
CA SER D 146 17.80 5.75 24.77
C SER D 146 16.64 4.76 24.84
N GLU D 147 16.84 3.55 24.32
CA GLU D 147 15.80 2.54 24.31
C GLU D 147 16.43 1.19 23.98
N ALA D 148 15.88 0.13 24.57
CA ALA D 148 16.27 -1.24 24.26
C ALA D 148 15.33 -1.80 23.19
N SER D 149 15.90 -2.20 22.05
CA SER D 149 15.13 -2.76 20.96
C SER D 149 15.66 -4.15 20.66
N GLY D 150 14.74 -5.04 20.24
CA GLY D 150 15.13 -6.41 19.98
C GLY D 150 15.61 -7.08 21.26
N PHE D 151 16.83 -7.62 21.21
CA PHE D 151 17.45 -8.27 22.36
C PHE D 151 18.73 -7.55 22.76
N CYS D 152 18.75 -6.23 22.63
CA CYS D 152 19.97 -5.46 22.83
C CYS D 152 19.68 -4.28 23.76
N TYR D 153 20.68 -3.95 24.58
CA TYR D 153 20.61 -2.84 25.52
C TYR D 153 21.65 -1.78 25.23
N VAL D 154 22.92 -2.16 25.15
CA VAL D 154 24.01 -1.26 24.80
C VAL D 154 24.53 -1.67 23.43
N ASN D 155 24.62 -0.70 22.52
CA ASN D 155 24.98 -0.99 21.14
C ASN D 155 26.50 -1.03 21.07
N ASP D 156 27.06 -2.23 21.18
CA ASP D 156 28.50 -2.39 21.12
C ASP D 156 29.07 -2.00 19.76
N ILE D 157 28.31 -2.22 18.68
CA ILE D 157 28.78 -1.88 17.34
C ILE D 157 28.98 -0.38 17.22
N VAL D 158 28.00 0.40 17.68
CA VAL D 158 28.08 1.85 17.55
C VAL D 158 29.21 2.40 18.40
N LEU D 159 29.38 1.88 19.62
CA LEU D 159 30.50 2.31 20.46
C LEU D 159 31.83 2.00 19.79
N ALA D 160 31.96 0.80 19.21
CA ALA D 160 33.20 0.44 18.54
C ALA D 160 33.46 1.33 17.33
N ILE D 161 32.42 1.64 16.55
CA ILE D 161 32.59 2.50 15.39
C ILE D 161 33.03 3.90 15.81
N LEU D 162 32.38 4.46 16.84
CA LEU D 162 32.81 5.77 17.35
C LEU D 162 34.25 5.73 17.84
N GLU D 163 34.63 4.67 18.54
CA GLU D 163 36.00 4.53 19.02
C GLU D 163 36.97 4.35 17.86
N LEU D 164 36.49 3.85 16.72
CA LEU D 164 37.33 3.68 15.54
C LEU D 164 37.51 5.00 14.78
N LEU D 165 36.47 5.84 14.75
CA LEU D 165 36.54 7.08 13.99
C LEU D 165 37.65 8.00 14.48
N LYS D 166 38.12 7.80 15.71
CA LYS D 166 39.18 8.63 16.24
C LYS D 166 40.47 8.44 15.44
N TYR D 167 40.73 7.21 14.99
CA TYR D 167 41.95 6.89 14.28
C TYR D 167 41.77 6.80 12.76
N HIS D 168 40.53 6.73 12.27
CA HIS D 168 40.28 6.56 10.84
C HIS D 168 39.27 7.59 10.37
N GLN D 169 39.42 7.99 9.10
CA GLN D 169 38.52 8.98 8.50
C GLN D 169 37.21 8.35 8.04
N ARG D 170 37.29 7.37 7.14
CA ARG D 170 36.12 6.70 6.57
C ARG D 170 36.05 5.28 7.11
N VAL D 171 34.88 4.88 7.58
CA VAL D 171 34.66 3.55 8.15
C VAL D 171 33.46 2.88 7.50
N LEU D 172 33.71 1.73 6.88
CA LEU D 172 32.66 0.92 6.28
C LEU D 172 32.18 -0.10 7.31
N TYR D 173 30.87 -0.20 7.49
CA TYR D 173 30.25 -1.17 8.38
C TYR D 173 29.43 -2.13 7.53
N ILE D 174 29.82 -3.39 7.51
CA ILE D 174 29.09 -4.42 6.78
C ILE D 174 28.30 -5.23 7.80
N ASP D 175 26.99 -5.35 7.56
CA ASP D 175 26.08 -6.08 8.44
C ASP D 175 25.66 -7.35 7.71
N ILE D 176 26.43 -8.42 7.91
CA ILE D 176 26.05 -9.77 7.49
C ILE D 176 25.11 -10.30 8.55
N ASP D 177 23.82 -10.34 8.25
CA ASP D 177 22.81 -10.74 9.22
C ASP D 177 21.50 -10.92 8.47
N ILE D 178 20.47 -11.33 9.19
CA ILE D 178 19.13 -11.40 8.62
C ILE D 178 18.25 -10.27 9.12
N HIS D 179 18.68 -9.54 10.15
CA HIS D 179 17.98 -8.36 10.63
C HIS D 179 18.73 -7.11 10.23
N HIS D 180 17.99 -6.11 9.78
CA HIS D 180 18.59 -4.80 9.51
C HIS D 180 19.13 -4.19 10.79
N GLY D 181 20.32 -3.59 10.70
CA GLY D 181 20.92 -2.98 11.86
C GLY D 181 20.45 -1.56 12.07
N ASP D 182 19.43 -1.39 12.93
CA ASP D 182 18.81 -0.08 13.10
C ASP D 182 19.72 0.88 13.85
N GLY D 183 20.29 0.43 14.97
CA GLY D 183 21.09 1.34 15.78
C GLY D 183 22.25 1.94 15.03
N VAL D 184 23.00 1.11 14.30
CA VAL D 184 24.16 1.61 13.57
C VAL D 184 23.75 2.57 12.47
N GLU D 185 22.69 2.23 11.72
CA GLU D 185 22.30 3.08 10.60
C GLU D 185 21.82 4.43 11.12
N GLU D 186 20.91 4.44 12.10
CA GLU D 186 20.41 5.72 12.59
C GLU D 186 21.52 6.49 13.29
N ALA D 187 22.46 5.80 13.93
CA ALA D 187 23.58 6.49 14.56
C ALA D 187 24.45 7.19 13.53
N PHE D 188 24.51 6.66 12.31
CA PHE D 188 25.36 7.26 11.27
C PHE D 188 24.57 7.53 9.99
N TYR D 189 23.27 7.80 10.12
CA TYR D 189 22.44 8.01 8.93
C TYR D 189 22.74 9.34 8.25
N THR D 190 23.09 10.37 9.03
CA THR D 190 23.28 11.73 8.51
C THR D 190 24.74 12.16 8.51
N THR D 191 25.67 11.22 8.40
CA THR D 191 27.09 11.54 8.37
C THR D 191 27.77 10.76 7.25
N ASP D 192 28.79 11.38 6.67
CA ASP D 192 29.57 10.76 5.60
C ASP D 192 30.81 10.05 6.12
N ARG D 193 31.08 10.11 7.43
CA ARG D 193 32.26 9.44 7.96
C ARG D 193 32.12 7.94 7.98
N VAL D 194 30.90 7.42 8.04
CA VAL D 194 30.64 5.99 8.16
C VAL D 194 29.59 5.61 7.14
N MET D 195 29.90 4.67 6.26
CA MET D 195 28.90 4.09 5.39
C MET D 195 28.51 2.72 5.94
N THR D 196 27.22 2.44 6.00
CA THR D 196 26.70 1.22 6.61
C THR D 196 26.01 0.39 5.54
N VAL D 197 26.76 -0.52 4.92
CA VAL D 197 26.19 -1.51 4.01
C VAL D 197 25.61 -2.65 4.84
N SER D 198 24.31 -2.89 4.68
CA SER D 198 23.58 -3.85 5.49
C SER D 198 22.89 -4.84 4.58
N PHE D 199 23.27 -6.12 4.68
CA PHE D 199 22.63 -7.19 3.92
C PHE D 199 21.65 -7.87 4.88
N HIS D 200 20.36 -7.77 4.59
CA HIS D 200 19.36 -8.17 5.56
C HIS D 200 18.07 -8.54 4.85
N LYS D 201 17.25 -9.32 5.54
CA LYS D 201 15.93 -9.66 5.04
C LYS D 201 15.01 -8.47 5.28
N TYR D 202 14.27 -8.07 4.25
CA TYR D 202 13.39 -6.93 4.33
C TYR D 202 11.96 -7.34 4.00
N GLY D 203 11.01 -6.59 4.55
CA GLY D 203 9.62 -6.88 4.38
C GLY D 203 8.86 -6.54 5.65
N GLU D 204 8.03 -7.48 6.10
CA GLU D 204 7.35 -7.35 7.39
C GLU D 204 8.16 -8.08 8.46
N TYR D 205 9.41 -7.65 8.59
CA TYR D 205 10.38 -8.23 9.49
C TYR D 205 10.51 -7.34 10.73
N PHE D 206 11.29 -7.81 11.71
CA PHE D 206 11.36 -7.18 13.02
C PHE D 206 11.70 -5.69 12.93
N PRO D 207 12.88 -5.31 12.40
CA PRO D 207 13.27 -3.89 12.49
C PRO D 207 12.28 -2.93 11.85
N GLY D 208 11.68 -3.32 10.74
CA GLY D 208 10.77 -2.45 10.03
C GLY D 208 11.43 -1.40 9.18
N THR D 209 12.74 -1.23 9.31
CA THR D 209 13.50 -0.24 8.55
C THR D 209 14.47 -0.95 7.62
N GLY D 210 15.16 -0.16 6.81
CA GLY D 210 16.09 -0.68 5.84
C GLY D 210 15.55 -0.71 4.44
N ASP D 211 14.70 0.25 4.06
CA ASP D 211 14.13 0.29 2.73
C ASP D 211 15.21 0.61 1.70
N LEU D 212 14.98 0.13 0.47
CA LEU D 212 15.92 0.41 -0.61
C LEU D 212 16.07 1.91 -0.84
N ARG D 213 15.04 2.68 -0.52
CA ARG D 213 15.07 4.12 -0.70
C ARG D 213 15.66 4.86 0.49
N ASP D 214 15.94 4.15 1.60
CA ASP D 214 16.60 4.75 2.75
C ASP D 214 18.10 4.82 2.47
N ILE D 215 18.44 5.70 1.53
CA ILE D 215 19.83 5.79 1.06
C ILE D 215 20.63 6.85 1.79
N GLY D 216 20.00 7.63 2.68
CA GLY D 216 20.69 8.59 3.51
C GLY D 216 20.03 9.94 3.46
N ALA D 217 20.60 10.88 4.23
CA ALA D 217 20.10 12.24 4.28
C ALA D 217 21.21 13.16 4.77
N GLY D 218 21.04 14.45 4.51
CA GLY D 218 22.02 15.43 4.96
C GLY D 218 23.36 15.26 4.27
N LYS D 219 24.44 15.60 5.00
CA LYS D 219 25.77 15.47 4.45
C LYS D 219 26.09 14.03 4.06
N GLY D 220 25.55 13.07 4.81
CA GLY D 220 25.72 11.67 4.48
C GLY D 220 24.58 11.18 3.62
N LYS D 221 24.21 11.97 2.61
CA LYS D 221 23.06 11.64 1.78
C LYS D 221 23.24 10.31 1.06
N TYR D 222 24.42 10.06 0.51
CA TYR D 222 24.70 8.82 -0.22
C TYR D 222 25.67 7.93 0.53
N TYR D 223 25.51 7.84 1.85
CA TYR D 223 26.38 7.04 2.70
C TYR D 223 25.56 6.07 3.55
N ALA D 224 24.53 5.48 2.97
CA ALA D 224 23.72 4.48 3.66
C ALA D 224 23.22 3.48 2.62
N VAL D 225 23.92 2.36 2.49
CA VAL D 225 23.59 1.32 1.52
C VAL D 225 22.87 0.19 2.23
N ASN D 226 21.69 -0.17 1.71
CA ASN D 226 20.92 -1.29 2.22
C ASN D 226 20.58 -2.22 1.07
N PHE D 227 20.74 -3.54 1.27
CA PHE D 227 20.40 -4.52 0.25
C PHE D 227 19.28 -5.39 0.79
N PRO D 228 18.02 -5.01 0.53
CA PRO D 228 16.89 -5.84 0.97
C PRO D 228 16.93 -7.22 0.34
N MET D 229 16.52 -8.23 1.11
CA MET D 229 16.45 -9.60 0.62
C MET D 229 15.21 -10.29 1.17
N ARG D 230 14.81 -11.35 0.47
CA ARG D 230 13.69 -12.18 0.88
C ARG D 230 14.23 -13.36 1.70
N ASP D 231 13.38 -14.34 1.97
CA ASP D 231 13.75 -15.47 2.82
C ASP D 231 14.32 -16.61 1.99
N GLY D 232 15.40 -17.21 2.49
CA GLY D 232 15.96 -18.41 1.89
C GLY D 232 17.02 -18.21 0.83
N ILE D 233 17.87 -17.19 0.96
CA ILE D 233 18.93 -16.95 -0.02
C ILE D 233 19.99 -18.03 0.10
N ASP D 234 20.39 -18.59 -1.05
CA ASP D 234 21.34 -19.69 -1.05
C ASP D 234 22.75 -19.16 -0.82
N ASP D 235 23.71 -20.08 -0.76
CA ASP D 235 25.10 -19.70 -0.58
C ASP D 235 25.62 -18.97 -1.81
N GLU D 236 25.35 -19.52 -2.99
CA GLU D 236 25.89 -18.97 -4.23
C GLU D 236 25.39 -17.56 -4.48
N SER D 237 24.07 -17.36 -4.33
CA SER D 237 23.50 -16.04 -4.56
C SER D 237 24.06 -15.02 -3.58
N TYR D 238 24.16 -15.39 -2.30
CA TYR D 238 24.68 -14.46 -1.30
C TYR D 238 26.12 -14.08 -1.61
N GLY D 239 26.96 -15.06 -1.97
CA GLY D 239 28.34 -14.75 -2.29
C GLY D 239 28.47 -13.90 -3.55
N GLN D 240 27.69 -14.23 -4.59
CA GLN D 240 27.78 -13.50 -5.86
C GLN D 240 27.23 -12.09 -5.73
N ILE D 241 26.33 -11.84 -4.78
CA ILE D 241 25.90 -10.46 -4.50
C ILE D 241 26.83 -9.77 -3.52
N PHE D 242 27.56 -10.52 -2.69
CA PHE D 242 28.37 -9.91 -1.66
C PHE D 242 29.70 -9.41 -2.22
N LYS D 243 30.40 -10.25 -2.99
CA LYS D 243 31.72 -9.85 -3.47
C LYS D 243 31.69 -8.59 -4.34
N PRO D 244 30.88 -8.51 -5.41
CA PRO D 244 30.93 -7.31 -6.26
C PRO D 244 30.43 -6.06 -5.58
N ILE D 245 29.35 -6.15 -4.81
CA ILE D 245 28.82 -4.98 -4.12
C ILE D 245 29.86 -4.41 -3.17
N ILE D 246 30.50 -5.28 -2.38
CA ILE D 246 31.50 -4.80 -1.42
C ILE D 246 32.70 -4.22 -2.16
N SER D 247 33.13 -4.86 -3.25
CA SER D 247 34.26 -4.34 -4.01
C SER D 247 33.95 -2.96 -4.57
N LYS D 248 32.76 -2.79 -5.15
CA LYS D 248 32.37 -1.50 -5.71
C LYS D 248 32.26 -0.44 -4.62
N VAL D 249 31.69 -0.79 -3.47
CA VAL D 249 31.55 0.16 -2.37
C VAL D 249 32.93 0.63 -1.90
N MET D 250 33.85 -0.31 -1.73
CA MET D 250 35.19 0.08 -1.28
C MET D 250 35.90 0.93 -2.34
N GLU D 251 35.75 0.57 -3.62
CA GLU D 251 36.40 1.32 -4.68
C GLU D 251 35.89 2.76 -4.70
N MET D 252 34.59 2.95 -4.51
CA MET D 252 34.03 4.30 -4.55
C MET D 252 34.21 5.04 -3.22
N TYR D 253 34.54 4.32 -2.14
CA TYR D 253 34.56 4.93 -0.81
C TYR D 253 35.92 4.96 -0.12
N GLN D 254 36.84 4.04 -0.46
CA GLN D 254 38.15 3.98 0.18
C GLN D 254 38.02 3.87 1.70
N PRO D 255 37.48 2.77 2.23
CA PRO D 255 37.39 2.62 3.68
C PRO D 255 38.76 2.46 4.32
N SER D 256 38.85 2.86 5.59
CA SER D 256 40.09 2.73 6.34
C SER D 256 40.06 1.57 7.33
N ALA D 257 38.89 1.23 7.87
CA ALA D 257 38.78 0.14 8.83
C ALA D 257 37.34 -0.35 8.80
N VAL D 258 37.13 -1.59 8.38
CA VAL D 258 35.80 -2.14 8.17
C VAL D 258 35.36 -2.94 9.40
N VAL D 259 34.08 -2.81 9.73
CA VAL D 259 33.46 -3.49 10.87
C VAL D 259 32.45 -4.47 10.32
N LEU D 260 32.77 -5.77 10.37
CA LEU D 260 31.90 -6.83 9.91
C LEU D 260 31.13 -7.40 11.08
N GLN D 261 29.81 -7.29 11.04
CA GLN D 261 28.96 -7.91 12.04
C GLN D 261 28.40 -9.18 11.42
N CYS D 262 28.94 -10.32 11.85
CA CYS D 262 28.50 -11.62 11.39
C CYS D 262 27.42 -12.13 12.31
N GLY D 263 26.27 -12.49 11.74
CA GLY D 263 25.20 -13.03 12.54
C GLY D 263 24.90 -14.45 12.15
N ALA D 264 25.23 -15.39 13.05
CA ALA D 264 25.01 -16.80 12.75
C ALA D 264 23.54 -17.14 12.62
N ASP D 265 22.64 -16.25 13.03
CA ASP D 265 21.22 -16.42 12.74
C ASP D 265 20.92 -16.40 11.24
N SER D 266 21.93 -16.10 10.41
CA SER D 266 21.82 -16.20 8.96
C SER D 266 22.00 -17.62 8.46
N LEU D 267 22.41 -18.55 9.32
CA LEU D 267 22.63 -19.92 8.89
C LEU D 267 21.31 -20.64 8.70
N SER D 268 21.36 -21.71 7.90
CA SER D 268 20.18 -22.52 7.67
C SER D 268 19.85 -23.34 8.92
N GLY D 269 18.57 -23.37 9.28
CA GLY D 269 18.14 -24.11 10.44
C GLY D 269 18.12 -23.33 11.74
N ASP D 270 18.34 -22.02 11.71
CA ASP D 270 18.30 -21.24 12.93
C ASP D 270 16.88 -21.21 13.50
N ARG D 271 16.80 -21.10 14.83
CA ARG D 271 15.52 -21.16 15.53
C ARG D 271 14.73 -19.87 15.44
N LEU D 272 15.30 -18.80 14.90
CA LEU D 272 14.56 -17.57 14.62
C LEU D 272 14.63 -17.15 13.17
N GLY D 273 15.79 -17.26 12.52
CA GLY D 273 15.96 -16.76 11.17
C GLY D 273 15.37 -17.68 10.12
N CYS D 274 15.47 -17.24 8.86
CA CYS D 274 14.95 -18.00 7.74
C CYS D 274 15.89 -17.99 6.53
N PHE D 275 17.17 -17.67 6.72
CA PHE D 275 18.13 -17.77 5.63
C PHE D 275 18.64 -19.20 5.50
N ASN D 276 19.24 -19.48 4.34
CA ASN D 276 19.68 -20.83 3.99
C ASN D 276 21.19 -20.93 3.85
N LEU D 277 21.94 -19.98 4.41
CA LEU D 277 23.40 -20.02 4.32
C LEU D 277 23.96 -21.21 5.11
N THR D 278 24.99 -21.83 4.55
CA THR D 278 25.75 -22.86 5.23
C THR D 278 26.99 -22.26 5.88
N VAL D 279 27.71 -23.10 6.63
CA VAL D 279 28.95 -22.66 7.28
C VAL D 279 29.97 -22.22 6.23
N LYS D 280 30.14 -23.02 5.17
CA LYS D 280 31.05 -22.64 4.09
C LYS D 280 30.66 -21.31 3.47
N GLY D 281 29.38 -21.14 3.17
CA GLY D 281 28.94 -19.89 2.57
C GLY D 281 29.13 -18.71 3.50
N HIS D 282 28.91 -18.92 4.79
CA HIS D 282 29.07 -17.83 5.74
C HIS D 282 30.54 -17.46 5.89
N ALA D 283 31.44 -18.44 5.76
CA ALA D 283 32.86 -18.11 5.80
C ALA D 283 33.39 -17.57 4.49
N LYS D 284 32.64 -17.79 3.40
CA LYS D 284 33.03 -17.19 2.12
C LYS D 284 33.00 -15.67 2.21
N CYS D 285 32.02 -15.12 2.93
CA CYS D 285 31.93 -13.66 3.06
C CYS D 285 33.10 -13.09 3.86
N VAL D 286 33.47 -13.73 4.97
CA VAL D 286 34.59 -13.21 5.75
C VAL D 286 35.88 -13.33 4.96
N GLU D 287 36.06 -14.43 4.23
CA GLU D 287 37.26 -14.54 3.40
C GLU D 287 37.28 -13.49 2.30
N VAL D 288 36.13 -13.22 1.70
CA VAL D 288 36.03 -12.17 0.69
C VAL D 288 36.48 -10.83 1.26
N VAL D 289 35.98 -10.47 2.45
CA VAL D 289 36.40 -9.22 3.06
C VAL D 289 37.89 -9.26 3.42
N LYS D 290 38.41 -10.43 3.77
CA LYS D 290 39.85 -10.55 4.03
C LYS D 290 40.69 -10.26 2.79
N THR D 291 40.20 -10.64 1.60
CA THR D 291 40.99 -10.42 0.38
C THR D 291 41.42 -8.97 0.25
N PHE D 292 40.58 -8.03 0.68
CA PHE D 292 40.91 -6.61 0.51
C PHE D 292 42.00 -6.16 1.48
N ASN D 293 42.28 -6.94 2.52
CA ASN D 293 43.40 -6.69 3.43
C ASN D 293 43.32 -5.35 4.16
N LEU D 294 42.17 -5.09 4.79
CA LEU D 294 41.97 -3.93 5.64
C LEU D 294 41.65 -4.38 7.05
N PRO D 295 41.86 -3.52 8.05
CA PRO D 295 41.47 -3.88 9.42
C PRO D 295 40.00 -4.30 9.49
N LEU D 296 39.77 -5.43 10.13
CA LEU D 296 38.46 -6.10 10.15
C LEU D 296 38.05 -6.36 11.59
N LEU D 297 37.12 -5.57 12.11
CA LEU D 297 36.50 -5.90 13.38
C LEU D 297 35.40 -6.94 13.13
N MET D 298 35.26 -7.89 14.06
CA MET D 298 34.37 -9.03 13.87
C MET D 298 33.42 -9.15 15.06
N LEU D 299 32.17 -8.74 14.88
CA LEU D 299 31.18 -8.81 15.95
C LEU D 299 30.20 -9.95 15.68
N GLY D 300 30.08 -10.87 16.65
CA GLY D 300 29.20 -12.00 16.50
C GLY D 300 27.83 -11.78 17.09
N GLY D 301 26.84 -11.49 16.23
CA GLY D 301 25.49 -11.23 16.67
C GLY D 301 24.55 -12.40 16.43
N GLY D 302 23.30 -12.20 16.85
CA GLY D 302 22.28 -13.23 16.70
C GLY D 302 22.66 -14.48 17.47
N GLY D 303 22.77 -15.59 16.76
CA GLY D 303 23.18 -16.83 17.39
C GLY D 303 22.14 -17.48 18.28
N TYR D 304 21.09 -18.03 17.67
CA TYR D 304 19.96 -18.58 18.41
C TYR D 304 19.90 -20.10 18.41
N THR D 305 20.06 -20.75 17.25
CA THR D 305 20.22 -22.21 17.21
C THR D 305 21.65 -22.52 17.62
N ILE D 306 21.81 -23.02 18.84
CA ILE D 306 23.13 -23.00 19.46
C ILE D 306 24.13 -23.95 18.78
N ARG D 307 23.65 -25.03 18.15
CA ARG D 307 24.57 -25.94 17.46
C ARG D 307 25.13 -25.33 16.17
N ASN D 308 24.25 -24.88 15.29
CA ASN D 308 24.71 -24.30 14.03
C ASN D 308 25.55 -23.07 14.30
N VAL D 309 25.15 -22.27 15.29
CA VAL D 309 25.90 -21.06 15.63
C VAL D 309 27.28 -21.40 16.15
N ALA D 310 27.36 -22.41 17.04
CA ALA D 310 28.66 -22.79 17.57
C ALA D 310 29.58 -23.27 16.46
N ARG D 311 29.08 -24.13 15.58
CA ARG D 311 29.90 -24.63 14.48
C ARG D 311 30.33 -23.50 13.55
N CYS D 312 29.40 -22.61 13.21
CA CYS D 312 29.73 -21.51 12.30
C CYS D 312 30.78 -20.60 12.89
N TRP D 313 30.63 -20.22 14.16
CA TRP D 313 31.60 -19.30 14.76
C TRP D 313 32.97 -19.95 14.91
N THR D 314 33.02 -21.24 15.27
CA THR D 314 34.33 -21.89 15.32
C THR D 314 34.97 -21.95 13.93
N TYR D 315 34.18 -22.23 12.89
CA TYR D 315 34.74 -22.24 11.54
C TYR D 315 35.22 -20.84 11.15
N GLU D 316 34.46 -19.81 11.54
CA GLU D 316 34.87 -18.45 11.20
C GLU D 316 36.18 -18.11 11.88
N THR D 317 36.35 -18.59 13.11
CA THR D 317 37.63 -18.43 13.81
C THR D 317 38.75 -19.15 13.07
N ALA D 318 38.46 -20.35 12.55
CA ALA D 318 39.45 -21.08 11.76
C ALA D 318 39.83 -20.30 10.50
N VAL D 319 38.84 -19.72 9.83
CA VAL D 319 39.11 -18.92 8.64
C VAL D 319 39.99 -17.73 9.01
N ALA D 320 39.65 -17.07 10.13
CA ALA D 320 40.47 -15.97 10.63
C ALA D 320 41.90 -16.40 10.89
N LEU D 321 42.09 -17.67 11.26
CA LEU D 321 43.44 -18.17 11.51
C LEU D 321 44.09 -18.73 10.25
N ASP D 322 43.34 -18.84 9.15
CA ASP D 322 43.83 -19.41 7.89
C ASP D 322 44.38 -20.82 8.11
N CYS D 323 43.62 -21.62 8.86
CA CYS D 323 43.94 -22.99 9.18
C CYS D 323 42.89 -23.93 8.63
N GLU D 324 43.16 -25.23 8.74
CA GLU D 324 42.28 -26.27 8.24
C GLU D 324 41.72 -27.06 9.42
N ILE D 325 40.41 -27.30 9.39
CA ILE D 325 39.73 -28.06 10.44
C ILE D 325 38.92 -29.19 9.82
N PRO D 326 39.09 -30.43 10.30
CA PRO D 326 38.35 -31.55 9.72
C PRO D 326 36.85 -31.41 9.91
N ASN D 327 36.11 -31.98 8.96
CA ASN D 327 34.65 -31.98 9.03
C ASN D 327 34.14 -32.82 10.21
N GLU D 328 34.79 -33.95 10.47
CA GLU D 328 34.38 -34.84 11.56
C GLU D 328 34.69 -34.20 12.91
N LEU D 329 33.64 -33.81 13.64
CA LEU D 329 33.82 -33.15 14.93
C LEU D 329 34.43 -34.09 15.96
N PRO D 330 35.46 -33.68 16.68
CA PRO D 330 35.99 -34.52 17.74
C PRO D 330 35.02 -34.51 18.90
N TYR D 331 34.94 -35.62 19.64
CA TYR D 331 34.01 -35.71 20.75
C TYR D 331 34.22 -34.53 21.69
N ASN D 332 33.24 -33.64 21.75
CA ASN D 332 33.35 -32.40 22.50
C ASN D 332 32.55 -32.51 23.80
N ASP D 333 32.54 -31.41 24.56
CA ASP D 333 31.78 -31.35 25.80
C ASP D 333 30.29 -31.46 25.54
N TYR D 334 29.81 -30.91 24.42
CA TYR D 334 28.40 -30.87 24.09
C TYR D 334 28.08 -31.70 22.85
N PHE D 335 28.82 -32.80 22.65
CA PHE D 335 28.62 -33.63 21.46
C PHE D 335 27.20 -34.16 21.40
N GLU D 336 26.57 -34.41 22.56
CA GLU D 336 25.19 -34.89 22.57
C GLU D 336 24.27 -33.95 21.82
N TYR D 337 24.50 -32.64 21.93
CA TYR D 337 23.72 -31.68 21.15
C TYR D 337 24.00 -31.82 19.67
N PHE D 338 25.26 -32.04 19.29
CA PHE D 338 25.61 -32.16 17.88
C PHE D 338 24.96 -33.37 17.21
N GLY D 339 24.57 -34.36 18.00
CA GLY D 339 23.75 -35.45 17.50
C GLY D 339 24.54 -36.51 16.75
N PRO D 340 23.81 -37.39 16.04
CA PRO D 340 24.47 -38.51 15.36
C PRO D 340 25.38 -38.10 14.22
N ASP D 341 25.14 -36.94 13.60
CA ASP D 341 25.90 -36.57 12.41
C ASP D 341 27.39 -36.45 12.70
N PHE D 342 27.76 -35.80 13.80
CA PHE D 342 29.13 -35.54 14.22
C PHE D 342 29.87 -34.60 13.28
N LYS D 343 29.20 -34.06 12.26
CA LYS D 343 29.85 -33.25 11.24
C LYS D 343 29.98 -31.79 11.68
N LEU D 344 31.09 -31.16 11.28
CA LEU D 344 31.31 -29.75 11.57
C LEU D 344 30.52 -28.86 10.62
N HIS D 345 30.07 -29.40 9.50
CA HIS D 345 29.30 -28.65 8.52
C HIS D 345 27.84 -29.08 8.59
N ILE D 346 26.95 -28.19 8.17
CA ILE D 346 25.52 -28.44 8.18
C ILE D 346 25.01 -28.44 6.75
N SER D 347 24.24 -29.46 6.40
CA SER D 347 23.68 -29.55 5.07
C SER D 347 22.55 -28.53 4.92
N PRO D 348 22.50 -27.77 3.83
CA PRO D 348 21.45 -26.76 3.69
C PRO D 348 20.06 -27.40 3.60
N SER D 349 19.06 -26.66 4.08
CA SER D 349 17.69 -27.15 4.04
C SER D 349 17.16 -27.09 2.61
N ASN D 350 15.93 -27.58 2.43
CA ASN D 350 15.30 -27.66 1.13
C ASN D 350 14.31 -26.52 0.89
N MET D 351 14.56 -25.36 1.47
CA MET D 351 13.67 -24.22 1.30
C MET D 351 13.98 -23.46 0.01
N THR D 352 12.94 -22.84 -0.54
CA THR D 352 13.07 -22.12 -1.80
C THR D 352 13.72 -20.76 -1.60
N ASN D 353 14.56 -20.36 -2.54
CA ASN D 353 15.16 -19.04 -2.56
C ASN D 353 14.25 -18.08 -3.32
N GLN D 354 13.70 -17.11 -2.61
CA GLN D 354 12.77 -16.16 -3.22
C GLN D 354 13.47 -15.03 -3.95
N ASN D 355 14.81 -14.96 -3.88
CA ASN D 355 15.57 -13.89 -4.51
C ASN D 355 15.95 -14.34 -5.91
N THR D 356 15.11 -14.00 -6.88
CA THR D 356 15.39 -14.34 -8.27
C THR D 356 16.57 -13.51 -8.79
N PRO D 357 17.30 -14.03 -9.78
CA PRO D 357 18.44 -13.26 -10.32
C PRO D 357 18.05 -11.91 -10.88
N GLU D 358 16.86 -11.75 -11.47
CA GLU D 358 16.46 -10.44 -11.96
C GLU D 358 16.31 -9.43 -10.82
N TYR D 359 15.69 -9.85 -9.72
CA TYR D 359 15.53 -8.99 -8.55
C TYR D 359 16.88 -8.58 -7.98
N MET D 360 17.77 -9.56 -7.81
CA MET D 360 19.10 -9.32 -7.29
C MET D 360 19.90 -8.39 -8.20
N GLU D 361 19.79 -8.62 -9.51
CA GLU D 361 20.52 -7.84 -10.49
C GLU D 361 20.02 -6.39 -10.50
N LYS D 362 18.70 -6.21 -10.43
CA LYS D 362 18.11 -4.87 -10.40
C LYS D 362 18.52 -4.10 -9.15
N ILE D 363 18.49 -4.76 -7.99
CA ILE D 363 18.91 -4.07 -6.76
C ILE D 363 20.39 -3.73 -6.84
N LYS D 364 21.20 -4.60 -7.43
CA LYS D 364 22.61 -4.32 -7.56
C LYS D 364 22.84 -3.11 -8.47
N GLN D 365 22.07 -3.01 -9.55
CA GLN D 365 22.17 -1.83 -10.42
C GLN D 365 21.74 -0.56 -9.71
N ARG D 366 20.68 -0.62 -8.91
CA ARG D 366 20.28 0.55 -8.14
C ARG D 366 21.37 0.97 -7.17
N LEU D 367 21.99 0.00 -6.49
CA LEU D 367 23.07 0.33 -5.55
C LEU D 367 24.27 0.91 -6.27
N PHE D 368 24.63 0.37 -7.45
CA PHE D 368 25.71 0.96 -8.21
C PHE D 368 25.39 2.38 -8.63
N GLU D 369 24.15 2.62 -9.08
CA GLU D 369 23.74 3.97 -9.45
C GLU D 369 23.89 4.92 -8.27
N ASN D 370 23.41 4.50 -7.09
CA ASN D 370 23.52 5.37 -5.92
C ASN D 370 24.97 5.59 -5.52
N LEU D 371 25.84 4.62 -5.78
CA LEU D 371 27.25 4.77 -5.46
C LEU D 371 27.95 5.72 -6.43
N ARG D 372 27.43 5.84 -7.66
CA ARG D 372 28.05 6.77 -8.60
C ARG D 372 27.96 8.24 -8.17
N MET D 373 27.10 8.60 -7.23
CA MET D 373 27.03 9.98 -6.73
C MET D 373 27.99 10.23 -5.58
N LEU D 374 28.97 9.36 -5.36
CA LEU D 374 29.90 9.51 -4.26
C LEU D 374 30.96 10.55 -4.62
N PRO D 375 31.08 11.65 -3.88
CA PRO D 375 32.12 12.67 -4.13
C PRO D 375 33.53 12.12 -3.91
ZN ZN E . 2.50 26.63 2.88
ZN ZN F . 20.56 -10.87 13.60
#